data_1QTO
# 
_entry.id   1QTO 
# 
_audit_conform.dict_name       mmcif_pdbx.dic 
_audit_conform.dict_version    5.386 
_audit_conform.dict_location   http://mmcif.pdb.org/dictionaries/ascii/mmcif_pdbx.dic 
# 
loop_
_database_2.database_id 
_database_2.database_code 
_database_2.pdbx_database_accession 
_database_2.pdbx_DOI 
PDB   1QTO         pdb_00001qto 10.2210/pdb1qto/pdb 
RCSB  RCSB009254   ?            ?                   
WWPDB D_1000009254 ?            ?                   
# 
loop_
_pdbx_audit_revision_history.ordinal 
_pdbx_audit_revision_history.data_content_type 
_pdbx_audit_revision_history.major_revision 
_pdbx_audit_revision_history.minor_revision 
_pdbx_audit_revision_history.revision_date 
1 'Structure model' 1 0 2000-06-28 
2 'Structure model' 1 1 2008-04-27 
3 'Structure model' 1 2 2011-07-13 
4 'Structure model' 1 3 2011-11-16 
5 'Structure model' 1 4 2017-10-04 
6 'Structure model' 1 5 2024-02-14 
# 
_pdbx_audit_revision_details.ordinal             1 
_pdbx_audit_revision_details.revision_ordinal    1 
_pdbx_audit_revision_details.data_content_type   'Structure model' 
_pdbx_audit_revision_details.provider            repository 
_pdbx_audit_revision_details.type                'Initial release' 
_pdbx_audit_revision_details.description         ? 
_pdbx_audit_revision_details.details             ? 
# 
loop_
_pdbx_audit_revision_group.ordinal 
_pdbx_audit_revision_group.revision_ordinal 
_pdbx_audit_revision_group.data_content_type 
_pdbx_audit_revision_group.group 
1 2 'Structure model' 'Version format compliance' 
2 3 'Structure model' 'Derived calculations'      
3 3 'Structure model' 'Version format compliance' 
4 4 'Structure model' 'Atomic model'              
5 5 'Structure model' 'Refinement description'    
6 6 'Structure model' 'Data collection'           
7 6 'Structure model' 'Database references'       
# 
loop_
_pdbx_audit_revision_category.ordinal 
_pdbx_audit_revision_category.revision_ordinal 
_pdbx_audit_revision_category.data_content_type 
_pdbx_audit_revision_category.category 
1 5 'Structure model' software       
2 6 'Structure model' chem_comp_atom 
3 6 'Structure model' chem_comp_bond 
4 6 'Structure model' database_2     
# 
loop_
_pdbx_audit_revision_item.ordinal 
_pdbx_audit_revision_item.revision_ordinal 
_pdbx_audit_revision_item.data_content_type 
_pdbx_audit_revision_item.item 
1 5 'Structure model' '_software.name'                      
2 6 'Structure model' '_database_2.pdbx_DOI'                
3 6 'Structure model' '_database_2.pdbx_database_accession' 
# 
_pdbx_database_status.status_code                     REL 
_pdbx_database_status.entry_id                        1QTO 
_pdbx_database_status.recvd_initial_deposition_date   1999-06-28 
_pdbx_database_status.deposit_site                    RCSB 
_pdbx_database_status.process_site                    RCSB 
_pdbx_database_status.SG_entry                        . 
_pdbx_database_status.pdb_format_compatible           Y 
_pdbx_database_status.status_code_mr                  ? 
_pdbx_database_status.status_code_sf                  ? 
_pdbx_database_status.status_code_cs                  ? 
_pdbx_database_status.methods_development_category    ? 
_pdbx_database_status.status_code_nmr_data            ? 
# 
loop_
_audit_author.name 
_audit_author.pdbx_ordinal 
'Kawano, Y.'   1 
'Kumagai, T.'  2 
'Muta, K.'     3 
'Matoba, Y.'   4 
'Davies, J.'   5 
'Sugiyama, M.' 6 
# 
loop_
_citation.id 
_citation.title 
_citation.journal_abbrev 
_citation.journal_volume 
_citation.page_first 
_citation.page_last 
_citation.year 
_citation.journal_id_ASTM 
_citation.country 
_citation.journal_id_ISSN 
_citation.journal_id_CSD 
_citation.book_publisher 
_citation.pdbx_database_id_PubMed 
_citation.pdbx_database_id_DOI 
primary 'The 1.5 A crystal structure of a bleomycin resistance determinant from bleomycin-producing Streptomyces verticillus.' 
J.Mol.Biol.                295 915 925 2000 JMOBAK UK 0022-2836 0070 ? 10656800 10.1006/jmbi.1999.3404          
1       'Characterisation by molecular cloning of two genes from Streptomyces verticillus encoding resistance to bleomycin' Gene 
151 11  16  1994 GENED6 NE 0378-1119 0861 ? ?        '10.1016/0378-1119(94)90626-2'  
2       
;Overproduction of the bleomycin-binding proteins from bleomycin-producing Streptomyces verticillus and a methicillin-resistant Staphylococcus aureus in Escherichia coli and their immunological characterisation
;
'FEBS Lett.'               362 80  84  1995 FEBLAL NE 0014-5793 0165 ? ?        '10.1016/0014-5793(95)00218-X'  
3       
;Crystallization and preliminary X-ray diffraction studies of bleomycin-binding protein from bleomycin-producing Streptomyces verticillus
;
'Acta Crystallogr.,Sect.D' 54  127 128 1998 ABCRE6 DK 0907-4449 0766 ? ?        10.1107/S0907444997008871       
4       'Characterization of the bleomycin resistance determinant encoded on the transposon Tn5' 'FEBS Lett.'               442 34 
38  1999 FEBLAL NE 0014-5793 0165 ? ?        '10.1016/S0014-5793(98)01613-5' 
5       'Mutation of the N-terminal proline 9 of BLMA from Streptomyces verticillus abolishes the binding affinity for bleomycin' 
'FEBS Lett.'               450 227 230 1999 FEBLAL NE 0014-5793 0165 ? ?        '10.1016/S0014-5793(99)00478-0' 
# 
loop_
_citation_author.citation_id 
_citation_author.name 
_citation_author.ordinal 
_citation_author.identifier_ORCID 
primary 'Kawano, Y.'      1  ? 
primary 'Kumagai, T.'     2  ? 
primary 'Muta, K.'        3  ? 
primary 'Matoba, Y.'      4  ? 
primary 'Davies, J.'      5  ? 
primary 'Sugiyama, M.'    6  ? 
1       'Sugiyama, M.'    7  ? 
1       'Thompson, C.J.'  8  ? 
1       'Kumagai, T.'     9  ? 
1       'Suzuki, K.'      10 ? 
1       'Deblaere, R.'    11 ? 
1       'Villarroel, R.'  12 ? 
1       'Davies, J.'      13 ? 
2       'Sugiyama, M.'    14 ? 
2       'Kumagai, T.'     15 ? 
2       'Matsuo, H.'      16 ? 
2       'Bhuiyan, M.Z.A.' 17 ? 
2       'Ueda, K.'        18 ? 
2       'Mochizuki, H.'   19 ? 
2       'Nakamura, N.'    20 ? 
2       'Davies, J.'      21 ? 
3       'Kumagai, T.'     22 ? 
3       'Muta, K.'        23 ? 
3       'Matoba, Y.'      24 ? 
3       'Kawano, Y.'      25 ? 
3       'Kamiya, N.'      26 ? 
3       'Davies, J.'      27 ? 
3       'Sugiyama, M.'    28 ? 
4       'Kumagai, T.'     29 ? 
4       'Nakano, T.'      30 ? 
4       'Maruyama, M.'    31 ? 
4       'Mochizuki, H.'   32 ? 
4       'Sugiyama, M.'    33 ? 
5       'Kumagai, T.'     34 ? 
5       'Hibino, R.'      35 ? 
5       'Kawano, Y.'      36 ? 
5       'Sugiyama, M.'    37 ? 
# 
loop_
_entity.id 
_entity.type 
_entity.src_method 
_entity.pdbx_description 
_entity.formula_weight 
_entity.pdbx_number_of_molecules 
_entity.pdbx_ec 
_entity.pdbx_mutation 
_entity.pdbx_fragment 
_entity.details 
1 polymer man 'BLEOMYCIN-BINDING PROTEIN' 13243.607 1  ? ? ? ? 
2 water   nat water                       18.015    91 ? ? ? ? 
# 
_entity_poly.entity_id                      1 
_entity_poly.type                           'polypeptide(L)' 
_entity_poly.nstd_linkage                   no 
_entity_poly.nstd_monomer                   no 
_entity_poly.pdbx_seq_one_letter_code       
;MVKFLGAVPVLTAVDVPANVSFWVDTLGFEKDFGDRDFAGVRRGDIRLHISRTEHQIVADNTSAWIEVTDPDALHEEWAR
AVSTDYADTSGPAMTPVGESPAGREFAVRDPAGNCVHFTAGE
;
_entity_poly.pdbx_seq_one_letter_code_can   
;MVKFLGAVPVLTAVDVPANVSFWVDTLGFEKDFGDRDFAGVRRGDIRLHISRTEHQIVADNTSAWIEVTDPDALHEEWAR
AVSTDYADTSGPAMTPVGESPAGREFAVRDPAGNCVHFTAGE
;
_entity_poly.pdbx_strand_id                 A 
_entity_poly.pdbx_target_identifier         ? 
# 
_pdbx_entity_nonpoly.entity_id   2 
_pdbx_entity_nonpoly.name        water 
_pdbx_entity_nonpoly.comp_id     HOH 
# 
loop_
_entity_poly_seq.entity_id 
_entity_poly_seq.num 
_entity_poly_seq.mon_id 
_entity_poly_seq.hetero 
1 1   MET n 
1 2   VAL n 
1 3   LYS n 
1 4   PHE n 
1 5   LEU n 
1 6   GLY n 
1 7   ALA n 
1 8   VAL n 
1 9   PRO n 
1 10  VAL n 
1 11  LEU n 
1 12  THR n 
1 13  ALA n 
1 14  VAL n 
1 15  ASP n 
1 16  VAL n 
1 17  PRO n 
1 18  ALA n 
1 19  ASN n 
1 20  VAL n 
1 21  SER n 
1 22  PHE n 
1 23  TRP n 
1 24  VAL n 
1 25  ASP n 
1 26  THR n 
1 27  LEU n 
1 28  GLY n 
1 29  PHE n 
1 30  GLU n 
1 31  LYS n 
1 32  ASP n 
1 33  PHE n 
1 34  GLY n 
1 35  ASP n 
1 36  ARG n 
1 37  ASP n 
1 38  PHE n 
1 39  ALA n 
1 40  GLY n 
1 41  VAL n 
1 42  ARG n 
1 43  ARG n 
1 44  GLY n 
1 45  ASP n 
1 46  ILE n 
1 47  ARG n 
1 48  LEU n 
1 49  HIS n 
1 50  ILE n 
1 51  SER n 
1 52  ARG n 
1 53  THR n 
1 54  GLU n 
1 55  HIS n 
1 56  GLN n 
1 57  ILE n 
1 58  VAL n 
1 59  ALA n 
1 60  ASP n 
1 61  ASN n 
1 62  THR n 
1 63  SER n 
1 64  ALA n 
1 65  TRP n 
1 66  ILE n 
1 67  GLU n 
1 68  VAL n 
1 69  THR n 
1 70  ASP n 
1 71  PRO n 
1 72  ASP n 
1 73  ALA n 
1 74  LEU n 
1 75  HIS n 
1 76  GLU n 
1 77  GLU n 
1 78  TRP n 
1 79  ALA n 
1 80  ARG n 
1 81  ALA n 
1 82  VAL n 
1 83  SER n 
1 84  THR n 
1 85  ASP n 
1 86  TYR n 
1 87  ALA n 
1 88  ASP n 
1 89  THR n 
1 90  SER n 
1 91  GLY n 
1 92  PRO n 
1 93  ALA n 
1 94  MET n 
1 95  THR n 
1 96  PRO n 
1 97  VAL n 
1 98  GLY n 
1 99  GLU n 
1 100 SER n 
1 101 PRO n 
1 102 ALA n 
1 103 GLY n 
1 104 ARG n 
1 105 GLU n 
1 106 PHE n 
1 107 ALA n 
1 108 VAL n 
1 109 ARG n 
1 110 ASP n 
1 111 PRO n 
1 112 ALA n 
1 113 GLY n 
1 114 ASN n 
1 115 CYS n 
1 116 VAL n 
1 117 HIS n 
1 118 PHE n 
1 119 THR n 
1 120 ALA n 
1 121 GLY n 
1 122 GLU n 
# 
_entity_src_gen.entity_id                          1 
_entity_src_gen.pdbx_src_id                        1 
_entity_src_gen.pdbx_alt_source_flag               sample 
_entity_src_gen.pdbx_seq_type                      ? 
_entity_src_gen.pdbx_beg_seq_num                   ? 
_entity_src_gen.pdbx_end_seq_num                   ? 
_entity_src_gen.gene_src_common_name               ? 
_entity_src_gen.gene_src_genus                     Streptomyces 
_entity_src_gen.pdbx_gene_src_gene                 ? 
_entity_src_gen.gene_src_species                   ? 
_entity_src_gen.gene_src_strain                    ? 
_entity_src_gen.gene_src_tissue                    ? 
_entity_src_gen.gene_src_tissue_fraction           ? 
_entity_src_gen.gene_src_details                   ? 
_entity_src_gen.pdbx_gene_src_fragment             ? 
_entity_src_gen.pdbx_gene_src_scientific_name      'Streptomyces verticillus' 
_entity_src_gen.pdbx_gene_src_ncbi_taxonomy_id     29309 
_entity_src_gen.pdbx_gene_src_variant              ? 
_entity_src_gen.pdbx_gene_src_cell_line            ? 
_entity_src_gen.pdbx_gene_src_atcc                 ? 
_entity_src_gen.pdbx_gene_src_organ                ? 
_entity_src_gen.pdbx_gene_src_organelle            ? 
_entity_src_gen.pdbx_gene_src_cell                 ? 
_entity_src_gen.pdbx_gene_src_cellular_location    ? 
_entity_src_gen.host_org_common_name               ? 
_entity_src_gen.pdbx_host_org_scientific_name      'Escherichia coli' 
_entity_src_gen.pdbx_host_org_ncbi_taxonomy_id     562 
_entity_src_gen.host_org_genus                     Escherichia 
_entity_src_gen.pdbx_host_org_gene                 ? 
_entity_src_gen.pdbx_host_org_organ                ? 
_entity_src_gen.host_org_species                   ? 
_entity_src_gen.pdbx_host_org_tissue               ? 
_entity_src_gen.pdbx_host_org_tissue_fraction      ? 
_entity_src_gen.pdbx_host_org_strain               ? 
_entity_src_gen.pdbx_host_org_variant              ? 
_entity_src_gen.pdbx_host_org_cell_line            ? 
_entity_src_gen.pdbx_host_org_atcc                 ? 
_entity_src_gen.pdbx_host_org_culture_collection   ? 
_entity_src_gen.pdbx_host_org_cell                 ? 
_entity_src_gen.pdbx_host_org_organelle            ? 
_entity_src_gen.pdbx_host_org_cellular_location    ? 
_entity_src_gen.pdbx_host_org_vector_type          PLASMID 
_entity_src_gen.pdbx_host_org_vector               PKKTRP 
_entity_src_gen.host_org_details                   ? 
_entity_src_gen.expression_system_id               ? 
_entity_src_gen.plasmid_name                       ? 
_entity_src_gen.plasmid_details                    ? 
_entity_src_gen.pdbx_description                   ? 
# 
loop_
_chem_comp.id 
_chem_comp.type 
_chem_comp.mon_nstd_flag 
_chem_comp.name 
_chem_comp.pdbx_synonyms 
_chem_comp.formula 
_chem_comp.formula_weight 
ALA 'L-peptide linking' y ALANINE         ? 'C3 H7 N O2'     89.093  
ARG 'L-peptide linking' y ARGININE        ? 'C6 H15 N4 O2 1' 175.209 
ASN 'L-peptide linking' y ASPARAGINE      ? 'C4 H8 N2 O3'    132.118 
ASP 'L-peptide linking' y 'ASPARTIC ACID' ? 'C4 H7 N O4'     133.103 
CYS 'L-peptide linking' y CYSTEINE        ? 'C3 H7 N O2 S'   121.158 
GLN 'L-peptide linking' y GLUTAMINE       ? 'C5 H10 N2 O3'   146.144 
GLU 'L-peptide linking' y 'GLUTAMIC ACID' ? 'C5 H9 N O4'     147.129 
GLY 'peptide linking'   y GLYCINE         ? 'C2 H5 N O2'     75.067  
HIS 'L-peptide linking' y HISTIDINE       ? 'C6 H10 N3 O2 1' 156.162 
HOH non-polymer         . WATER           ? 'H2 O'           18.015  
ILE 'L-peptide linking' y ISOLEUCINE      ? 'C6 H13 N O2'    131.173 
LEU 'L-peptide linking' y LEUCINE         ? 'C6 H13 N O2'    131.173 
LYS 'L-peptide linking' y LYSINE          ? 'C6 H15 N2 O2 1' 147.195 
MET 'L-peptide linking' y METHIONINE      ? 'C5 H11 N O2 S'  149.211 
PHE 'L-peptide linking' y PHENYLALANINE   ? 'C9 H11 N O2'    165.189 
PRO 'L-peptide linking' y PROLINE         ? 'C5 H9 N O2'     115.130 
SER 'L-peptide linking' y SERINE          ? 'C3 H7 N O3'     105.093 
THR 'L-peptide linking' y THREONINE       ? 'C4 H9 N O3'     119.119 
TRP 'L-peptide linking' y TRYPTOPHAN      ? 'C11 H12 N2 O2'  204.225 
TYR 'L-peptide linking' y TYROSINE        ? 'C9 H11 N O3'    181.189 
VAL 'L-peptide linking' y VALINE          ? 'C5 H11 N O2'    117.146 
# 
loop_
_pdbx_poly_seq_scheme.asym_id 
_pdbx_poly_seq_scheme.entity_id 
_pdbx_poly_seq_scheme.seq_id 
_pdbx_poly_seq_scheme.mon_id 
_pdbx_poly_seq_scheme.ndb_seq_num 
_pdbx_poly_seq_scheme.pdb_seq_num 
_pdbx_poly_seq_scheme.auth_seq_num 
_pdbx_poly_seq_scheme.pdb_mon_id 
_pdbx_poly_seq_scheme.auth_mon_id 
_pdbx_poly_seq_scheme.pdb_strand_id 
_pdbx_poly_seq_scheme.pdb_ins_code 
_pdbx_poly_seq_scheme.hetero 
A 1 1   MET 1   1   1   MET MET A . n 
A 1 2   VAL 2   2   2   VAL VAL A . n 
A 1 3   LYS 3   3   3   LYS LYS A . n 
A 1 4   PHE 4   4   4   PHE PHE A . n 
A 1 5   LEU 5   5   5   LEU LEU A . n 
A 1 6   GLY 6   6   6   GLY GLY A . n 
A 1 7   ALA 7   7   7   ALA ALA A . n 
A 1 8   VAL 8   8   8   VAL VAL A . n 
A 1 9   PRO 9   9   9   PRO PRO A . n 
A 1 10  VAL 10  10  10  VAL VAL A . n 
A 1 11  LEU 11  11  11  LEU LEU A . n 
A 1 12  THR 12  12  12  THR THR A . n 
A 1 13  ALA 13  13  13  ALA ALA A . n 
A 1 14  VAL 14  14  14  VAL VAL A . n 
A 1 15  ASP 15  15  15  ASP ASP A . n 
A 1 16  VAL 16  16  16  VAL VAL A . n 
A 1 17  PRO 17  17  17  PRO PRO A . n 
A 1 18  ALA 18  18  18  ALA ALA A . n 
A 1 19  ASN 19  19  19  ASN ASN A . n 
A 1 20  VAL 20  20  20  VAL VAL A . n 
A 1 21  SER 21  21  21  SER SER A . n 
A 1 22  PHE 22  22  22  PHE PHE A . n 
A 1 23  TRP 23  23  23  TRP TRP A . n 
A 1 24  VAL 24  24  24  VAL VAL A . n 
A 1 25  ASP 25  25  25  ASP ASP A . n 
A 1 26  THR 26  26  26  THR THR A . n 
A 1 27  LEU 27  27  27  LEU LEU A . n 
A 1 28  GLY 28  28  28  GLY GLY A . n 
A 1 29  PHE 29  29  29  PHE PHE A . n 
A 1 30  GLU 30  30  30  GLU GLU A . n 
A 1 31  LYS 31  31  31  LYS LYS A . n 
A 1 32  ASP 32  32  32  ASP ASP A . n 
A 1 33  PHE 33  33  33  PHE PHE A . n 
A 1 34  GLY 34  34  34  GLY GLY A . n 
A 1 35  ASP 35  35  35  ASP ASP A . n 
A 1 36  ARG 36  36  36  ARG ARG A . n 
A 1 37  ASP 37  37  37  ASP ASP A . n 
A 1 38  PHE 38  38  38  PHE PHE A . n 
A 1 39  ALA 39  39  39  ALA ALA A . n 
A 1 40  GLY 40  40  40  GLY GLY A . n 
A 1 41  VAL 41  41  41  VAL VAL A . n 
A 1 42  ARG 42  42  42  ARG ARG A . n 
A 1 43  ARG 43  43  43  ARG ARG A . n 
A 1 44  GLY 44  44  44  GLY GLY A . n 
A 1 45  ASP 45  45  45  ASP ASP A . n 
A 1 46  ILE 46  46  46  ILE ILE A . n 
A 1 47  ARG 47  47  47  ARG ARG A . n 
A 1 48  LEU 48  48  48  LEU LEU A . n 
A 1 49  HIS 49  49  49  HIS HIS A . n 
A 1 50  ILE 50  50  50  ILE ILE A . n 
A 1 51  SER 51  51  51  SER SER A . n 
A 1 52  ARG 52  52  52  ARG ARG A . n 
A 1 53  THR 53  53  53  THR THR A . n 
A 1 54  GLU 54  54  54  GLU GLU A . n 
A 1 55  HIS 55  55  55  HIS HIS A . n 
A 1 56  GLN 56  56  56  GLN GLN A . n 
A 1 57  ILE 57  57  57  ILE ILE A . n 
A 1 58  VAL 58  58  58  VAL VAL A . n 
A 1 59  ALA 59  59  59  ALA ALA A . n 
A 1 60  ASP 60  60  60  ASP ASP A . n 
A 1 61  ASN 61  61  61  ASN ASN A . n 
A 1 62  THR 62  62  62  THR THR A . n 
A 1 63  SER 63  63  63  SER SER A . n 
A 1 64  ALA 64  64  64  ALA ALA A . n 
A 1 65  TRP 65  65  65  TRP TRP A . n 
A 1 66  ILE 66  66  66  ILE ILE A . n 
A 1 67  GLU 67  67  67  GLU GLU A . n 
A 1 68  VAL 68  68  68  VAL VAL A . n 
A 1 69  THR 69  69  69  THR THR A . n 
A 1 70  ASP 70  70  70  ASP ASP A . n 
A 1 71  PRO 71  71  71  PRO PRO A . n 
A 1 72  ASP 72  72  72  ASP ASP A . n 
A 1 73  ALA 73  73  73  ALA ALA A . n 
A 1 74  LEU 74  74  74  LEU LEU A . n 
A 1 75  HIS 75  75  75  HIS HIS A . n 
A 1 76  GLU 76  76  76  GLU GLU A . n 
A 1 77  GLU 77  77  77  GLU GLU A . n 
A 1 78  TRP 78  78  78  TRP TRP A . n 
A 1 79  ALA 79  79  79  ALA ALA A . n 
A 1 80  ARG 80  80  80  ARG ARG A . n 
A 1 81  ALA 81  81  81  ALA ALA A . n 
A 1 82  VAL 82  82  82  VAL VAL A . n 
A 1 83  SER 83  83  83  SER SER A . n 
A 1 84  THR 84  84  84  THR THR A . n 
A 1 85  ASP 85  85  85  ASP ASP A . n 
A 1 86  TYR 86  86  86  TYR TYR A . n 
A 1 87  ALA 87  87  87  ALA ALA A . n 
A 1 88  ASP 88  88  88  ASP ASP A . n 
A 1 89  THR 89  89  89  THR THR A . n 
A 1 90  SER 90  90  90  SER SER A . n 
A 1 91  GLY 91  91  91  GLY GLY A . n 
A 1 92  PRO 92  92  92  PRO PRO A . n 
A 1 93  ALA 93  93  93  ALA ALA A . n 
A 1 94  MET 94  94  94  MET MET A . n 
A 1 95  THR 95  95  95  THR THR A . n 
A 1 96  PRO 96  96  96  PRO PRO A . n 
A 1 97  VAL 97  97  97  VAL VAL A . n 
A 1 98  GLY 98  98  98  GLY GLY A . n 
A 1 99  GLU 99  99  99  GLU GLU A . n 
A 1 100 SER 100 100 100 SER SER A . n 
A 1 101 PRO 101 101 101 PRO PRO A . n 
A 1 102 ALA 102 102 102 ALA ALA A . n 
A 1 103 GLY 103 103 103 GLY GLY A . n 
A 1 104 ARG 104 104 104 ARG ARG A . n 
A 1 105 GLU 105 105 105 GLU GLU A . n 
A 1 106 PHE 106 106 106 PHE PHE A . n 
A 1 107 ALA 107 107 107 ALA ALA A . n 
A 1 108 VAL 108 108 108 VAL VAL A . n 
A 1 109 ARG 109 109 109 ARG ARG A . n 
A 1 110 ASP 110 110 110 ASP ASP A . n 
A 1 111 PRO 111 111 111 PRO PRO A . n 
A 1 112 ALA 112 112 112 ALA ALA A . n 
A 1 113 GLY 113 113 113 GLY GLY A . n 
A 1 114 ASN 114 114 114 ASN ASN A . n 
A 1 115 CYS 115 115 115 CYS CYS A . n 
A 1 116 VAL 116 116 116 VAL VAL A . n 
A 1 117 HIS 117 117 117 HIS HIS A . n 
A 1 118 PHE 118 118 118 PHE PHE A . n 
A 1 119 THR 119 119 119 THR THR A . n 
A 1 120 ALA 120 120 120 ALA ALA A . n 
A 1 121 GLY 121 121 121 GLY GLY A . n 
A 1 122 GLU 122 122 122 GLU GLU A . n 
# 
loop_
_pdbx_nonpoly_scheme.asym_id 
_pdbx_nonpoly_scheme.entity_id 
_pdbx_nonpoly_scheme.mon_id 
_pdbx_nonpoly_scheme.ndb_seq_num 
_pdbx_nonpoly_scheme.pdb_seq_num 
_pdbx_nonpoly_scheme.auth_seq_num 
_pdbx_nonpoly_scheme.pdb_mon_id 
_pdbx_nonpoly_scheme.auth_mon_id 
_pdbx_nonpoly_scheme.pdb_strand_id 
_pdbx_nonpoly_scheme.pdb_ins_code 
B 2 HOH 1  201 201 HOH WAT A . 
B 2 HOH 2  202 202 HOH WAT A . 
B 2 HOH 3  203 203 HOH WAT A . 
B 2 HOH 4  204 204 HOH WAT A . 
B 2 HOH 5  205 205 HOH WAT A . 
B 2 HOH 6  206 206 HOH WAT A . 
B 2 HOH 7  207 207 HOH WAT A . 
B 2 HOH 8  208 208 HOH WAT A . 
B 2 HOH 9  209 209 HOH WAT A . 
B 2 HOH 10 210 210 HOH WAT A . 
B 2 HOH 11 211 211 HOH WAT A . 
B 2 HOH 12 212 212 HOH WAT A . 
B 2 HOH 13 213 213 HOH WAT A . 
B 2 HOH 14 214 214 HOH WAT A . 
B 2 HOH 15 215 215 HOH WAT A . 
B 2 HOH 16 216 216 HOH WAT A . 
B 2 HOH 17 217 217 HOH WAT A . 
B 2 HOH 18 218 218 HOH WAT A . 
B 2 HOH 19 219 219 HOH WAT A . 
B 2 HOH 20 220 220 HOH WAT A . 
B 2 HOH 21 221 221 HOH WAT A . 
B 2 HOH 22 222 222 HOH WAT A . 
B 2 HOH 23 223 223 HOH WAT A . 
B 2 HOH 24 224 224 HOH WAT A . 
B 2 HOH 25 225 225 HOH WAT A . 
B 2 HOH 26 226 226 HOH WAT A . 
B 2 HOH 27 227 227 HOH WAT A . 
B 2 HOH 28 228 228 HOH WAT A . 
B 2 HOH 29 229 229 HOH WAT A . 
B 2 HOH 30 230 230 HOH WAT A . 
B 2 HOH 31 231 231 HOH WAT A . 
B 2 HOH 32 232 232 HOH WAT A . 
B 2 HOH 33 233 233 HOH WAT A . 
B 2 HOH 34 234 234 HOH WAT A . 
B 2 HOH 35 235 235 HOH WAT A . 
B 2 HOH 36 236 236 HOH WAT A . 
B 2 HOH 37 237 237 HOH WAT A . 
B 2 HOH 38 238 238 HOH WAT A . 
B 2 HOH 39 239 239 HOH WAT A . 
B 2 HOH 40 240 240 HOH WAT A . 
B 2 HOH 41 241 241 HOH WAT A . 
B 2 HOH 42 242 242 HOH WAT A . 
B 2 HOH 43 243 243 HOH WAT A . 
B 2 HOH 44 244 244 HOH WAT A . 
B 2 HOH 45 245 245 HOH WAT A . 
B 2 HOH 46 246 246 HOH WAT A . 
B 2 HOH 47 247 247 HOH WAT A . 
B 2 HOH 48 248 248 HOH WAT A . 
B 2 HOH 49 249 249 HOH WAT A . 
B 2 HOH 50 250 250 HOH WAT A . 
B 2 HOH 51 251 251 HOH WAT A . 
B 2 HOH 52 252 252 HOH WAT A . 
B 2 HOH 53 253 253 HOH WAT A . 
B 2 HOH 54 254 254 HOH WAT A . 
B 2 HOH 55 255 255 HOH WAT A . 
B 2 HOH 56 256 256 HOH WAT A . 
B 2 HOH 57 257 257 HOH WAT A . 
B 2 HOH 58 258 258 HOH WAT A . 
B 2 HOH 59 259 259 HOH WAT A . 
B 2 HOH 60 260 260 HOH WAT A . 
B 2 HOH 61 261 261 HOH WAT A . 
B 2 HOH 62 262 262 HOH WAT A . 
B 2 HOH 63 263 263 HOH WAT A . 
B 2 HOH 64 264 264 HOH WAT A . 
B 2 HOH 65 265 265 HOH WAT A . 
B 2 HOH 66 266 266 HOH WAT A . 
B 2 HOH 67 267 267 HOH WAT A . 
B 2 HOH 68 268 268 HOH WAT A . 
B 2 HOH 69 269 269 HOH WAT A . 
B 2 HOH 70 270 270 HOH WAT A . 
B 2 HOH 71 271 271 HOH WAT A . 
B 2 HOH 72 272 272 HOH WAT A . 
B 2 HOH 73 273 273 HOH WAT A . 
B 2 HOH 74 274 274 HOH WAT A . 
B 2 HOH 75 275 275 HOH WAT A . 
B 2 HOH 76 276 276 HOH WAT A . 
B 2 HOH 77 277 277 HOH WAT A . 
B 2 HOH 78 278 278 HOH WAT A . 
B 2 HOH 79 279 279 HOH WAT A . 
B 2 HOH 80 280 280 HOH WAT A . 
B 2 HOH 81 281 281 HOH WAT A . 
B 2 HOH 82 282 282 HOH WAT A . 
B 2 HOH 83 283 283 HOH WAT A . 
B 2 HOH 84 284 284 HOH WAT A . 
B 2 HOH 85 285 285 HOH WAT A . 
B 2 HOH 86 286 286 HOH WAT A . 
B 2 HOH 87 287 287 HOH WAT A . 
B 2 HOH 88 288 288 HOH WAT A . 
B 2 HOH 89 289 289 HOH WAT A . 
B 2 HOH 90 290 290 HOH WAT A . 
B 2 HOH 91 291 291 HOH WAT A . 
# 
loop_
_software.name 
_software.classification 
_software.version 
_software.citation_id 
_software.pdbx_ordinal 
DM       'model building' .           ? 1 
X-PLOR   refinement       3.851       ? 2 
WEIS     'data reduction' .           ? 3 
CCP4     'data scaling'   '(AGROVATA' ? 4 
ROTAVATA 'data scaling'   .           ? 5 
DM       phasing          .           ? 6 
# 
_cell.entry_id           1QTO 
_cell.length_a           54.94 
_cell.length_b           67.88 
_cell.length_c           35.61 
_cell.angle_alpha        90.0 
_cell.angle_beta         90.0 
_cell.angle_gamma        90.0 
_cell.Z_PDB              4 
_cell.pdbx_unique_axis   ? 
# 
_symmetry.entry_id                         1QTO 
_symmetry.space_group_name_H-M             'P 21 21 2' 
_symmetry.pdbx_full_space_group_name_H-M   ? 
_symmetry.cell_setting                     ? 
_symmetry.Int_Tables_number                18 
# 
_exptl.entry_id          1QTO 
_exptl.method            'X-RAY DIFFRACTION' 
_exptl.crystals_number   2 
# 
_exptl_crystal.id                    1 
_exptl_crystal.density_meas          ? 
_exptl_crystal.density_Matthews      2.51 
_exptl_crystal.density_percent_sol   51 
_exptl_crystal.description           ? 
# 
_exptl_crystal_grow.crystal_id      1 
_exptl_crystal_grow.method          'VAPOR DIFFUSION, HANGING DROP' 
_exptl_crystal_grow.temp            298 
_exptl_crystal_grow.temp_details    ? 
_exptl_crystal_grow.pH              5.7 
_exptl_crystal_grow.pdbx_details    'NH4-acetate, Na-acetate, PEG4000, pH 5.7, VAPOR DIFFUSION, HANGING DROP, temperature 298K' 
_exptl_crystal_grow.pdbx_pH_range   . 
# 
loop_
_diffrn.id 
_diffrn.ambient_temp 
_diffrn.ambient_temp_details 
_diffrn.crystal_id 
1 298 ? 1 
2 298 ? 1 
# 
loop_
_diffrn_detector.diffrn_id 
_diffrn_detector.detector 
_diffrn_detector.type 
_diffrn_detector.pdbx_collection_date 
_diffrn_detector.details 
1 DIFFRACTOMETER WEISSENBERG 1996-05-08 ? 
2 DIFFRACTOMETER WEISSENBERG 1996-11-14 ? 
# 
_diffrn_radiation.diffrn_id                        1 
_diffrn_radiation.wavelength_id                    1 
_diffrn_radiation.pdbx_monochromatic_or_laue_m_l   M 
_diffrn_radiation.monochromator                    ? 
_diffrn_radiation.pdbx_diffrn_protocol             'SINGLE WAVELENGTH' 
_diffrn_radiation.pdbx_scattering_type             x-ray 
# 
_diffrn_radiation_wavelength.id           1 
_diffrn_radiation_wavelength.wavelength   1.0 
_diffrn_radiation_wavelength.wt           1.0 
# 
loop_
_diffrn_source.diffrn_id 
_diffrn_source.source 
_diffrn_source.type 
_diffrn_source.pdbx_synchrotron_site 
_diffrn_source.pdbx_synchrotron_beamline 
_diffrn_source.pdbx_wavelength 
_diffrn_source.pdbx_wavelength_list 
1 SYNCHROTRON 'PHOTON FACTORY BEAMLINE BL-6B' 'Photon Factory' BL-6B 1.0 ? 
2 SYNCHROTRON 'PHOTON FACTORY BEAMLINE BL-6A' 'Photon Factory' BL-6A 1.0 ? 
# 
_reflns.entry_id                     1QTO 
_reflns.observed_criterion_sigma_I   263.62 
_reflns.observed_criterion_sigma_F   16.24 
_reflns.d_resolution_low             67.42 
_reflns.d_resolution_high            1.5 
_reflns.number_obs                   74090 
_reflns.number_all                   75281 
_reflns.percent_possible_obs         94.3 
_reflns.pdbx_Rmerge_I_obs            0.0540000 
_reflns.pdbx_Rsym_value              ? 
_reflns.pdbx_netI_over_sigmaI        7.95 
_reflns.B_iso_Wilson_estimate        16.4 
_reflns.pdbx_redundancy              3.6 
_reflns.R_free_details               ? 
_reflns.limit_h_max                  ? 
_reflns.limit_h_min                  ? 
_reflns.limit_k_max                  ? 
_reflns.limit_k_min                  ? 
_reflns.limit_l_max                  ? 
_reflns.limit_l_min                  ? 
_reflns.observed_criterion_F_max     ? 
_reflns.observed_criterion_F_min     ? 
_reflns.pdbx_ordinal                 1 
_reflns.pdbx_diffrn_id               1 
# 
_reflns_shell.d_res_high             1.5 
_reflns_shell.d_res_low              1.58 
_reflns_shell.percent_possible_all   85.7 
_reflns_shell.Rmerge_I_obs           0.1390000 
_reflns_shell.pdbx_Rsym_value        ? 
_reflns_shell.meanI_over_sigI_obs    ? 
_reflns_shell.pdbx_redundancy        2.7 
_reflns_shell.percent_possible_obs   ? 
_reflns_shell.number_unique_all      2671 
_reflns_shell.pdbx_ordinal           1 
_reflns_shell.pdbx_diffrn_id         1 
# 
_refine.entry_id                                 1QTO 
_refine.ls_number_reflns_obs                     20570 
_refine.ls_number_reflns_all                     20570 
_refine.pdbx_ls_sigma_I                          4.0 
_refine.pdbx_ls_sigma_F                          2.0 
_refine.pdbx_data_cutoff_high_absF               1000000.00 
_refine.pdbx_data_cutoff_low_absF                0.001000 
_refine.ls_d_res_low                             10 
_refine.ls_d_res_high                            1.5 
_refine.ls_percent_reflns_obs                    93.9 
_refine.ls_R_factor_obs                          ? 
_refine.ls_R_factor_all                          ? 
_refine.ls_R_factor_R_work                       0.1900000 
_refine.ls_R_factor_R_free                       0.2210000 
_refine.ls_R_factor_R_free_error                 0.005 
_refine.ls_R_factor_R_free_error_details         ? 
_refine.ls_percent_reflns_R_free                 9.8 
_refine.ls_number_reflns_R_free                  2021 
_refine.ls_number_parameters                     ? 
_refine.ls_number_restraints                     ? 
_refine.occupancy_min                            ? 
_refine.occupancy_max                            ? 
_refine.B_iso_mean                               ? 
_refine.aniso_B[1][1]                            ? 
_refine.aniso_B[2][2]                            ? 
_refine.aniso_B[3][3]                            ? 
_refine.aniso_B[1][2]                            ? 
_refine.aniso_B[1][3]                            ? 
_refine.aniso_B[2][3]                            ? 
_refine.solvent_model_details                    ? 
_refine.solvent_model_param_ksol                 ? 
_refine.solvent_model_param_bsol                 ? 
_refine.pdbx_ls_cross_valid_method               THROUGHOUT 
_refine.details                                  ? 
_refine.pdbx_starting_model                      ? 
_refine.pdbx_method_to_determine_struct          SIRAS 
_refine.pdbx_isotropic_thermal_model             RESTRAINED 
_refine.pdbx_stereochemistry_target_values       'X-PLOR 3.851' 
_refine.pdbx_stereochem_target_val_spec_case     ? 
_refine.pdbx_overall_ESU_R                       ? 
_refine.overall_SU_ML                            ? 
_refine.ls_redundancy_reflns_obs                 ? 
_refine.pdbx_R_Free_selection_details            RANDOM 
_refine.overall_SU_B                             18.1 
_refine.pdbx_overall_ESU_R_Free                  ? 
_refine.pdbx_data_cutoff_high_rms_absF           ? 
_refine.B_iso_min                                ? 
_refine.B_iso_max                                ? 
_refine.pdbx_refine_id                           'X-RAY DIFFRACTION' 
_refine.pdbx_diffrn_id                           1 
_refine.pdbx_TLS_residual_ADP_flag               ? 
_refine.correlation_coeff_Fo_to_Fc               ? 
_refine.correlation_coeff_Fo_to_Fc_free          ? 
_refine.pdbx_solvent_vdw_probe_radii             ? 
_refine.pdbx_solvent_ion_probe_radii             ? 
_refine.pdbx_solvent_shrinkage_radii             ? 
_refine.pdbx_overall_phase_error                 ? 
_refine.overall_SU_R_Cruickshank_DPI             ? 
_refine.pdbx_overall_SU_R_free_Cruickshank_DPI   ? 
_refine.pdbx_overall_SU_R_Blow_DPI               ? 
_refine.pdbx_overall_SU_R_free_Blow_DPI          ? 
# 
_refine_analyze.entry_id                        1QTO 
_refine_analyze.Luzzati_coordinate_error_obs    0.17 
_refine_analyze.Luzzati_sigma_a_obs             0.13 
_refine_analyze.Luzzati_d_res_low_obs           5.00 
_refine_analyze.Luzzati_coordinate_error_free   0.18 
_refine_analyze.Luzzati_sigma_a_free            0.10 
_refine_analyze.Luzzati_d_res_low_free          ? 
_refine_analyze.number_disordered_residues      ? 
_refine_analyze.occupancy_sum_hydrogen          ? 
_refine_analyze.occupancy_sum_non_hydrogen      ? 
_refine_analyze.pdbx_Luzzati_d_res_high_obs     ? 
_refine_analyze.pdbx_refine_id                  'X-RAY DIFFRACTION' 
# 
_refine_hist.pdbx_refine_id                   'X-RAY DIFFRACTION' 
_refine_hist.cycle_id                         LAST 
_refine_hist.pdbx_number_atoms_protein        934 
_refine_hist.pdbx_number_atoms_nucleic_acid   0 
_refine_hist.pdbx_number_atoms_ligand         0 
_refine_hist.number_atoms_solvent             91 
_refine_hist.number_atoms_total               1025 
_refine_hist.d_res_high                       1.5 
_refine_hist.d_res_low                        10 
# 
loop_
_refine_ls_restr.type 
_refine_ls_restr.dev_ideal 
_refine_ls_restr.dev_ideal_target 
_refine_ls_restr.weight 
_refine_ls_restr.number 
_refine_ls_restr.pdbx_refine_id 
_refine_ls_restr.pdbx_restraint_function 
x_dihedral_angle_d 26.9  ?   ? ? 'X-RAY DIFFRACTION' ? 
x_angle_deg        1.24  ?   ? ? 'X-RAY DIFFRACTION' ? 
x_bond_d           0.005 ?   ? ? 'X-RAY DIFFRACTION' ? 
x_improper_angle_d 0.65  ?   ? ? 'X-RAY DIFFRACTION' ? 
x_mcbond_it        1.45  1.5 ? ? 'X-RAY DIFFRACTION' ? 
x_mcangle_it       2.50  2.0 ? ? 'X-RAY DIFFRACTION' ? 
x_scbond_it        2.46  2.0 ? ? 'X-RAY DIFFRACTION' ? 
x_scangle_it       4.05  2.5 ? ? 'X-RAY DIFFRACTION' ? 
# 
_refine_ls_shell.pdbx_total_number_of_bins_used   10 
_refine_ls_shell.d_res_high                       1.50 
_refine_ls_shell.d_res_low                        1.55 
_refine_ls_shell.number_reflns_R_work             1651 
_refine_ls_shell.R_factor_R_work                  0.2830000 
_refine_ls_shell.percent_reflns_obs               84.9 
_refine_ls_shell.R_factor_R_free                  0.2630000 
_refine_ls_shell.R_factor_R_free_error            0.020 
_refine_ls_shell.percent_reflns_R_free            9.7 
_refine_ls_shell.number_reflns_R_free             178 
_refine_ls_shell.redundancy_reflns_obs            ? 
_refine_ls_shell.number_reflns_all                ? 
_refine_ls_shell.number_reflns_obs                ? 
_refine_ls_shell.pdbx_refine_id                   'X-RAY DIFFRACTION' 
_refine_ls_shell.R_factor_all                     ? 
# 
_pdbx_xplor_file.serial_no        1 
_pdbx_xplor_file.param_file       protein_rep.param 
_pdbx_xplor_file.topol_file       tophcsdx.pro 
_pdbx_xplor_file.pdbx_refine_id   'X-RAY DIFFRACTION' 
# 
_struct.entry_id                  1QTO 
_struct.title                     
'1.5 A CRYSTAL STRUCTURE OF A BLEOMYCIN RESISTANCE DETERMINANT FROM BLEOMYCIN-PRODUCING STREPTOMYCES VERTICILLUS' 
_struct.pdbx_model_details        ? 
_struct.pdbx_CASP_flag            ? 
_struct.pdbx_model_type_details   ? 
# 
_struct_keywords.entry_id        1QTO 
_struct_keywords.pdbx_keywords   'ANTIBIOTIC INHIBITOR' 
_struct_keywords.text            'ARM-EXCHANGE, ANTIBIOTIC INHIBITOR' 
# 
loop_
_struct_asym.id 
_struct_asym.pdbx_blank_PDB_chainid_flag 
_struct_asym.pdbx_modified 
_struct_asym.entity_id 
_struct_asym.details 
A N N 1 ? 
B N N 2 ? 
# 
_struct_ref.id                         1 
_struct_ref.db_name                    UNP 
_struct_ref.db_code                    Q53793_9ACTO 
_struct_ref.entity_id                  1 
_struct_ref.pdbx_db_accession          Q53793 
_struct_ref.pdbx_align_begin           ? 
_struct_ref.pdbx_seq_one_letter_code   ? 
_struct_ref.pdbx_db_isoform            ? 
# 
_struct_ref_seq.align_id                      1 
_struct_ref_seq.ref_id                        1 
_struct_ref_seq.pdbx_PDB_id_code              1QTO 
_struct_ref_seq.pdbx_strand_id                A 
_struct_ref_seq.seq_align_beg                 1 
_struct_ref_seq.pdbx_seq_align_beg_ins_code   ? 
_struct_ref_seq.seq_align_end                 122 
_struct_ref_seq.pdbx_seq_align_end_ins_code   ? 
_struct_ref_seq.pdbx_db_accession             Q53793 
_struct_ref_seq.db_align_beg                  1 
_struct_ref_seq.pdbx_db_align_beg_ins_code    ? 
_struct_ref_seq.db_align_end                  122 
_struct_ref_seq.pdbx_db_align_end_ins_code    ? 
_struct_ref_seq.pdbx_auth_seq_align_beg       1 
_struct_ref_seq.pdbx_auth_seq_align_end       122 
# 
_pdbx_struct_assembly.id                   1 
_pdbx_struct_assembly.details              author_and_software_defined_assembly 
_pdbx_struct_assembly.method_details       PISA,PQS 
_pdbx_struct_assembly.oligomeric_details   dimeric 
_pdbx_struct_assembly.oligomeric_count     2 
# 
loop_
_pdbx_struct_assembly_prop.biol_id 
_pdbx_struct_assembly_prop.type 
_pdbx_struct_assembly_prop.value 
_pdbx_struct_assembly_prop.details 
1 'ABSA (A^2)' 3120  ? 
1 MORE         -25   ? 
1 'SSA (A^2)'  11450 ? 
# 
_pdbx_struct_assembly_gen.assembly_id       1 
_pdbx_struct_assembly_gen.oper_expression   1,2 
_pdbx_struct_assembly_gen.asym_id_list      A,B 
# 
loop_
_pdbx_struct_oper_list.id 
_pdbx_struct_oper_list.type 
_pdbx_struct_oper_list.name 
_pdbx_struct_oper_list.symmetry_operation 
_pdbx_struct_oper_list.matrix[1][1] 
_pdbx_struct_oper_list.matrix[1][2] 
_pdbx_struct_oper_list.matrix[1][3] 
_pdbx_struct_oper_list.vector[1] 
_pdbx_struct_oper_list.matrix[2][1] 
_pdbx_struct_oper_list.matrix[2][2] 
_pdbx_struct_oper_list.matrix[2][3] 
_pdbx_struct_oper_list.vector[2] 
_pdbx_struct_oper_list.matrix[3][1] 
_pdbx_struct_oper_list.matrix[3][2] 
_pdbx_struct_oper_list.matrix[3][3] 
_pdbx_struct_oper_list.vector[3] 
1 'identity operation'         1_555 x,y,z   1.0000000000  0.0000000000 0.0000000000  0.0000000000  0.0000000000 1.0000000000  0.0000000000  0.0000000000   0.0000000000  0.0000000000  1.0000000000  0.0000000000   
2 'crystal symmetry operation' 2_555 -x,-y,z -0.1005693174 0.5393646220 -0.8360452242 -4.1697890050 0.5393646220 -0.6765574034 -0.5013540510 -14.1180006491 -0.8360452242 -0.5013540510 -0.2228732792 -13.5939850200 
# 
_struct_biol.id                    1 
_struct_biol.details               'The biological assembly is a homodimer.' 
_struct_biol.pdbx_parent_biol_id   ? 
# 
loop_
_struct_conf.conf_type_id 
_struct_conf.id 
_struct_conf.pdbx_PDB_helix_id 
_struct_conf.beg_label_comp_id 
_struct_conf.beg_label_asym_id 
_struct_conf.beg_label_seq_id 
_struct_conf.pdbx_beg_PDB_ins_code 
_struct_conf.end_label_comp_id 
_struct_conf.end_label_asym_id 
_struct_conf.end_label_seq_id 
_struct_conf.pdbx_end_PDB_ins_code 
_struct_conf.beg_auth_comp_id 
_struct_conf.beg_auth_asym_id 
_struct_conf.beg_auth_seq_id 
_struct_conf.end_auth_comp_id 
_struct_conf.end_auth_asym_id 
_struct_conf.end_auth_seq_id 
_struct_conf.pdbx_PDB_helix_class 
_struct_conf.details 
_struct_conf.pdbx_PDB_helix_length 
HELX_P HELX_P1 1 ASP A 15 ? THR A 26 ? ASP A 15 THR A 26 1 ? 12 
HELX_P HELX_P2 2 HIS A 55 ? ASP A 60 ? HIS A 55 ASP A 60 1 ? 6  
HELX_P HELX_P3 3 ASP A 70 ? ALA A 79 ? ASP A 70 ALA A 79 1 ? 10 
# 
_struct_conf_type.id          HELX_P 
_struct_conf_type.criteria    ? 
_struct_conf_type.reference   ? 
# 
loop_
_struct_sheet.id 
_struct_sheet.type 
_struct_sheet.number_strands 
_struct_sheet.details 
A  ? 4 ? 
B  ? 4 ? 
B1 ? 4 ? 
# 
loop_
_struct_sheet_order.sheet_id 
_struct_sheet_order.range_id_1 
_struct_sheet_order.range_id_2 
_struct_sheet_order.offset 
_struct_sheet_order.sense 
A  1 2 ? parallel      
A  2 3 ? anti-parallel 
A  3 4 ? anti-parallel 
B  1 2 ? parallel      
B  2 3 ? anti-parallel 
B  3 4 ? anti-parallel 
B1 1 2 ? parallel      
B1 2 3 ? anti-parallel 
B1 3 4 ? anti-parallel 
# 
loop_
_struct_sheet_range.sheet_id 
_struct_sheet_range.id 
_struct_sheet_range.beg_label_comp_id 
_struct_sheet_range.beg_label_asym_id 
_struct_sheet_range.beg_label_seq_id 
_struct_sheet_range.pdbx_beg_PDB_ins_code 
_struct_sheet_range.end_label_comp_id 
_struct_sheet_range.end_label_asym_id 
_struct_sheet_range.end_label_seq_id 
_struct_sheet_range.pdbx_end_PDB_ins_code 
_struct_sheet_range.beg_auth_comp_id 
_struct_sheet_range.beg_auth_asym_id 
_struct_sheet_range.beg_auth_seq_id 
_struct_sheet_range.end_auth_comp_id 
_struct_sheet_range.end_auth_asym_id 
_struct_sheet_range.end_auth_seq_id 
A  1 VAL A 10  ? ALA A 13  ? VAL A 10  ALA A 13  
A  2 ILE A 46  ? ARG A 52  ? ILE A 46  ARG A 52  
A  3 PHE A 38  ? ARG A 43  ? PHE A 38  ARG A 43  
A  4 GLU A 30  ? GLY A 34  ? GLU A 30  GLY A 34  
B  1 SER A 63  ? VAL A 68  ? SER A 63  VAL A 68  
B  2 CYS A 115 ? ALA A 120 ? CYS A 115 ALA A 120 
B  3 GLY A 103 ? ARG A 109 ? GLY A 103 ARG A 109 
B  4 ALA A 93  ? MET A 94  ? ALA A 93  MET A 94  
B1 1 SER A 63  ? VAL A 68  ? SER A 63  VAL A 68  
B1 2 CYS A 115 ? ALA A 120 ? CYS A 115 ALA A 120 
B1 3 GLY A 103 ? ARG A 109 ? GLY A 103 ARG A 109 
B1 4 GLY A 98  ? SER A 100 ? GLY A 98  SER A 100 
# 
loop_
_pdbx_struct_sheet_hbond.sheet_id 
_pdbx_struct_sheet_hbond.range_id_1 
_pdbx_struct_sheet_hbond.range_id_2 
_pdbx_struct_sheet_hbond.range_1_label_atom_id 
_pdbx_struct_sheet_hbond.range_1_label_comp_id 
_pdbx_struct_sheet_hbond.range_1_label_asym_id 
_pdbx_struct_sheet_hbond.range_1_label_seq_id 
_pdbx_struct_sheet_hbond.range_1_PDB_ins_code 
_pdbx_struct_sheet_hbond.range_1_auth_atom_id 
_pdbx_struct_sheet_hbond.range_1_auth_comp_id 
_pdbx_struct_sheet_hbond.range_1_auth_asym_id 
_pdbx_struct_sheet_hbond.range_1_auth_seq_id 
_pdbx_struct_sheet_hbond.range_2_label_atom_id 
_pdbx_struct_sheet_hbond.range_2_label_comp_id 
_pdbx_struct_sheet_hbond.range_2_label_asym_id 
_pdbx_struct_sheet_hbond.range_2_label_seq_id 
_pdbx_struct_sheet_hbond.range_2_PDB_ins_code 
_pdbx_struct_sheet_hbond.range_2_auth_atom_id 
_pdbx_struct_sheet_hbond.range_2_auth_comp_id 
_pdbx_struct_sheet_hbond.range_2_auth_asym_id 
_pdbx_struct_sheet_hbond.range_2_auth_seq_id 
A  1 2 N LEU A 11  ? N LEU A 11  O HIS A 49  ? O HIS A 49  
A  2 3 N ILE A 50  ? N ILE A 50  O ALA A 39  ? O ALA A 39  
A  3 4 O ARG A 42  ? O ARG A 42  N GLU A 30  ? N GLU A 30  
B  1 2 N ALA A 64  ? N ALA A 64  O CYS A 115 ? O CYS A 115 
B  2 3 N ALA A 120 ? N ALA A 120 O ARG A 104 ? O ARG A 104 
B  3 4 N ARG A 109 ? N ARG A 109 O ALA A 93  ? O ALA A 93  
B1 1 2 N ALA A 64  ? N ALA A 64  O CYS A 115 ? O CYS A 115 
B1 2 3 N ALA A 120 ? N ALA A 120 O ARG A 104 ? O ARG A 104 
B1 3 4 O GLU A 105 ? O GLU A 105 N GLY A 98  ? N GLY A 98  
# 
_pdbx_validate_torsion.id              1 
_pdbx_validate_torsion.PDB_model_num   1 
_pdbx_validate_torsion.auth_comp_id    ASP 
_pdbx_validate_torsion.auth_asym_id    A 
_pdbx_validate_torsion.auth_seq_id     85 
_pdbx_validate_torsion.PDB_ins_code    ? 
_pdbx_validate_torsion.label_alt_id    ? 
_pdbx_validate_torsion.phi             -100.39 
_pdbx_validate_torsion.psi             75.80 
# 
loop_
_pdbx_struct_special_symmetry.id 
_pdbx_struct_special_symmetry.PDB_model_num 
_pdbx_struct_special_symmetry.auth_asym_id 
_pdbx_struct_special_symmetry.auth_comp_id 
_pdbx_struct_special_symmetry.auth_seq_id 
_pdbx_struct_special_symmetry.PDB_ins_code 
_pdbx_struct_special_symmetry.label_asym_id 
_pdbx_struct_special_symmetry.label_comp_id 
_pdbx_struct_special_symmetry.label_seq_id 
1 1 A HOH 209 ? B HOH . 
2 1 A HOH 226 ? B HOH . 
# 
loop_
_chem_comp_atom.comp_id 
_chem_comp_atom.atom_id 
_chem_comp_atom.type_symbol 
_chem_comp_atom.pdbx_aromatic_flag 
_chem_comp_atom.pdbx_stereo_config 
_chem_comp_atom.pdbx_ordinal 
ALA N    N N N 1   
ALA CA   C N S 2   
ALA C    C N N 3   
ALA O    O N N 4   
ALA CB   C N N 5   
ALA OXT  O N N 6   
ALA H    H N N 7   
ALA H2   H N N 8   
ALA HA   H N N 9   
ALA HB1  H N N 10  
ALA HB2  H N N 11  
ALA HB3  H N N 12  
ALA HXT  H N N 13  
ARG N    N N N 14  
ARG CA   C N S 15  
ARG C    C N N 16  
ARG O    O N N 17  
ARG CB   C N N 18  
ARG CG   C N N 19  
ARG CD   C N N 20  
ARG NE   N N N 21  
ARG CZ   C N N 22  
ARG NH1  N N N 23  
ARG NH2  N N N 24  
ARG OXT  O N N 25  
ARG H    H N N 26  
ARG H2   H N N 27  
ARG HA   H N N 28  
ARG HB2  H N N 29  
ARG HB3  H N N 30  
ARG HG2  H N N 31  
ARG HG3  H N N 32  
ARG HD2  H N N 33  
ARG HD3  H N N 34  
ARG HE   H N N 35  
ARG HH11 H N N 36  
ARG HH12 H N N 37  
ARG HH21 H N N 38  
ARG HH22 H N N 39  
ARG HXT  H N N 40  
ASN N    N N N 41  
ASN CA   C N S 42  
ASN C    C N N 43  
ASN O    O N N 44  
ASN CB   C N N 45  
ASN CG   C N N 46  
ASN OD1  O N N 47  
ASN ND2  N N N 48  
ASN OXT  O N N 49  
ASN H    H N N 50  
ASN H2   H N N 51  
ASN HA   H N N 52  
ASN HB2  H N N 53  
ASN HB3  H N N 54  
ASN HD21 H N N 55  
ASN HD22 H N N 56  
ASN HXT  H N N 57  
ASP N    N N N 58  
ASP CA   C N S 59  
ASP C    C N N 60  
ASP O    O N N 61  
ASP CB   C N N 62  
ASP CG   C N N 63  
ASP OD1  O N N 64  
ASP OD2  O N N 65  
ASP OXT  O N N 66  
ASP H    H N N 67  
ASP H2   H N N 68  
ASP HA   H N N 69  
ASP HB2  H N N 70  
ASP HB3  H N N 71  
ASP HD2  H N N 72  
ASP HXT  H N N 73  
CYS N    N N N 74  
CYS CA   C N R 75  
CYS C    C N N 76  
CYS O    O N N 77  
CYS CB   C N N 78  
CYS SG   S N N 79  
CYS OXT  O N N 80  
CYS H    H N N 81  
CYS H2   H N N 82  
CYS HA   H N N 83  
CYS HB2  H N N 84  
CYS HB3  H N N 85  
CYS HG   H N N 86  
CYS HXT  H N N 87  
GLN N    N N N 88  
GLN CA   C N S 89  
GLN C    C N N 90  
GLN O    O N N 91  
GLN CB   C N N 92  
GLN CG   C N N 93  
GLN CD   C N N 94  
GLN OE1  O N N 95  
GLN NE2  N N N 96  
GLN OXT  O N N 97  
GLN H    H N N 98  
GLN H2   H N N 99  
GLN HA   H N N 100 
GLN HB2  H N N 101 
GLN HB3  H N N 102 
GLN HG2  H N N 103 
GLN HG3  H N N 104 
GLN HE21 H N N 105 
GLN HE22 H N N 106 
GLN HXT  H N N 107 
GLU N    N N N 108 
GLU CA   C N S 109 
GLU C    C N N 110 
GLU O    O N N 111 
GLU CB   C N N 112 
GLU CG   C N N 113 
GLU CD   C N N 114 
GLU OE1  O N N 115 
GLU OE2  O N N 116 
GLU OXT  O N N 117 
GLU H    H N N 118 
GLU H2   H N N 119 
GLU HA   H N N 120 
GLU HB2  H N N 121 
GLU HB3  H N N 122 
GLU HG2  H N N 123 
GLU HG3  H N N 124 
GLU HE2  H N N 125 
GLU HXT  H N N 126 
GLY N    N N N 127 
GLY CA   C N N 128 
GLY C    C N N 129 
GLY O    O N N 130 
GLY OXT  O N N 131 
GLY H    H N N 132 
GLY H2   H N N 133 
GLY HA2  H N N 134 
GLY HA3  H N N 135 
GLY HXT  H N N 136 
HIS N    N N N 137 
HIS CA   C N S 138 
HIS C    C N N 139 
HIS O    O N N 140 
HIS CB   C N N 141 
HIS CG   C Y N 142 
HIS ND1  N Y N 143 
HIS CD2  C Y N 144 
HIS CE1  C Y N 145 
HIS NE2  N Y N 146 
HIS OXT  O N N 147 
HIS H    H N N 148 
HIS H2   H N N 149 
HIS HA   H N N 150 
HIS HB2  H N N 151 
HIS HB3  H N N 152 
HIS HD1  H N N 153 
HIS HD2  H N N 154 
HIS HE1  H N N 155 
HIS HE2  H N N 156 
HIS HXT  H N N 157 
HOH O    O N N 158 
HOH H1   H N N 159 
HOH H2   H N N 160 
ILE N    N N N 161 
ILE CA   C N S 162 
ILE C    C N N 163 
ILE O    O N N 164 
ILE CB   C N S 165 
ILE CG1  C N N 166 
ILE CG2  C N N 167 
ILE CD1  C N N 168 
ILE OXT  O N N 169 
ILE H    H N N 170 
ILE H2   H N N 171 
ILE HA   H N N 172 
ILE HB   H N N 173 
ILE HG12 H N N 174 
ILE HG13 H N N 175 
ILE HG21 H N N 176 
ILE HG22 H N N 177 
ILE HG23 H N N 178 
ILE HD11 H N N 179 
ILE HD12 H N N 180 
ILE HD13 H N N 181 
ILE HXT  H N N 182 
LEU N    N N N 183 
LEU CA   C N S 184 
LEU C    C N N 185 
LEU O    O N N 186 
LEU CB   C N N 187 
LEU CG   C N N 188 
LEU CD1  C N N 189 
LEU CD2  C N N 190 
LEU OXT  O N N 191 
LEU H    H N N 192 
LEU H2   H N N 193 
LEU HA   H N N 194 
LEU HB2  H N N 195 
LEU HB3  H N N 196 
LEU HG   H N N 197 
LEU HD11 H N N 198 
LEU HD12 H N N 199 
LEU HD13 H N N 200 
LEU HD21 H N N 201 
LEU HD22 H N N 202 
LEU HD23 H N N 203 
LEU HXT  H N N 204 
LYS N    N N N 205 
LYS CA   C N S 206 
LYS C    C N N 207 
LYS O    O N N 208 
LYS CB   C N N 209 
LYS CG   C N N 210 
LYS CD   C N N 211 
LYS CE   C N N 212 
LYS NZ   N N N 213 
LYS OXT  O N N 214 
LYS H    H N N 215 
LYS H2   H N N 216 
LYS HA   H N N 217 
LYS HB2  H N N 218 
LYS HB3  H N N 219 
LYS HG2  H N N 220 
LYS HG3  H N N 221 
LYS HD2  H N N 222 
LYS HD3  H N N 223 
LYS HE2  H N N 224 
LYS HE3  H N N 225 
LYS HZ1  H N N 226 
LYS HZ2  H N N 227 
LYS HZ3  H N N 228 
LYS HXT  H N N 229 
MET N    N N N 230 
MET CA   C N S 231 
MET C    C N N 232 
MET O    O N N 233 
MET CB   C N N 234 
MET CG   C N N 235 
MET SD   S N N 236 
MET CE   C N N 237 
MET OXT  O N N 238 
MET H    H N N 239 
MET H2   H N N 240 
MET HA   H N N 241 
MET HB2  H N N 242 
MET HB3  H N N 243 
MET HG2  H N N 244 
MET HG3  H N N 245 
MET HE1  H N N 246 
MET HE2  H N N 247 
MET HE3  H N N 248 
MET HXT  H N N 249 
PHE N    N N N 250 
PHE CA   C N S 251 
PHE C    C N N 252 
PHE O    O N N 253 
PHE CB   C N N 254 
PHE CG   C Y N 255 
PHE CD1  C Y N 256 
PHE CD2  C Y N 257 
PHE CE1  C Y N 258 
PHE CE2  C Y N 259 
PHE CZ   C Y N 260 
PHE OXT  O N N 261 
PHE H    H N N 262 
PHE H2   H N N 263 
PHE HA   H N N 264 
PHE HB2  H N N 265 
PHE HB3  H N N 266 
PHE HD1  H N N 267 
PHE HD2  H N N 268 
PHE HE1  H N N 269 
PHE HE2  H N N 270 
PHE HZ   H N N 271 
PHE HXT  H N N 272 
PRO N    N N N 273 
PRO CA   C N S 274 
PRO C    C N N 275 
PRO O    O N N 276 
PRO CB   C N N 277 
PRO CG   C N N 278 
PRO CD   C N N 279 
PRO OXT  O N N 280 
PRO H    H N N 281 
PRO HA   H N N 282 
PRO HB2  H N N 283 
PRO HB3  H N N 284 
PRO HG2  H N N 285 
PRO HG3  H N N 286 
PRO HD2  H N N 287 
PRO HD3  H N N 288 
PRO HXT  H N N 289 
SER N    N N N 290 
SER CA   C N S 291 
SER C    C N N 292 
SER O    O N N 293 
SER CB   C N N 294 
SER OG   O N N 295 
SER OXT  O N N 296 
SER H    H N N 297 
SER H2   H N N 298 
SER HA   H N N 299 
SER HB2  H N N 300 
SER HB3  H N N 301 
SER HG   H N N 302 
SER HXT  H N N 303 
THR N    N N N 304 
THR CA   C N S 305 
THR C    C N N 306 
THR O    O N N 307 
THR CB   C N R 308 
THR OG1  O N N 309 
THR CG2  C N N 310 
THR OXT  O N N 311 
THR H    H N N 312 
THR H2   H N N 313 
THR HA   H N N 314 
THR HB   H N N 315 
THR HG1  H N N 316 
THR HG21 H N N 317 
THR HG22 H N N 318 
THR HG23 H N N 319 
THR HXT  H N N 320 
TRP N    N N N 321 
TRP CA   C N S 322 
TRP C    C N N 323 
TRP O    O N N 324 
TRP CB   C N N 325 
TRP CG   C Y N 326 
TRP CD1  C Y N 327 
TRP CD2  C Y N 328 
TRP NE1  N Y N 329 
TRP CE2  C Y N 330 
TRP CE3  C Y N 331 
TRP CZ2  C Y N 332 
TRP CZ3  C Y N 333 
TRP CH2  C Y N 334 
TRP OXT  O N N 335 
TRP H    H N N 336 
TRP H2   H N N 337 
TRP HA   H N N 338 
TRP HB2  H N N 339 
TRP HB3  H N N 340 
TRP HD1  H N N 341 
TRP HE1  H N N 342 
TRP HE3  H N N 343 
TRP HZ2  H N N 344 
TRP HZ3  H N N 345 
TRP HH2  H N N 346 
TRP HXT  H N N 347 
TYR N    N N N 348 
TYR CA   C N S 349 
TYR C    C N N 350 
TYR O    O N N 351 
TYR CB   C N N 352 
TYR CG   C Y N 353 
TYR CD1  C Y N 354 
TYR CD2  C Y N 355 
TYR CE1  C Y N 356 
TYR CE2  C Y N 357 
TYR CZ   C Y N 358 
TYR OH   O N N 359 
TYR OXT  O N N 360 
TYR H    H N N 361 
TYR H2   H N N 362 
TYR HA   H N N 363 
TYR HB2  H N N 364 
TYR HB3  H N N 365 
TYR HD1  H N N 366 
TYR HD2  H N N 367 
TYR HE1  H N N 368 
TYR HE2  H N N 369 
TYR HH   H N N 370 
TYR HXT  H N N 371 
VAL N    N N N 372 
VAL CA   C N S 373 
VAL C    C N N 374 
VAL O    O N N 375 
VAL CB   C N N 376 
VAL CG1  C N N 377 
VAL CG2  C N N 378 
VAL OXT  O N N 379 
VAL H    H N N 380 
VAL H2   H N N 381 
VAL HA   H N N 382 
VAL HB   H N N 383 
VAL HG11 H N N 384 
VAL HG12 H N N 385 
VAL HG13 H N N 386 
VAL HG21 H N N 387 
VAL HG22 H N N 388 
VAL HG23 H N N 389 
VAL HXT  H N N 390 
# 
loop_
_chem_comp_bond.comp_id 
_chem_comp_bond.atom_id_1 
_chem_comp_bond.atom_id_2 
_chem_comp_bond.value_order 
_chem_comp_bond.pdbx_aromatic_flag 
_chem_comp_bond.pdbx_stereo_config 
_chem_comp_bond.pdbx_ordinal 
ALA N   CA   sing N N 1   
ALA N   H    sing N N 2   
ALA N   H2   sing N N 3   
ALA CA  C    sing N N 4   
ALA CA  CB   sing N N 5   
ALA CA  HA   sing N N 6   
ALA C   O    doub N N 7   
ALA C   OXT  sing N N 8   
ALA CB  HB1  sing N N 9   
ALA CB  HB2  sing N N 10  
ALA CB  HB3  sing N N 11  
ALA OXT HXT  sing N N 12  
ARG N   CA   sing N N 13  
ARG N   H    sing N N 14  
ARG N   H2   sing N N 15  
ARG CA  C    sing N N 16  
ARG CA  CB   sing N N 17  
ARG CA  HA   sing N N 18  
ARG C   O    doub N N 19  
ARG C   OXT  sing N N 20  
ARG CB  CG   sing N N 21  
ARG CB  HB2  sing N N 22  
ARG CB  HB3  sing N N 23  
ARG CG  CD   sing N N 24  
ARG CG  HG2  sing N N 25  
ARG CG  HG3  sing N N 26  
ARG CD  NE   sing N N 27  
ARG CD  HD2  sing N N 28  
ARG CD  HD3  sing N N 29  
ARG NE  CZ   sing N N 30  
ARG NE  HE   sing N N 31  
ARG CZ  NH1  sing N N 32  
ARG CZ  NH2  doub N N 33  
ARG NH1 HH11 sing N N 34  
ARG NH1 HH12 sing N N 35  
ARG NH2 HH21 sing N N 36  
ARG NH2 HH22 sing N N 37  
ARG OXT HXT  sing N N 38  
ASN N   CA   sing N N 39  
ASN N   H    sing N N 40  
ASN N   H2   sing N N 41  
ASN CA  C    sing N N 42  
ASN CA  CB   sing N N 43  
ASN CA  HA   sing N N 44  
ASN C   O    doub N N 45  
ASN C   OXT  sing N N 46  
ASN CB  CG   sing N N 47  
ASN CB  HB2  sing N N 48  
ASN CB  HB3  sing N N 49  
ASN CG  OD1  doub N N 50  
ASN CG  ND2  sing N N 51  
ASN ND2 HD21 sing N N 52  
ASN ND2 HD22 sing N N 53  
ASN OXT HXT  sing N N 54  
ASP N   CA   sing N N 55  
ASP N   H    sing N N 56  
ASP N   H2   sing N N 57  
ASP CA  C    sing N N 58  
ASP CA  CB   sing N N 59  
ASP CA  HA   sing N N 60  
ASP C   O    doub N N 61  
ASP C   OXT  sing N N 62  
ASP CB  CG   sing N N 63  
ASP CB  HB2  sing N N 64  
ASP CB  HB3  sing N N 65  
ASP CG  OD1  doub N N 66  
ASP CG  OD2  sing N N 67  
ASP OD2 HD2  sing N N 68  
ASP OXT HXT  sing N N 69  
CYS N   CA   sing N N 70  
CYS N   H    sing N N 71  
CYS N   H2   sing N N 72  
CYS CA  C    sing N N 73  
CYS CA  CB   sing N N 74  
CYS CA  HA   sing N N 75  
CYS C   O    doub N N 76  
CYS C   OXT  sing N N 77  
CYS CB  SG   sing N N 78  
CYS CB  HB2  sing N N 79  
CYS CB  HB3  sing N N 80  
CYS SG  HG   sing N N 81  
CYS OXT HXT  sing N N 82  
GLN N   CA   sing N N 83  
GLN N   H    sing N N 84  
GLN N   H2   sing N N 85  
GLN CA  C    sing N N 86  
GLN CA  CB   sing N N 87  
GLN CA  HA   sing N N 88  
GLN C   O    doub N N 89  
GLN C   OXT  sing N N 90  
GLN CB  CG   sing N N 91  
GLN CB  HB2  sing N N 92  
GLN CB  HB3  sing N N 93  
GLN CG  CD   sing N N 94  
GLN CG  HG2  sing N N 95  
GLN CG  HG3  sing N N 96  
GLN CD  OE1  doub N N 97  
GLN CD  NE2  sing N N 98  
GLN NE2 HE21 sing N N 99  
GLN NE2 HE22 sing N N 100 
GLN OXT HXT  sing N N 101 
GLU N   CA   sing N N 102 
GLU N   H    sing N N 103 
GLU N   H2   sing N N 104 
GLU CA  C    sing N N 105 
GLU CA  CB   sing N N 106 
GLU CA  HA   sing N N 107 
GLU C   O    doub N N 108 
GLU C   OXT  sing N N 109 
GLU CB  CG   sing N N 110 
GLU CB  HB2  sing N N 111 
GLU CB  HB3  sing N N 112 
GLU CG  CD   sing N N 113 
GLU CG  HG2  sing N N 114 
GLU CG  HG3  sing N N 115 
GLU CD  OE1  doub N N 116 
GLU CD  OE2  sing N N 117 
GLU OE2 HE2  sing N N 118 
GLU OXT HXT  sing N N 119 
GLY N   CA   sing N N 120 
GLY N   H    sing N N 121 
GLY N   H2   sing N N 122 
GLY CA  C    sing N N 123 
GLY CA  HA2  sing N N 124 
GLY CA  HA3  sing N N 125 
GLY C   O    doub N N 126 
GLY C   OXT  sing N N 127 
GLY OXT HXT  sing N N 128 
HIS N   CA   sing N N 129 
HIS N   H    sing N N 130 
HIS N   H2   sing N N 131 
HIS CA  C    sing N N 132 
HIS CA  CB   sing N N 133 
HIS CA  HA   sing N N 134 
HIS C   O    doub N N 135 
HIS C   OXT  sing N N 136 
HIS CB  CG   sing N N 137 
HIS CB  HB2  sing N N 138 
HIS CB  HB3  sing N N 139 
HIS CG  ND1  sing Y N 140 
HIS CG  CD2  doub Y N 141 
HIS ND1 CE1  doub Y N 142 
HIS ND1 HD1  sing N N 143 
HIS CD2 NE2  sing Y N 144 
HIS CD2 HD2  sing N N 145 
HIS CE1 NE2  sing Y N 146 
HIS CE1 HE1  sing N N 147 
HIS NE2 HE2  sing N N 148 
HIS OXT HXT  sing N N 149 
HOH O   H1   sing N N 150 
HOH O   H2   sing N N 151 
ILE N   CA   sing N N 152 
ILE N   H    sing N N 153 
ILE N   H2   sing N N 154 
ILE CA  C    sing N N 155 
ILE CA  CB   sing N N 156 
ILE CA  HA   sing N N 157 
ILE C   O    doub N N 158 
ILE C   OXT  sing N N 159 
ILE CB  CG1  sing N N 160 
ILE CB  CG2  sing N N 161 
ILE CB  HB   sing N N 162 
ILE CG1 CD1  sing N N 163 
ILE CG1 HG12 sing N N 164 
ILE CG1 HG13 sing N N 165 
ILE CG2 HG21 sing N N 166 
ILE CG2 HG22 sing N N 167 
ILE CG2 HG23 sing N N 168 
ILE CD1 HD11 sing N N 169 
ILE CD1 HD12 sing N N 170 
ILE CD1 HD13 sing N N 171 
ILE OXT HXT  sing N N 172 
LEU N   CA   sing N N 173 
LEU N   H    sing N N 174 
LEU N   H2   sing N N 175 
LEU CA  C    sing N N 176 
LEU CA  CB   sing N N 177 
LEU CA  HA   sing N N 178 
LEU C   O    doub N N 179 
LEU C   OXT  sing N N 180 
LEU CB  CG   sing N N 181 
LEU CB  HB2  sing N N 182 
LEU CB  HB3  sing N N 183 
LEU CG  CD1  sing N N 184 
LEU CG  CD2  sing N N 185 
LEU CG  HG   sing N N 186 
LEU CD1 HD11 sing N N 187 
LEU CD1 HD12 sing N N 188 
LEU CD1 HD13 sing N N 189 
LEU CD2 HD21 sing N N 190 
LEU CD2 HD22 sing N N 191 
LEU CD2 HD23 sing N N 192 
LEU OXT HXT  sing N N 193 
LYS N   CA   sing N N 194 
LYS N   H    sing N N 195 
LYS N   H2   sing N N 196 
LYS CA  C    sing N N 197 
LYS CA  CB   sing N N 198 
LYS CA  HA   sing N N 199 
LYS C   O    doub N N 200 
LYS C   OXT  sing N N 201 
LYS CB  CG   sing N N 202 
LYS CB  HB2  sing N N 203 
LYS CB  HB3  sing N N 204 
LYS CG  CD   sing N N 205 
LYS CG  HG2  sing N N 206 
LYS CG  HG3  sing N N 207 
LYS CD  CE   sing N N 208 
LYS CD  HD2  sing N N 209 
LYS CD  HD3  sing N N 210 
LYS CE  NZ   sing N N 211 
LYS CE  HE2  sing N N 212 
LYS CE  HE3  sing N N 213 
LYS NZ  HZ1  sing N N 214 
LYS NZ  HZ2  sing N N 215 
LYS NZ  HZ3  sing N N 216 
LYS OXT HXT  sing N N 217 
MET N   CA   sing N N 218 
MET N   H    sing N N 219 
MET N   H2   sing N N 220 
MET CA  C    sing N N 221 
MET CA  CB   sing N N 222 
MET CA  HA   sing N N 223 
MET C   O    doub N N 224 
MET C   OXT  sing N N 225 
MET CB  CG   sing N N 226 
MET CB  HB2  sing N N 227 
MET CB  HB3  sing N N 228 
MET CG  SD   sing N N 229 
MET CG  HG2  sing N N 230 
MET CG  HG3  sing N N 231 
MET SD  CE   sing N N 232 
MET CE  HE1  sing N N 233 
MET CE  HE2  sing N N 234 
MET CE  HE3  sing N N 235 
MET OXT HXT  sing N N 236 
PHE N   CA   sing N N 237 
PHE N   H    sing N N 238 
PHE N   H2   sing N N 239 
PHE CA  C    sing N N 240 
PHE CA  CB   sing N N 241 
PHE CA  HA   sing N N 242 
PHE C   O    doub N N 243 
PHE C   OXT  sing N N 244 
PHE CB  CG   sing N N 245 
PHE CB  HB2  sing N N 246 
PHE CB  HB3  sing N N 247 
PHE CG  CD1  doub Y N 248 
PHE CG  CD2  sing Y N 249 
PHE CD1 CE1  sing Y N 250 
PHE CD1 HD1  sing N N 251 
PHE CD2 CE2  doub Y N 252 
PHE CD2 HD2  sing N N 253 
PHE CE1 CZ   doub Y N 254 
PHE CE1 HE1  sing N N 255 
PHE CE2 CZ   sing Y N 256 
PHE CE2 HE2  sing N N 257 
PHE CZ  HZ   sing N N 258 
PHE OXT HXT  sing N N 259 
PRO N   CA   sing N N 260 
PRO N   CD   sing N N 261 
PRO N   H    sing N N 262 
PRO CA  C    sing N N 263 
PRO CA  CB   sing N N 264 
PRO CA  HA   sing N N 265 
PRO C   O    doub N N 266 
PRO C   OXT  sing N N 267 
PRO CB  CG   sing N N 268 
PRO CB  HB2  sing N N 269 
PRO CB  HB3  sing N N 270 
PRO CG  CD   sing N N 271 
PRO CG  HG2  sing N N 272 
PRO CG  HG3  sing N N 273 
PRO CD  HD2  sing N N 274 
PRO CD  HD3  sing N N 275 
PRO OXT HXT  sing N N 276 
SER N   CA   sing N N 277 
SER N   H    sing N N 278 
SER N   H2   sing N N 279 
SER CA  C    sing N N 280 
SER CA  CB   sing N N 281 
SER CA  HA   sing N N 282 
SER C   O    doub N N 283 
SER C   OXT  sing N N 284 
SER CB  OG   sing N N 285 
SER CB  HB2  sing N N 286 
SER CB  HB3  sing N N 287 
SER OG  HG   sing N N 288 
SER OXT HXT  sing N N 289 
THR N   CA   sing N N 290 
THR N   H    sing N N 291 
THR N   H2   sing N N 292 
THR CA  C    sing N N 293 
THR CA  CB   sing N N 294 
THR CA  HA   sing N N 295 
THR C   O    doub N N 296 
THR C   OXT  sing N N 297 
THR CB  OG1  sing N N 298 
THR CB  CG2  sing N N 299 
THR CB  HB   sing N N 300 
THR OG1 HG1  sing N N 301 
THR CG2 HG21 sing N N 302 
THR CG2 HG22 sing N N 303 
THR CG2 HG23 sing N N 304 
THR OXT HXT  sing N N 305 
TRP N   CA   sing N N 306 
TRP N   H    sing N N 307 
TRP N   H2   sing N N 308 
TRP CA  C    sing N N 309 
TRP CA  CB   sing N N 310 
TRP CA  HA   sing N N 311 
TRP C   O    doub N N 312 
TRP C   OXT  sing N N 313 
TRP CB  CG   sing N N 314 
TRP CB  HB2  sing N N 315 
TRP CB  HB3  sing N N 316 
TRP CG  CD1  doub Y N 317 
TRP CG  CD2  sing Y N 318 
TRP CD1 NE1  sing Y N 319 
TRP CD1 HD1  sing N N 320 
TRP CD2 CE2  doub Y N 321 
TRP CD2 CE3  sing Y N 322 
TRP NE1 CE2  sing Y N 323 
TRP NE1 HE1  sing N N 324 
TRP CE2 CZ2  sing Y N 325 
TRP CE3 CZ3  doub Y N 326 
TRP CE3 HE3  sing N N 327 
TRP CZ2 CH2  doub Y N 328 
TRP CZ2 HZ2  sing N N 329 
TRP CZ3 CH2  sing Y N 330 
TRP CZ3 HZ3  sing N N 331 
TRP CH2 HH2  sing N N 332 
TRP OXT HXT  sing N N 333 
TYR N   CA   sing N N 334 
TYR N   H    sing N N 335 
TYR N   H2   sing N N 336 
TYR CA  C    sing N N 337 
TYR CA  CB   sing N N 338 
TYR CA  HA   sing N N 339 
TYR C   O    doub N N 340 
TYR C   OXT  sing N N 341 
TYR CB  CG   sing N N 342 
TYR CB  HB2  sing N N 343 
TYR CB  HB3  sing N N 344 
TYR CG  CD1  doub Y N 345 
TYR CG  CD2  sing Y N 346 
TYR CD1 CE1  sing Y N 347 
TYR CD1 HD1  sing N N 348 
TYR CD2 CE2  doub Y N 349 
TYR CD2 HD2  sing N N 350 
TYR CE1 CZ   doub Y N 351 
TYR CE1 HE1  sing N N 352 
TYR CE2 CZ   sing Y N 353 
TYR CE2 HE2  sing N N 354 
TYR CZ  OH   sing N N 355 
TYR OH  HH   sing N N 356 
TYR OXT HXT  sing N N 357 
VAL N   CA   sing N N 358 
VAL N   H    sing N N 359 
VAL N   H2   sing N N 360 
VAL CA  C    sing N N 361 
VAL CA  CB   sing N N 362 
VAL CA  HA   sing N N 363 
VAL C   O    doub N N 364 
VAL C   OXT  sing N N 365 
VAL CB  CG1  sing N N 366 
VAL CB  CG2  sing N N 367 
VAL CB  HB   sing N N 368 
VAL CG1 HG11 sing N N 369 
VAL CG1 HG12 sing N N 370 
VAL CG1 HG13 sing N N 371 
VAL CG2 HG21 sing N N 372 
VAL CG2 HG22 sing N N 373 
VAL CG2 HG23 sing N N 374 
VAL OXT HXT  sing N N 375 
# 
_atom_sites.entry_id                    1QTO 
_atom_sites.fract_transf_matrix[1][1]   0.00173068 
_atom_sites.fract_transf_matrix[1][2]   -0.01601725 
_atom_sites.fract_transf_matrix[1][3]   -0.00847145 
_atom_sites.fract_transf_matrix[2][1]   -0.01083823 
_atom_sites.fract_transf_matrix[2][2]   0.00372485 
_atom_sites.fract_transf_matrix[2][3]   -0.00925690 
_atom_sites.fract_transf_matrix[3][1]   0.01883202 
_atom_sites.fract_transf_matrix[3][2]   0.01129306 
_atom_sites.fract_transf_matrix[3][3]   -0.01750487 
_atom_sites.fract_transf_vector[1]      -0.167038 
_atom_sites.fract_transf_vector[2]      -0.059222 
_atom_sites.fract_transf_vector[3]      -0.025261 
# 
loop_
_atom_type.symbol 
C 
N 
O 
S 
# 
loop_
_atom_site.group_PDB 
_atom_site.id 
_atom_site.type_symbol 
_atom_site.label_atom_id 
_atom_site.label_alt_id 
_atom_site.label_comp_id 
_atom_site.label_asym_id 
_atom_site.label_entity_id 
_atom_site.label_seq_id 
_atom_site.pdbx_PDB_ins_code 
_atom_site.Cartn_x 
_atom_site.Cartn_y 
_atom_site.Cartn_z 
_atom_site.occupancy 
_atom_site.B_iso_or_equiv 
_atom_site.pdbx_formal_charge 
_atom_site.auth_seq_id 
_atom_site.auth_comp_id 
_atom_site.auth_asym_id 
_atom_site.auth_atom_id 
_atom_site.pdbx_PDB_model_num 
ATOM   1    N N   . MET A 1 1   ? 4.252   -10.916 -30.863 1.00 34.49 ? 1   MET A N   1 
ATOM   2    C CA  . MET A 1 1   ? 4.478   -11.391 -29.468 1.00 33.34 ? 1   MET A CA  1 
ATOM   3    C C   . MET A 1 1   ? 3.874   -10.415 -28.461 1.00 30.47 ? 1   MET A C   1 
ATOM   4    O O   . MET A 1 1   ? 4.217   -9.231  -28.454 1.00 30.65 ? 1   MET A O   1 
ATOM   5    C CB  . MET A 1 1   ? 5.976   -11.540 -29.194 1.00 36.46 ? 1   MET A CB  1 
ATOM   6    C CG  . MET A 1 1   ? 6.288   -12.154 -27.840 1.00 39.72 ? 1   MET A CG  1 
ATOM   7    S SD  . MET A 1 1   ? 7.724   -11.409 -27.049 1.00 45.87 ? 1   MET A SD  1 
ATOM   8    C CE  . MET A 1 1   ? 8.054   -12.619 -25.764 1.00 44.46 ? 1   MET A CE  1 
ATOM   9    N N   . VAL A 1 2   ? 2.980   -10.921 -27.611 1.00 25.46 ? 2   VAL A N   1 
ATOM   10   C CA  . VAL A 1 2   ? 2.329   -10.093 -26.602 1.00 20.37 ? 2   VAL A CA  1 
ATOM   11   C C   . VAL A 1 2   ? 3.327   -9.686  -25.533 1.00 17.35 ? 2   VAL A C   1 
ATOM   12   O O   . VAL A 1 2   ? 4.063   -10.521 -25.011 1.00 18.05 ? 2   VAL A O   1 
ATOM   13   C CB  . VAL A 1 2   ? 1.159   -10.842 -25.919 1.00 18.63 ? 2   VAL A CB  1 
ATOM   14   C CG1 . VAL A 1 2   ? 0.554   -9.975  -24.820 1.00 16.23 ? 2   VAL A CG1 1 
ATOM   15   C CG2 . VAL A 1 2   ? 0.100   -11.200 -26.947 1.00 17.65 ? 2   VAL A CG2 1 
ATOM   16   N N   . LYS A 1 3   ? 3.350   -8.397  -25.212 1.00 15.53 ? 3   LYS A N   1 
ATOM   17   C CA  . LYS A 1 3   ? 4.253   -7.886  -24.190 1.00 15.33 ? 3   LYS A CA  1 
ATOM   18   C C   . LYS A 1 3   ? 3.444   -7.578  -22.940 1.00 14.66 ? 3   LYS A C   1 
ATOM   19   O O   . LYS A 1 3   ? 2.327   -7.073  -23.032 1.00 13.57 ? 3   LYS A O   1 
ATOM   20   C CB  . LYS A 1 3   ? 4.950   -6.613  -24.680 1.00 17.35 ? 3   LYS A CB  1 
ATOM   21   C CG  . LYS A 1 3   ? 6.383   -6.828  -25.148 1.00 20.48 ? 3   LYS A CG  1 
ATOM   22   C CD  . LYS A 1 3   ? 6.425   -7.653  -26.410 1.00 23.02 ? 3   LYS A CD  1 
ATOM   23   C CE  . LYS A 1 3   ? 7.813   -7.652  -27.024 1.00 25.08 ? 3   LYS A CE  1 
ATOM   24   N NZ  . LYS A 1 3   ? 8.008   -6.485  -27.928 1.00 24.21 ? 3   LYS A NZ  1 
ATOM   25   N N   . PHE A 1 4   ? 3.999   -7.909  -21.779 1.00 14.04 ? 4   PHE A N   1 
ATOM   26   C CA  . PHE A 1 4   ? 3.333   -7.649  -20.509 1.00 14.80 ? 4   PHE A CA  1 
ATOM   27   C C   . PHE A 1 4   ? 4.010   -6.398  -19.957 1.00 14.92 ? 4   PHE A C   1 
ATOM   28   O O   . PHE A 1 4   ? 5.174   -6.433  -19.560 1.00 17.93 ? 4   PHE A O   1 
ATOM   29   C CB  . PHE A 1 4   ? 3.490   -8.862  -19.586 1.00 13.07 ? 4   PHE A CB  1 
ATOM   30   C CG  . PHE A 1 4   ? 2.666   -10.054 -20.017 1.00 14.16 ? 4   PHE A CG  1 
ATOM   31   C CD1 . PHE A 1 4   ? 2.983   -10.756 -21.176 1.00 15.31 ? 4   PHE A CD1 1 
ATOM   32   C CD2 . PHE A 1 4   ? 1.553   -10.452 -19.285 1.00 14.91 ? 4   PHE A CD2 1 
ATOM   33   C CE1 . PHE A 1 4   ? 2.197   -11.837 -21.600 1.00 15.85 ? 4   PHE A CE1 1 
ATOM   34   C CE2 . PHE A 1 4   ? 0.763   -11.529 -19.701 1.00 14.69 ? 4   PHE A CE2 1 
ATOM   35   C CZ  . PHE A 1 4   ? 1.085   -12.220 -20.860 1.00 14.64 ? 4   PHE A CZ  1 
ATOM   36   N N   . LEU A 1 5   ? 3.269   -5.296  -19.949 1.00 14.30 ? 5   LEU A N   1 
ATOM   37   C CA  . LEU A 1 5   ? 3.792   -3.999  -19.539 1.00 14.52 ? 5   LEU A CA  1 
ATOM   38   C C   . LEU A 1 5   ? 3.769   -3.640  -18.064 1.00 13.89 ? 5   LEU A C   1 
ATOM   39   O O   . LEU A 1 5   ? 4.676   -2.970  -17.575 1.00 15.04 ? 5   LEU A O   1 
ATOM   40   C CB  . LEU A 1 5   ? 3.079   -2.898  -20.331 1.00 15.33 ? 5   LEU A CB  1 
ATOM   41   C CG  . LEU A 1 5   ? 2.949   -3.143  -21.841 1.00 17.84 ? 5   LEU A CG  1 
ATOM   42   C CD1 . LEU A 1 5   ? 1.890   -2.217  -22.419 1.00 18.58 ? 5   LEU A CD1 1 
ATOM   43   C CD2 . LEU A 1 5   ? 4.299   -2.920  -22.524 1.00 18.11 ? 5   LEU A CD2 1 
ATOM   44   N N   . GLY A 1 6   ? 2.736   -4.060  -17.354 1.00 11.02 ? 6   GLY A N   1 
ATOM   45   C CA  . GLY A 1 6   ? 2.665   -3.729  -15.947 1.00 10.54 ? 6   GLY A CA  1 
ATOM   46   C C   . GLY A 1 6   ? 1.551   -4.477  -15.259 1.00 9.95  ? 6   GLY A C   1 
ATOM   47   O O   . GLY A 1 6   ? 0.676   -5.038  -15.908 1.00 11.46 ? 6   GLY A O   1 
ATOM   48   N N   . ALA A 1 7   ? 1.593   -4.497  -13.938 1.00 8.79  ? 7   ALA A N   1 
ATOM   49   C CA  . ALA A 1 7   ? 0.581   -5.186  -13.163 1.00 8.69  ? 7   ALA A CA  1 
ATOM   50   C C   . ALA A 1 7   ? 0.055   -4.229  -12.114 1.00 8.25  ? 7   ALA A C   1 
ATOM   51   O O   . ALA A 1 7   ? 0.808   -3.435  -11.547 1.00 8.51  ? 7   ALA A O   1 
ATOM   52   C CB  . ALA A 1 7   ? 1.176   -6.424  -12.506 1.00 8.30  ? 7   ALA A CB  1 
ATOM   53   N N   . VAL A 1 8   ? -1.244  -4.319  -11.861 1.00 7.46  ? 8   VAL A N   1 
ATOM   54   C CA  . VAL A 1 8   ? -1.910  -3.455  -10.903 1.00 7.90  ? 8   VAL A CA  1 
ATOM   55   C C   . VAL A 1 8   ? -2.607  -4.243  -9.798  1.00 8.28  ? 8   VAL A C   1 
ATOM   56   O O   . VAL A 1 8   ? -3.623  -4.897  -10.040 1.00 8.17  ? 8   VAL A O   1 
ATOM   57   C CB  . VAL A 1 8   ? -2.980  -2.585  -11.599 1.00 8.60  ? 8   VAL A CB  1 
ATOM   58   C CG1 . VAL A 1 8   ? -3.575  -1.595  -10.604 1.00 9.55  ? 8   VAL A CG1 1 
ATOM   59   C CG2 . VAL A 1 8   ? -2.371  -1.859  -12.793 1.00 10.23 ? 8   VAL A CG2 1 
ATOM   60   N N   . PRO A 1 9   ? -2.046  -4.219  -8.578  1.00 8.85  ? 9   PRO A N   1 
ATOM   61   C CA  . PRO A 1 9   ? -2.666  -4.940  -7.459  1.00 8.60  ? 9   PRO A CA  1 
ATOM   62   C C   . PRO A 1 9   ? -4.005  -4.286  -7.115  1.00 9.34  ? 9   PRO A C   1 
ATOM   63   O O   . PRO A 1 9   ? -4.216  -3.100  -7.377  1.00 9.46  ? 9   PRO A O   1 
ATOM   64   C CB  . PRO A 1 9   ? -1.661  -4.776  -6.314  1.00 9.12  ? 9   PRO A CB  1 
ATOM   65   C CG  . PRO A 1 9   ? -0.374  -4.362  -6.969  1.00 9.05  ? 9   PRO A CG  1 
ATOM   66   C CD  . PRO A 1 9   ? -0.782  -3.572  -8.181  1.00 9.01  ? 9   PRO A CD  1 
ATOM   67   N N   . VAL A 1 10  ? -4.917  -5.059  -6.541  1.00 8.89  ? 10  VAL A N   1 
ATOM   68   C CA  . VAL A 1 10  ? -6.203  -4.514  -6.147  1.00 7.18  ? 10  VAL A CA  1 
ATOM   69   C C   . VAL A 1 10  ? -6.347  -4.684  -4.640  1.00 7.66  ? 10  VAL A C   1 
ATOM   70   O O   . VAL A 1 10  ? -6.475  -5.811  -4.143  1.00 8.38  ? 10  VAL A O   1 
ATOM   71   C CB  . VAL A 1 10  ? -7.382  -5.237  -6.837  1.00 6.71  ? 10  VAL A CB  1 
ATOM   72   C CG1 . VAL A 1 10  ? -8.699  -4.695  -6.313  1.00 7.79  ? 10  VAL A CG1 1 
ATOM   73   C CG2 . VAL A 1 10  ? -7.305  -5.052  -8.330  1.00 8.05  ? 10  VAL A CG2 1 
ATOM   74   N N   . LEU A 1 11  ? -6.282  -3.570  -3.916  1.00 6.23  ? 11  LEU A N   1 
ATOM   75   C CA  . LEU A 1 11  ? -6.459  -3.591  -2.473  1.00 5.77  ? 11  LEU A CA  1 
ATOM   76   C C   . LEU A 1 11  ? -7.971  -3.620  -2.273  1.00 7.74  ? 11  LEU A C   1 
ATOM   77   O O   . LEU A 1 11  ? -8.718  -3.213  -3.162  1.00 8.64  ? 11  LEU A O   1 
ATOM   78   C CB  . LEU A 1 11  ? -5.885  -2.323  -1.838  1.00 7.01  ? 11  LEU A CB  1 
ATOM   79   C CG  . LEU A 1 11  ? -4.401  -2.051  -2.107  1.00 9.36  ? 11  LEU A CG  1 
ATOM   80   C CD1 . LEU A 1 11  ? -3.949  -0.846  -1.295  1.00 10.57 ? 11  LEU A CD1 1 
ATOM   81   C CD2 . LEU A 1 11  ? -3.575  -3.283  -1.755  1.00 9.70  ? 11  LEU A CD2 1 
ATOM   82   N N   . THR A 1 12  ? -8.429  -4.111  -1.127  1.00 6.14  ? 12  THR A N   1 
ATOM   83   C CA  . THR A 1 12  ? -9.865  -4.144  -0.871  1.00 7.62  ? 12  THR A CA  1 
ATOM   84   C C   . THR A 1 12  ? -10.167 -3.377  0.411   1.00 7.12  ? 12  THR A C   1 
ATOM   85   O O   . THR A 1 12  ? -9.314  -3.273  1.297   1.00 8.62  ? 12  THR A O   1 
ATOM   86   C CB  . THR A 1 12  ? -10.408 -5.595  -0.748  1.00 8.05  ? 12  THR A CB  1 
ATOM   87   O OG1 . THR A 1 12  ? -9.697  -6.297  0.278   1.00 8.71  ? 12  THR A OG1 1 
ATOM   88   C CG2 . THR A 1 12  ? -10.247 -6.333  -2.073  1.00 8.06  ? 12  THR A CG2 1 
ATOM   89   N N   . ALA A 1 13  ? -11.378 -2.837  0.508   1.00 7.07  ? 13  ALA A N   1 
ATOM   90   C CA  . ALA A 1 13  ? -11.759 -2.068  1.684   1.00 7.33  ? 13  ALA A CA  1 
ATOM   91   C C   . ALA A 1 13  ? -13.263 -1.999  1.877   1.00 8.31  ? 13  ALA A C   1 
ATOM   92   O O   . ALA A 1 13  ? -14.031 -1.974  0.917   1.00 8.47  ? 13  ALA A O   1 
ATOM   93   C CB  . ALA A 1 13  ? -11.194 -0.652  1.583   1.00 7.80  ? 13  ALA A CB  1 
ATOM   94   N N   . VAL A 1 14  ? -13.684 -1.973  3.134   1.00 9.54  ? 14  VAL A N   1 
ATOM   95   C CA  . VAL A 1 14  ? -15.097 -1.863  3.429   1.00 10.31 ? 14  VAL A CA  1 
ATOM   96   C C   . VAL A 1 14  ? -15.464 -0.396  3.179   1.00 11.51 ? 14  VAL A C   1 
ATOM   97   O O   . VAL A 1 14  ? -16.559 -0.095  2.703   1.00 12.99 ? 14  VAL A O   1 
ATOM   98   C CB  . VAL A 1 14  ? -15.379 -2.264  4.891   1.00 11.32 ? 14  VAL A CB  1 
ATOM   99   C CG1 . VAL A 1 14  ? -16.753 -1.794  5.309   1.00 14.03 ? 14  VAL A CG1 1 
ATOM   100  C CG2 . VAL A 1 14  ? -15.278 -3.774  5.029   1.00 11.39 ? 14  VAL A CG2 1 
ATOM   101  N N   . ASP A 1 15  ? -14.523 0.502   3.478   1.00 11.76 ? 15  ASP A N   1 
ATOM   102  C CA  . ASP A 1 15  ? -14.698 1.949   3.285   1.00 11.21 ? 15  ASP A CA  1 
ATOM   103  C C   . ASP A 1 15  ? -13.612 2.429   2.319   1.00 9.85  ? 15  ASP A C   1 
ATOM   104  O O   . ASP A 1 15  ? -12.499 2.776   2.733   1.00 10.15 ? 15  ASP A O   1 
ATOM   105  C CB  . ASP A 1 15  ? -14.567 2.683   4.628   1.00 12.04 ? 15  ASP A CB  1 
ATOM   106  C CG  . ASP A 1 15  ? -14.922 4.163   4.535   1.00 14.26 ? 15  ASP A CG  1 
ATOM   107  O OD1 . ASP A 1 15  ? -14.901 4.736   3.425   1.00 13.78 ? 15  ASP A OD1 1 
ATOM   108  O OD2 . ASP A 1 15  ? -15.221 4.758   5.592   1.00 17.84 ? 15  ASP A OD2 1 
ATOM   109  N N   . VAL A 1 16  ? -13.944 2.444   1.034   1.00 9.47  ? 16  VAL A N   1 
ATOM   110  C CA  . VAL A 1 16  ? -12.994 2.840   0.003   1.00 10.31 ? 16  VAL A CA  1 
ATOM   111  C C   . VAL A 1 16  ? -12.505 4.284   0.127   1.00 11.33 ? 16  VAL A C   1 
ATOM   112  O O   . VAL A 1 16  ? -11.299 4.534   0.096   1.00 11.50 ? 16  VAL A O   1 
ATOM   113  C CB  . VAL A 1 16  ? -13.586 2.581   -1.404  1.00 10.38 ? 16  VAL A CB  1 
ATOM   114  C CG1 . VAL A 1 16  ? -12.712 3.216   -2.479  1.00 10.46 ? 16  VAL A CG1 1 
ATOM   115  C CG2 . VAL A 1 16  ? -13.697 1.075   -1.631  1.00 9.13  ? 16  VAL A CG2 1 
ATOM   116  N N   . PRO A 1 17  ? -13.426 5.255   0.262   1.00 10.82 ? 17  PRO A N   1 
ATOM   117  C CA  . PRO A 1 17  ? -12.988 6.653   0.392   1.00 11.72 ? 17  PRO A CA  1 
ATOM   118  C C   . PRO A 1 17  ? -11.983 6.890   1.529   1.00 10.86 ? 17  PRO A C   1 
ATOM   119  O O   . PRO A 1 17  ? -11.015 7.626   1.359   1.00 11.77 ? 17  PRO A O   1 
ATOM   120  C CB  . PRO A 1 17  ? -14.295 7.422   0.598   1.00 11.48 ? 17  PRO A CB  1 
ATOM   121  C CG  . PRO A 1 17  ? -15.329 6.553   -0.056  1.00 11.84 ? 17  PRO A CG  1 
ATOM   122  C CD  . PRO A 1 17  ? -14.895 5.145   0.256   1.00 10.97 ? 17  PRO A CD  1 
ATOM   123  N N   . ALA A 1 18  ? -12.207 6.266   2.685   1.00 10.89 ? 18  ALA A N   1 
ATOM   124  C CA  . ALA A 1 18  ? -11.294 6.420   3.811   1.00 10.22 ? 18  ALA A CA  1 
ATOM   125  C C   . ALA A 1 18  ? -9.920  5.842   3.470   1.00 10.13 ? 18  ALA A C   1 
ATOM   126  O O   . ALA A 1 18  ? -8.891  6.396   3.860   1.00 10.90 ? 18  ALA A O   1 
ATOM   127  C CB  . ALA A 1 18  ? -11.860 5.732   5.055   1.00 11.15 ? 18  ALA A CB  1 
ATOM   128  N N   . ASN A 1 19  ? -9.891  4.729   2.746   1.00 8.68  ? 19  ASN A N   1 
ATOM   129  C CA  . ASN A 1 19  ? -8.608  4.139   2.391   1.00 9.52  ? 19  ASN A CA  1 
ATOM   130  C C   . ASN A 1 19  ? -7.880  4.971   1.336   1.00 9.75  ? 19  ASN A C   1 
ATOM   131  O O   . ASN A 1 19  ? -6.658  5.112   1.385   1.00 10.19 ? 19  ASN A O   1 
ATOM   132  C CB  . ASN A 1 19  ? -8.782  2.703   1.900   1.00 8.73  ? 19  ASN A CB  1 
ATOM   133  C CG  . ASN A 1 19  ? -7.572  1.853   2.198   1.00 10.26 ? 19  ASN A CG  1 
ATOM   134  O OD1 . ASN A 1 19  ? -6.934  2.018   3.237   1.00 12.83 ? 19  ASN A OD1 1 
ATOM   135  N ND2 . ASN A 1 19  ? -7.239  0.944   1.289   1.00 9.43  ? 19  ASN A ND2 1 
ATOM   136  N N   . VAL A 1 20  ? -8.633  5.523   0.386   1.00 9.55  ? 20  VAL A N   1 
ATOM   137  C CA  . VAL A 1 20  ? -8.045  6.361   -0.659  1.00 11.44 ? 20  VAL A CA  1 
ATOM   138  C C   . VAL A 1 20  ? -7.386  7.579   -0.006  1.00 11.38 ? 20  VAL A C   1 
ATOM   139  O O   . VAL A 1 20  ? -6.276  7.969   -0.368  1.00 11.74 ? 20  VAL A O   1 
ATOM   140  C CB  . VAL A 1 20  ? -9.121  6.841   -1.672  1.00 12.60 ? 20  VAL A CB  1 
ATOM   141  C CG1 . VAL A 1 20  ? -8.536  7.893   -2.622  1.00 13.19 ? 20  VAL A CG1 1 
ATOM   142  C CG2 . VAL A 1 20  ? -9.655  5.649   -2.455  1.00 12.63 ? 20  VAL A CG2 1 
ATOM   143  N N   . SER A 1 21  ? -8.074  8.169   0.966   1.00 11.55 ? 21  SER A N   1 
ATOM   144  C CA  . SER A 1 21  ? -7.546  9.325   1.678   1.00 12.92 ? 21  SER A CA  1 
ATOM   145  C C   . SER A 1 21  ? -6.189  9.003   2.293   1.00 12.09 ? 21  SER A C   1 
ATOM   146  O O   . SER A 1 21  ? -5.272  9.825   2.265   1.00 13.06 ? 21  SER A O   1 
ATOM   147  C CB  . SER A 1 21  ? -8.507  9.749   2.788   1.00 14.60 ? 21  SER A CB  1 
ATOM   148  O OG  . SER A 1 21  ? -9.686  10.303  2.241   1.00 22.84 ? 21  SER A OG  1 
ATOM   149  N N   . PHE A 1 22  ? -6.066  7.806   2.856   1.00 9.54  ? 22  PHE A N   1 
ATOM   150  C CA  . PHE A 1 22  ? -4.813  7.401   3.477   1.00 9.99  ? 22  PHE A CA  1 
ATOM   151  C C   . PHE A 1 22  ? -3.685  7.336   2.450   1.00 10.00 ? 22  PHE A C   1 
ATOM   152  O O   . PHE A 1 22  ? -2.619  7.913   2.651   1.00 10.58 ? 22  PHE A O   1 
ATOM   153  C CB  . PHE A 1 22  ? -4.970  6.038   4.158   1.00 11.28 ? 22  PHE A CB  1 
ATOM   154  C CG  . PHE A 1 22  ? -3.678  5.474   4.693   1.00 13.06 ? 22  PHE A CG  1 
ATOM   155  C CD1 . PHE A 1 22  ? -3.164  5.908   5.912   1.00 13.10 ? 22  PHE A CD1 1 
ATOM   156  C CD2 . PHE A 1 22  ? -2.980  4.500   3.983   1.00 13.04 ? 22  PHE A CD2 1 
ATOM   157  C CE1 . PHE A 1 22  ? -1.978  5.376   6.414   1.00 12.78 ? 22  PHE A CE1 1 
ATOM   158  C CE2 . PHE A 1 22  ? -1.794  3.962   4.477   1.00 12.37 ? 22  PHE A CE2 1 
ATOM   159  C CZ  . PHE A 1 22  ? -1.293  4.401   5.693   1.00 13.38 ? 22  PHE A CZ  1 
ATOM   160  N N   . TRP A 1 23  ? -3.924  6.643   1.343   1.00 8.94  ? 23  TRP A N   1 
ATOM   161  C CA  . TRP A 1 23  ? -2.898  6.511   0.325   1.00 9.40  ? 23  TRP A CA  1 
ATOM   162  C C   . TRP A 1 23  ? -2.527  7.838   -0.317  1.00 9.81  ? 23  TRP A C   1 
ATOM   163  O O   . TRP A 1 23  ? -1.359  8.076   -0.624  1.00 11.20 ? 23  TRP A O   1 
ATOM   164  C CB  . TRP A 1 23  ? -3.340  5.497   -0.737  1.00 8.82  ? 23  TRP A CB  1 
ATOM   165  C CG  . TRP A 1 23  ? -3.177  4.095   -0.235  1.00 10.42 ? 23  TRP A CG  1 
ATOM   166  C CD1 . TRP A 1 23  ? -4.111  3.344   0.424   1.00 10.75 ? 23  TRP A CD1 1 
ATOM   167  C CD2 . TRP A 1 23  ? -1.973  3.323   -0.235  1.00 10.79 ? 23  TRP A CD2 1 
ATOM   168  N NE1 . TRP A 1 23  ? -3.560  2.155   0.842   1.00 10.04 ? 23  TRP A NE1 1 
ATOM   169  C CE2 . TRP A 1 23  ? -2.248  2.115   0.452   1.00 10.52 ? 23  TRP A CE2 1 
ATOM   170  C CE3 . TRP A 1 23  ? -0.682  3.533   -0.745  1.00 12.31 ? 23  TRP A CE3 1 
ATOM   171  C CZ2 . TRP A 1 23  ? -1.279  1.119   0.641   1.00 10.99 ? 23  TRP A CZ2 1 
ATOM   172  C CZ3 . TRP A 1 23  ? 0.284   2.541   -0.555  1.00 13.53 ? 23  TRP A CZ3 1 
ATOM   173  C CH2 . TRP A 1 23  ? -0.024  1.350   0.134   1.00 12.62 ? 23  TRP A CH2 1 
ATOM   174  N N   . VAL A 1 24  ? -3.514  8.708   -0.499  1.00 11.23 ? 24  VAL A N   1 
ATOM   175  C CA  . VAL A 1 24  ? -3.265  10.003  -1.125  1.00 12.70 ? 24  VAL A CA  1 
ATOM   176  C C   . VAL A 1 24  ? -2.756  11.061  -0.149  1.00 13.62 ? 24  VAL A C   1 
ATOM   177  O O   . VAL A 1 24  ? -1.671  11.611  -0.335  1.00 14.08 ? 24  VAL A O   1 
ATOM   178  C CB  . VAL A 1 24  ? -4.541  10.540  -1.824  1.00 13.04 ? 24  VAL A CB  1 
ATOM   179  C CG1 . VAL A 1 24  ? -4.309  11.968  -2.327  1.00 14.13 ? 24  VAL A CG1 1 
ATOM   180  C CG2 . VAL A 1 24  ? -4.915  9.632   -2.981  1.00 12.90 ? 24  VAL A CG2 1 
ATOM   181  N N   . ASP A 1 25  ? -3.530  11.325  0.899   1.00 14.56 ? 25  ASP A N   1 
ATOM   182  C CA  . ASP A 1 25  ? -3.174  12.351  1.879   1.00 17.70 ? 25  ASP A CA  1 
ATOM   183  C C   . ASP A 1 25  ? -2.031  12.029  2.830   1.00 17.80 ? 25  ASP A C   1 
ATOM   184  O O   . ASP A 1 25  ? -1.316  12.934  3.262   1.00 21.30 ? 25  ASP A O   1 
ATOM   185  C CB  . ASP A 1 25  ? -4.404  12.739  2.702   1.00 19.09 ? 25  ASP A CB  1 
ATOM   186  C CG  . ASP A 1 25  ? -5.490  13.378  1.859   1.00 22.68 ? 25  ASP A CG  1 
ATOM   187  O OD1 . ASP A 1 25  ? -5.161  13.970  0.809   1.00 24.27 ? 25  ASP A OD1 1 
ATOM   188  O OD2 . ASP A 1 25  ? -6.674  13.285  2.247   1.00 27.57 ? 25  ASP A OD2 1 
ATOM   189  N N   . THR A 1 26  ? -1.848  10.758  3.166   1.00 16.15 ? 26  THR A N   1 
ATOM   190  C CA  . THR A 1 26  ? -0.783  10.381  4.091   1.00 15.36 ? 26  THR A CA  1 
ATOM   191  C C   . THR A 1 26  ? 0.460   9.796   3.415   1.00 15.81 ? 26  THR A C   1 
ATOM   192  O O   . THR A 1 26  ? 1.589   10.138  3.779   1.00 17.16 ? 26  THR A O   1 
ATOM   193  C CB  . THR A 1 26  ? -1.309  9.377   5.149   1.00 14.60 ? 26  THR A CB  1 
ATOM   194  O OG1 . THR A 1 26  ? -2.443  9.940   5.818   1.00 16.60 ? 26  THR A OG1 1 
ATOM   195  C CG2 . THR A 1 26  ? -0.242  9.064   6.173   1.00 15.19 ? 26  THR A CG2 1 
ATOM   196  N N   . LEU A 1 27  ? 0.259   8.934   2.422   1.00 14.31 ? 27  LEU A N   1 
ATOM   197  C CA  . LEU A 1 27  ? 1.380   8.304   1.732   1.00 13.82 ? 27  LEU A CA  1 
ATOM   198  C C   . LEU A 1 27  ? 1.845   9.019   0.463   1.00 13.73 ? 27  LEU A C   1 
ATOM   199  O O   . LEU A 1 27  ? 2.812   8.601   -0.174  1.00 14.80 ? 27  LEU A O   1 
ATOM   200  C CB  . LEU A 1 27  ? 1.037   6.843   1.431   1.00 13.35 ? 27  LEU A CB  1 
ATOM   201  C CG  . LEU A 1 27  ? 0.769   5.990   2.678   1.00 14.50 ? 27  LEU A CG  1 
ATOM   202  C CD1 . LEU A 1 27  ? 0.815   4.513   2.318   1.00 13.91 ? 27  LEU A CD1 1 
ATOM   203  C CD2 . LEU A 1 27  ? 1.804   6.301   3.756   1.00 16.66 ? 27  LEU A CD2 1 
ATOM   204  N N   . GLY A 1 28  ? 1.154   10.088  0.087   1.00 13.02 ? 28  GLY A N   1 
ATOM   205  C CA  . GLY A 1 28  ? 1.566   10.854  -1.077  1.00 13.57 ? 28  GLY A CA  1 
ATOM   206  C C   . GLY A 1 28  ? 1.286   10.328  -2.475  1.00 13.76 ? 28  GLY A C   1 
ATOM   207  O O   . GLY A 1 28  ? 1.994   10.685  -3.419  1.00 13.97 ? 28  GLY A O   1 
ATOM   208  N N   . PHE A 1 29  ? 0.275   9.480   -2.625  1.00 12.47 ? 29  PHE A N   1 
ATOM   209  C CA  . PHE A 1 29  ? -0.071  8.972   -3.946  1.00 12.75 ? 29  PHE A CA  1 
ATOM   210  C C   . PHE A 1 29  ? -1.045  9.969   -4.547  1.00 14.32 ? 29  PHE A C   1 
ATOM   211  O O   . PHE A 1 29  ? -1.562  10.835  -3.840  1.00 16.14 ? 29  PHE A O   1 
ATOM   212  C CB  . PHE A 1 29  ? -0.753  7.609   -3.840  1.00 11.38 ? 29  PHE A CB  1 
ATOM   213  C CG  . PHE A 1 29  ? 0.201   6.463   -3.700  1.00 10.36 ? 29  PHE A CG  1 
ATOM   214  C CD1 . PHE A 1 29  ? 1.073   6.394   -2.614  1.00 10.88 ? 29  PHE A CD1 1 
ATOM   215  C CD2 . PHE A 1 29  ? 0.226   5.446   -4.646  1.00 11.42 ? 29  PHE A CD2 1 
ATOM   216  C CE1 . PHE A 1 29  ? 1.956   5.328   -2.470  1.00 11.62 ? 29  PHE A CE1 1 
ATOM   217  C CE2 . PHE A 1 29  ? 1.106   4.370   -4.513  1.00 11.92 ? 29  PHE A CE2 1 
ATOM   218  C CZ  . PHE A 1 29  ? 1.973   4.313   -3.423  1.00 11.71 ? 29  PHE A CZ  1 
ATOM   219  N N   . GLU A 1 30  ? -1.290  9.862   -5.847  1.00 15.41 ? 30  GLU A N   1 
ATOM   220  C CA  . GLU A 1 30  ? -2.244  10.757  -6.493  1.00 18.41 ? 30  GLU A CA  1 
ATOM   221  C C   . GLU A 1 30  ? -3.487  9.962   -6.874  1.00 17.95 ? 30  GLU A C   1 
ATOM   222  O O   . GLU A 1 30  ? -3.392  8.787   -7.239  1.00 16.56 ? 30  GLU A O   1 
ATOM   223  C CB  . GLU A 1 30  ? -1.644  11.399  -7.747  1.00 22.86 ? 30  GLU A CB  1 
ATOM   224  C CG  . GLU A 1 30  ? -0.287  10.847  -8.166  1.00 33.94 ? 30  GLU A CG  1 
ATOM   225  C CD  . GLU A 1 30  ? 0.106   11.272  -9.579  1.00 40.23 ? 30  GLU A CD  1 
ATOM   226  O OE1 . GLU A 1 30  ? -0.358  12.349  -10.031 1.00 41.79 ? 30  GLU A OE1 1 
ATOM   227  O OE2 . GLU A 1 30  ? 0.878   10.530  -10.235 1.00 42.93 ? 30  GLU A OE2 1 
ATOM   228  N N   . LYS A 1 31  ? -4.643  10.611  -6.796  0.54 17.80 ? 31  LYS A N   1 
ATOM   229  C CA  . LYS A 1 31  ? -5.912  9.983   -7.137  0.54 18.56 ? 31  LYS A CA  1 
ATOM   230  C C   . LYS A 1 31  ? -6.070  9.934   -8.654  0.54 18.90 ? 31  LYS A C   1 
ATOM   231  O O   . LYS A 1 31  ? -6.062  10.970  -9.318  0.54 20.02 ? 31  LYS A O   1 
ATOM   232  C CB  . LYS A 1 31  ? -7.064  10.780  -6.524  0.54 18.98 ? 31  LYS A CB  1 
ATOM   233  C CG  . LYS A 1 31  ? -8.246  9.944   -6.075  0.54 20.35 ? 31  LYS A CG  1 
ATOM   234  C CD  . LYS A 1 31  ? -9.047  10.678  -5.007  0.54 20.97 ? 31  LYS A CD  1 
ATOM   235  C CE  . LYS A 1 31  ? -10.473 10.934  -5.458  0.54 20.49 ? 31  LYS A CE  1 
ATOM   236  N NZ  . LYS A 1 31  ? -11.222 11.730  -4.450  0.54 19.56 ? 31  LYS A NZ  1 
ATOM   237  N N   . ASP A 1 32  ? -6.211  8.729   -9.198  1.00 18.85 ? 32  ASP A N   1 
ATOM   238  C CA  . ASP A 1 32  ? -6.368  8.550   -10.634 1.00 19.83 ? 32  ASP A CA  1 
ATOM   239  C C   . ASP A 1 32  ? -7.823  8.647   -11.072 1.00 18.66 ? 32  ASP A C   1 
ATOM   240  O O   . ASP A 1 32  ? -8.171  9.392   -11.992 1.00 20.00 ? 32  ASP A O   1 
ATOM   241  C CB  . ASP A 1 32  ? -5.833  7.175   -11.032 1.00 25.35 ? 32  ASP A CB  1 
ATOM   242  C CG  . ASP A 1 32  ? -4.616  7.255   -11.914 1.00 30.01 ? 32  ASP A CG  1 
ATOM   243  O OD1 . ASP A 1 32  ? -4.288  8.366   -12.383 1.00 32.61 ? 32  ASP A OD1 1 
ATOM   244  O OD2 . ASP A 1 32  ? -3.988  6.198   -12.133 1.00 33.22 ? 32  ASP A OD2 1 
ATOM   245  N N   . PHE A 1 33  ? -8.669  7.872   -10.407 1.00 14.95 ? 33  PHE A N   1 
ATOM   246  C CA  . PHE A 1 33  ? -10.088 7.828   -10.731 1.00 13.60 ? 33  PHE A CA  1 
ATOM   247  C C   . PHE A 1 33  ? -10.827 7.191   -9.572  1.00 12.22 ? 33  PHE A C   1 
ATOM   248  O O   . PHE A 1 33  ? -10.213 6.762   -8.591  1.00 11.46 ? 33  PHE A O   1 
ATOM   249  C CB  . PHE A 1 33  ? -10.302 6.951   -11.966 1.00 13.20 ? 33  PHE A CB  1 
ATOM   250  C CG  . PHE A 1 33  ? -10.000 5.485   -11.726 1.00 14.49 ? 33  PHE A CG  1 
ATOM   251  C CD1 . PHE A 1 33  ? -10.990 4.618   -11.267 1.00 14.30 ? 33  PHE A CD1 1 
ATOM   252  C CD2 . PHE A 1 33  ? -8.719  4.977   -11.934 1.00 16.31 ? 33  PHE A CD2 1 
ATOM   253  C CE1 . PHE A 1 33  ? -10.710 3.265   -11.017 1.00 17.15 ? 33  PHE A CE1 1 
ATOM   254  C CE2 . PHE A 1 33  ? -8.427  3.627   -11.688 1.00 16.13 ? 33  PHE A CE2 1 
ATOM   255  C CZ  . PHE A 1 33  ? -9.425  2.770   -11.228 1.00 15.90 ? 33  PHE A CZ  1 
ATOM   256  N N   . GLY A 1 34  ? -12.150 7.133   -9.684  1.00 12.33 ? 34  GLY A N   1 
ATOM   257  C CA  . GLY A 1 34  ? -12.908 6.463   -8.653  1.00 12.39 ? 34  GLY A CA  1 
ATOM   258  C C   . GLY A 1 34  ? -14.120 7.074   -7.992  1.00 11.76 ? 34  GLY A C   1 
ATOM   259  O O   . GLY A 1 34  ? -14.457 8.250   -8.159  1.00 12.24 ? 34  GLY A O   1 
ATOM   260  N N   . ASP A 1 35  ? -14.779 6.209   -7.234  1.00 10.35 ? 35  ASP A N   1 
ATOM   261  C CA  . ASP A 1 35  ? -15.949 6.541   -6.447  1.00 10.96 ? 35  ASP A CA  1 
ATOM   262  C C   . ASP A 1 35  ? -15.894 5.602   -5.235  1.00 11.52 ? 35  ASP A C   1 
ATOM   263  O O   . ASP A 1 35  ? -14.870 4.956   -4.991  1.00 11.80 ? 35  ASP A O   1 
ATOM   264  C CB  . ASP A 1 35  ? -17.245 6.349   -7.250  1.00 10.55 ? 35  ASP A CB  1 
ATOM   265  C CG  . ASP A 1 35  ? -17.275 5.050   -8.020  1.00 9.18  ? 35  ASP A CG  1 
ATOM   266  O OD1 . ASP A 1 35  ? -17.003 3.991   -7.420  1.00 10.31 ? 35  ASP A OD1 1 
ATOM   267  O OD2 . ASP A 1 35  ? -17.575 5.086   -9.229  1.00 11.13 ? 35  ASP A OD2 1 
ATOM   268  N N   . ARG A 1 36  ? -16.990 5.505   -4.497  1.00 10.50 ? 36  ARG A N   1 
ATOM   269  C CA  . ARG A 1 36  ? -17.020 4.667   -3.304  0.59 10.93 ? 36  ARG A CA  1 
ATOM   270  C C   . ARG A 1 36  ? -16.933 3.162   -3.555  1.00 10.56 ? 36  ARG A C   1 
ATOM   271  O O   . ARG A 1 36  ? -16.666 2.388   -2.629  1.00 11.82 ? 36  ARG A O   1 
ATOM   272  C CB  . ARG A 1 36  ? -18.270 4.987   -2.481  0.59 12.18 ? 36  ARG A CB  1 
ATOM   273  C CG  . ARG A 1 36  ? -19.336 3.918   -2.520  0.59 12.46 ? 36  ARG A CG  1 
ATOM   274  C CD  . ARG A 1 36  ? -20.563 4.354   -1.754  0.59 14.28 ? 36  ARG A CD  1 
ATOM   275  N NE  . ARG A 1 36  ? -21.778 4.048   -2.496  0.59 15.63 ? 36  ARG A NE  1 
ATOM   276  C CZ  . ARG A 1 36  ? -22.810 4.875   -2.611  0.59 14.61 ? 36  ARG A CZ  1 
ATOM   277  N NH1 . ARG A 1 36  ? -22.779 6.064   -2.030  0.59 15.02 ? 36  ARG A NH1 1 
ATOM   278  N NH2 . ARG A 1 36  ? -23.871 4.508   -3.311  0.59 17.22 ? 36  ARG A NH2 1 
ATOM   279  N N   . ASP A 1 37  ? -17.132 2.738   -4.794  1.00 9.51  ? 37  ASP A N   1 
ATOM   280  C CA  . ASP A 1 37  ? -17.064 1.312   -5.099  1.00 11.69 ? 37  ASP A CA  1 
ATOM   281  C C   . ASP A 1 37  ? -15.746 0.812   -5.668  1.00 11.62 ? 37  ASP A C   1 
ATOM   282  O O   . ASP A 1 37  ? -15.354 -0.329  -5.424  1.00 11.25 ? 37  ASP A O   1 
ATOM   283  C CB  . ASP A 1 37  ? -18.178 0.933   -6.072  1.00 14.67 ? 37  ASP A CB  1 
ATOM   284  C CG  . ASP A 1 37  ? -19.499 0.694   -5.379  1.00 20.20 ? 37  ASP A CG  1 
ATOM   285  O OD1 . ASP A 1 37  ? -19.597 0.949   -4.156  1.00 22.94 ? 37  ASP A OD1 1 
ATOM   286  O OD2 . ASP A 1 37  ? -20.443 0.248   -6.066  1.00 24.69 ? 37  ASP A OD2 1 
ATOM   287  N N   . PHE A 1 38  ? -15.067 1.661   -6.433  1.00 10.50 ? 38  PHE A N   1 
ATOM   288  C CA  . PHE A 1 38  ? -13.816 1.274   -7.075  1.00 9.98  ? 38  PHE A CA  1 
ATOM   289  C C   . PHE A 1 38  ? -13.010 2.537   -7.364  1.00 10.18 ? 38  PHE A C   1 
ATOM   290  O O   . PHE A 1 38  ? -13.512 3.470   -8.001  1.00 10.21 ? 38  PHE A O   1 
ATOM   291  C CB  . PHE A 1 38  ? -14.147 0.525   -8.377  1.00 11.61 ? 38  PHE A CB  1 
ATOM   292  C CG  . PHE A 1 38  ? -12.965 -0.144  -9.033  1.00 13.46 ? 38  PHE A CG  1 
ATOM   293  C CD1 . PHE A 1 38  ? -12.336 -1.227  -8.433  1.00 14.80 ? 38  PHE A CD1 1 
ATOM   294  C CD2 . PHE A 1 38  ? -12.504 0.294   -10.276 1.00 17.37 ? 38  PHE A CD2 1 
ATOM   295  C CE1 . PHE A 1 38  ? -11.264 -1.867  -9.058  1.00 15.11 ? 38  PHE A CE1 1 
ATOM   296  C CE2 . PHE A 1 38  ? -11.432 -0.339  -10.909 1.00 17.12 ? 38  PHE A CE2 1 
ATOM   297  C CZ  . PHE A 1 38  ? -10.813 -1.421  -10.295 1.00 16.26 ? 38  PHE A CZ  1 
ATOM   298  N N   . ALA A 1 39  ? -11.768 2.571   -6.886  1.00 8.75  ? 39  ALA A N   1 
ATOM   299  C CA  . ALA A 1 39  ? -10.904 3.725   -7.092  1.00 8.57  ? 39  ALA A CA  1 
ATOM   300  C C   . ALA A 1 39  ? -9.495  3.296   -7.471  1.00 9.87  ? 39  ALA A C   1 
ATOM   301  O O   . ALA A 1 39  ? -9.144  2.114   -7.395  1.00 9.97  ? 39  ALA A O   1 
ATOM   302  C CB  . ALA A 1 39  ? -10.865 4.592   -5.833  1.00 8.31  ? 39  ALA A CB  1 
ATOM   303  N N   . GLY A 1 40  ? -8.694  4.269   -7.890  1.00 9.73  ? 40  GLY A N   1 
ATOM   304  C CA  . GLY A 1 40  ? -7.327  3.982   -8.273  1.00 10.16 ? 40  GLY A CA  1 
ATOM   305  C C   . GLY A 1 40  ? -6.407  5.102   -7.850  1.00 10.60 ? 40  GLY A C   1 
ATOM   306  O O   . GLY A 1 40  ? -6.775  6.277   -7.904  1.00 11.22 ? 40  GLY A O   1 
ATOM   307  N N   . VAL A 1 41  ? -5.213  4.740   -7.401  1.00 9.76  ? 41  VAL A N   1 
ATOM   308  C CA  . VAL A 1 41  ? -4.237  5.736   -6.994  1.00 10.26 ? 41  VAL A CA  1 
ATOM   309  C C   . VAL A 1 41  ? -2.957  5.412   -7.724  1.00 10.64 ? 41  VAL A C   1 
ATOM   310  O O   . VAL A 1 41  ? -2.806  4.321   -8.271  1.00 9.92  ? 41  VAL A O   1 
ATOM   311  C CB  . VAL A 1 41  ? -3.984  5.710   -5.473  1.00 10.14 ? 41  VAL A CB  1 
ATOM   312  C CG1 . VAL A 1 41  ? -5.233  6.173   -4.740  1.00 11.37 ? 41  VAL A CG1 1 
ATOM   313  C CG2 . VAL A 1 41  ? -3.596  4.308   -5.024  1.00 9.67  ? 41  VAL A CG2 1 
ATOM   314  N N   . ARG A 1 42  ? -2.032  6.359   -7.747  1.00 12.17 ? 42  ARG A N   1 
ATOM   315  C CA  . ARG A 1 42  ? -0.785  6.124   -8.435  1.00 13.47 ? 42  ARG A CA  1 
ATOM   316  C C   . ARG A 1 42  ? 0.352   6.972   -7.893  1.00 12.15 ? 42  ARG A C   1 
ATOM   317  O O   . ARG A 1 42  ? 0.142   8.002   -7.261  1.00 12.36 ? 42  ARG A O   1 
ATOM   318  C CB  . ARG A 1 42  ? -0.971  6.385   -9.933  1.00 17.70 ? 42  ARG A CB  1 
ATOM   319  C CG  . ARG A 1 42  ? -0.721  7.816   -10.344 1.00 25.87 ? 42  ARG A CG  1 
ATOM   320  C CD  . ARG A 1 42  ? -1.058  8.039   -11.807 1.00 32.59 ? 42  ARG A CD  1 
ATOM   321  N NE  . ARG A 1 42  ? -0.921  9.445   -12.181 1.00 39.57 ? 42  ARG A NE  1 
ATOM   322  C CZ  . ARG A 1 42  ? -1.811  10.395  -11.890 1.00 42.62 ? 42  ARG A CZ  1 
ATOM   323  N NH1 . ARG A 1 42  ? -2.916  10.095  -11.217 1.00 43.93 ? 42  ARG A NH1 1 
ATOM   324  N NH2 . ARG A 1 42  ? -1.597  11.649  -12.274 1.00 44.25 ? 42  ARG A NH2 1 
ATOM   325  N N   . ARG A 1 43  ? 1.565   6.496   -8.132  1.00 11.74 ? 43  ARG A N   1 
ATOM   326  C CA  . ARG A 1 43  ? 2.768   7.191   -7.724  1.00 10.59 ? 43  ARG A CA  1 
ATOM   327  C C   . ARG A 1 43  ? 3.894   6.638   -8.589  1.00 11.53 ? 43  ARG A C   1 
ATOM   328  O O   . ARG A 1 43  ? 4.099   5.421   -8.672  1.00 10.01 ? 43  ARG A O   1 
ATOM   329  C CB  . ARG A 1 43  ? 3.064   6.956   -6.241  1.00 10.96 ? 43  ARG A CB  1 
ATOM   330  C CG  . ARG A 1 43  ? 4.312   7.677   -5.784  1.00 10.96 ? 43  ARG A CG  1 
ATOM   331  C CD  . ARG A 1 43  ? 4.315   7.997   -4.301  1.00 13.70 ? 43  ARG A CD  1 
ATOM   332  N NE  . ARG A 1 43  ? 5.623   8.519   -3.911  1.00 15.92 ? 43  ARG A NE  1 
ATOM   333  C CZ  . ARG A 1 43  ? 5.961   8.899   -2.684  1.00 14.24 ? 43  ARG A CZ  1 
ATOM   334  N NH1 . ARG A 1 43  ? 5.091   8.824   -1.688  1.00 14.55 ? 43  ARG A NH1 1 
ATOM   335  N NH2 . ARG A 1 43  ? 7.186   9.352   -2.459  1.00 16.45 ? 43  ARG A NH2 1 
ATOM   336  N N   . GLY A 1 44  ? 4.609   7.533   -9.255  1.00 11.40 ? 44  GLY A N   1 
ATOM   337  C CA  . GLY A 1 44  ? 5.693   7.087   -10.109 1.00 11.82 ? 44  GLY A CA  1 
ATOM   338  C C   . GLY A 1 44  ? 5.145   6.228   -11.228 1.00 10.50 ? 44  GLY A C   1 
ATOM   339  O O   . GLY A 1 44  ? 4.099   6.548   -11.803 1.00 11.84 ? 44  GLY A O   1 
ATOM   340  N N   . ASP A 1 45  ? 5.834   5.131   -11.520 1.00 9.66  ? 45  ASP A N   1 
ATOM   341  C CA  . ASP A 1 45  ? 5.429   4.222   -12.586 1.00 11.29 ? 45  ASP A CA  1 
ATOM   342  C C   . ASP A 1 45  ? 4.405   3.160   -12.174 1.00 11.76 ? 45  ASP A C   1 
ATOM   343  O O   . ASP A 1 45  ? 4.029   2.324   -12.993 1.00 13.42 ? 45  ASP A O   1 
ATOM   344  C CB  . ASP A 1 45  ? 6.655   3.503   -13.158 1.00 10.99 ? 45  ASP A CB  1 
ATOM   345  C CG  . ASP A 1 45  ? 7.460   4.371   -14.106 1.00 11.81 ? 45  ASP A CG  1 
ATOM   346  O OD1 . ASP A 1 45  ? 6.956   5.430   -14.543 1.00 11.33 ? 45  ASP A OD1 1 
ATOM   347  O OD2 . ASP A 1 45  ? 8.607   3.978   -14.411 1.00 12.18 ? 45  ASP A OD2 1 
ATOM   348  N N   . ILE A 1 46  ? 3.944   3.178   -10.926 1.00 10.62 ? 46  ILE A N   1 
ATOM   349  C CA  . ILE A 1 46  ? 2.993   2.155   -10.510 1.00 10.24 ? 46  ILE A CA  1 
ATOM   350  C C   . ILE A 1 46  ? 1.612   2.671   -10.144 1.00 10.68 ? 46  ILE A C   1 
ATOM   351  O O   . ILE A 1 46  ? 1.434   3.843   -9.808  1.00 11.80 ? 46  ILE A O   1 
ATOM   352  C CB  . ILE A 1 46  ? 3.545   1.315   -9.327  1.00 11.71 ? 46  ILE A CB  1 
ATOM   353  C CG1 . ILE A 1 46  ? 3.663   2.177   -8.071  1.00 13.23 ? 46  ILE A CG1 1 
ATOM   354  C CG2 . ILE A 1 46  ? 4.898   0.724   -9.699  1.00 11.25 ? 46  ILE A CG2 1 
ATOM   355  C CD1 . ILE A 1 46  ? 2.666   1.823   -6.989  1.00 16.94 ? 46  ILE A CD1 1 
ATOM   356  N N   . ARG A 1 47  ? 0.635   1.775   -10.225 1.00 9.89  ? 47  ARG A N   1 
ATOM   357  C CA  . ARG A 1 47  ? -0.743  2.099   -9.900  1.00 10.61 ? 47  ARG A CA  1 
ATOM   358  C C   . ARG A 1 47  ? -1.300  1.039   -8.968  1.00 10.42 ? 47  ARG A C   1 
ATOM   359  O O   . ARG A 1 47  ? -0.828  -0.096  -8.952  1.00 11.18 ? 47  ARG A O   1 
ATOM   360  C CB  . ARG A 1 47  ? -1.590  2.136   -11.169 1.00 13.71 ? 47  ARG A CB  1 
ATOM   361  C CG  . ARG A 1 47  ? -1.167  3.195   -12.161 1.00 18.61 ? 47  ARG A CG  1 
ATOM   362  C CD  . ARG A 1 47  ? -2.290  3.510   -13.128 1.00 25.77 ? 47  ARG A CD  1 
ATOM   363  N NE  . ARG A 1 47  ? -2.777  2.317   -13.813 1.00 32.81 ? 47  ARG A NE  1 
ATOM   364  C CZ  . ARG A 1 47  ? -3.987  2.206   -14.361 1.00 37.93 ? 47  ARG A CZ  1 
ATOM   365  N NH1 . ARG A 1 47  ? -4.844  3.221   -14.308 1.00 40.07 ? 47  ARG A NH1 1 
ATOM   366  N NH2 . ARG A 1 47  ? -4.343  1.081   -14.972 1.00 38.95 ? 47  ARG A NH2 1 
ATOM   367  N N   . LEU A 1 48  ? -2.300  1.424   -8.190  1.00 9.61  ? 48  LEU A N   1 
ATOM   368  C CA  . LEU A 1 48  ? -2.965  0.512   -7.272  1.00 10.18 ? 48  LEU A CA  1 
ATOM   369  C C   . LEU A 1 48  ? -4.457  0.779   -7.389  1.00 8.99  ? 48  LEU A C   1 
ATOM   370  O O   . LEU A 1 48  ? -4.874  1.927   -7.512  1.00 9.75  ? 48  LEU A O   1 
ATOM   371  C CB  . LEU A 1 48  ? -2.547  0.774   -5.819  1.00 11.36 ? 48  LEU A CB  1 
ATOM   372  C CG  . LEU A 1 48  ? -1.154  0.413   -5.307  1.00 11.41 ? 48  LEU A CG  1 
ATOM   373  C CD1 . LEU A 1 48  ? -1.027  0.875   -3.859  1.00 13.95 ? 48  LEU A CD1 1 
ATOM   374  C CD2 . LEU A 1 48  ? -0.928  -1.088  -5.407  1.00 14.31 ? 48  LEU A CD2 1 
ATOM   375  N N   . HIS A 1 49  ? -5.254  -0.282  -7.377  1.00 8.85  ? 49  HIS A N   1 
ATOM   376  C CA  . HIS A 1 49  ? -6.703  -0.130  -7.417  1.00 8.77  ? 49  HIS A CA  1 
ATOM   377  C C   . HIS A 1 49  ? -7.210  -0.479  -6.031  1.00 8.22  ? 49  HIS A C   1 
ATOM   378  O O   . HIS A 1 49  ? -6.580  -1.253  -5.312  1.00 8.32  ? 49  HIS A O   1 
ATOM   379  C CB  . HIS A 1 49  ? -7.333  -1.064  -8.446  1.00 9.13  ? 49  HIS A CB  1 
ATOM   380  C CG  . HIS A 1 49  ? -7.068  -0.656  -9.860  1.00 11.67 ? 49  HIS A CG  1 
ATOM   381  N ND1 . HIS A 1 49  ? -7.365  -1.464  -10.936 1.00 13.52 ? 49  HIS A ND1 1 
ATOM   382  C CD2 . HIS A 1 49  ? -6.506  0.465   -10.372 1.00 10.73 ? 49  HIS A CD2 1 
ATOM   383  C CE1 . HIS A 1 49  ? -6.995  -0.858  -12.052 1.00 12.40 ? 49  HIS A CE1 1 
ATOM   384  N NE2 . HIS A 1 49  ? -6.470  0.313   -11.736 1.00 13.04 ? 49  HIS A NE2 1 
ATOM   385  N N   . ILE A 1 50  ? -8.327  0.123   -5.648  1.00 8.15  ? 50  ILE A N   1 
ATOM   386  C CA  . ILE A 1 50  ? -8.935  -0.136  -4.353  1.00 9.41  ? 50  ILE A CA  1 
ATOM   387  C C   . ILE A 1 50  ? -10.395 -0.445  -4.639  1.00 9.96  ? 50  ILE A C   1 
ATOM   388  O O   . ILE A 1 50  ? -11.129 0.383   -5.180  1.00 9.82  ? 50  ILE A O   1 
ATOM   389  C CB  . ILE A 1 50  ? -8.829  1.080   -3.415  1.00 10.75 ? 50  ILE A CB  1 
ATOM   390  C CG1 . ILE A 1 50  ? -7.369  1.525   -3.317  1.00 11.80 ? 50  ILE A CG1 1 
ATOM   391  C CG2 . ILE A 1 50  ? -9.361  0.714   -2.029  1.00 10.92 ? 50  ILE A CG2 1 
ATOM   392  C CD1 . ILE A 1 50  ? -7.144  2.717   -2.424  1.00 14.37 ? 50  ILE A CD1 1 
ATOM   393  N N   . SER A 1 51  ? -10.804 -1.649  -4.278  1.00 8.96  ? 51  SER A N   1 
ATOM   394  C CA  . SER A 1 51  ? -12.155 -2.108  -4.534  1.00 8.58  ? 51  SER A CA  1 
ATOM   395  C C   . SER A 1 51  ? -12.942 -2.318  -3.251  1.00 8.53  ? 51  SER A C   1 
ATOM   396  O O   . SER A 1 51  ? -12.400 -2.768  -2.249  1.00 9.23  ? 51  SER A O   1 
ATOM   397  C CB  . SER A 1 51  ? -12.087 -3.412  -5.320  1.00 9.64  ? 51  SER A CB  1 
ATOM   398  O OG  . SER A 1 51  ? -13.376 -3.906  -5.624  1.00 15.55 ? 51  SER A OG  1 
ATOM   399  N N   . ARG A 1 52  ? -14.227 -1.995  -3.283  1.00 8.48  ? 52  ARG A N   1 
ATOM   400  C CA  . ARG A 1 52  ? -15.056 -2.172  -2.106  1.00 9.62  ? 52  ARG A CA  1 
ATOM   401  C C   . ARG A 1 52  ? -15.420 -3.634  -1.888  1.00 10.12 ? 52  ARG A C   1 
ATOM   402  O O   . ARG A 1 52  ? -15.689 -4.359  -2.840  1.00 11.06 ? 52  ARG A O   1 
ATOM   403  C CB  . ARG A 1 52  ? -16.345 -1.359  -2.228  1.00 11.44 ? 52  ARG A CB  1 
ATOM   404  C CG  . ARG A 1 52  ? -17.183 -1.377  -0.957  1.00 12.44 ? 52  ARG A CG  1 
ATOM   405  C CD  . ARG A 1 52  ? -18.383 -0.474  -1.086  1.00 16.31 ? 52  ARG A CD  1 
ATOM   406  N NE  . ARG A 1 52  ? -19.443 -1.112  -1.858  1.00 22.39 ? 52  ARG A NE  1 
ATOM   407  C CZ  . ARG A 1 52  ? -20.289 -2.009  -1.360  1.00 26.00 ? 52  ARG A CZ  1 
ATOM   408  N NH1 . ARG A 1 52  ? -20.200 -2.374  -0.086  1.00 26.66 ? 52  ARG A NH1 1 
ATOM   409  N NH2 . ARG A 1 52  ? -21.226 -2.542  -2.136  1.00 27.90 ? 52  ARG A NH2 1 
ATOM   410  N N   . THR A 1 53  ? -15.399 -4.066  -0.629  1.00 10.32 ? 53  THR A N   1 
ATOM   411  C CA  . THR A 1 53  ? -15.787 -5.426  -0.277  1.00 10.94 ? 53  THR A CA  1 
ATOM   412  C C   . THR A 1 53  ? -16.757 -5.324  0.892   1.00 11.97 ? 53  THR A C   1 
ATOM   413  O O   . THR A 1 53  ? -16.734 -4.343  1.644   1.00 11.54 ? 53  THR A O   1 
ATOM   414  C CB  . THR A 1 53  ? -14.589 -6.306  0.161   1.00 10.64 ? 53  THR A CB  1 
ATOM   415  O OG1 . THR A 1 53  ? -15.067 -7.617  0.480   1.00 13.38 ? 53  THR A OG1 1 
ATOM   416  C CG2 . THR A 1 53  ? -13.904 -5.730  1.383   1.00 9.92  ? 53  THR A CG2 1 
ATOM   417  N N   . GLU A 1 54  ? -17.608 -6.334  1.037   1.00 14.08 ? 54  GLU A N   1 
ATOM   418  C CA  . GLU A 1 54  ? -18.579 -6.362  2.124   1.00 17.26 ? 54  GLU A CA  1 
ATOM   419  C C   . GLU A 1 54  ? -18.023 -7.177  3.287   1.00 16.20 ? 54  GLU A C   1 
ATOM   420  O O   . GLU A 1 54  ? -18.598 -7.191  4.374   1.00 17.63 ? 54  GLU A O   1 
ATOM   421  C CB  . GLU A 1 54  ? -19.879 -7.005  1.645   1.00 22.52 ? 54  GLU A CB  1 
ATOM   422  C CG  . GLU A 1 54  ? -20.673 -6.146  0.681   1.00 33.25 ? 54  GLU A CG  1 
ATOM   423  C CD  . GLU A 1 54  ? -21.675 -5.259  1.398   1.00 38.82 ? 54  GLU A CD  1 
ATOM   424  O OE1 . GLU A 1 54  ? -21.296 -4.636  2.417   1.00 42.82 ? 54  GLU A OE1 1 
ATOM   425  O OE2 . GLU A 1 54  ? -22.840 -5.189  0.942   1.00 41.81 ? 54  GLU A OE2 1 
ATOM   426  N N   . HIS A 1 55  ? -16.903 -7.850  3.050   1.00 13.62 ? 55  HIS A N   1 
ATOM   427  C CA  . HIS A 1 55  ? -16.291 -8.694  4.071   1.00 12.89 ? 55  HIS A CA  1 
ATOM   428  C C   . HIS A 1 55  ? -14.938 -8.183  4.545   1.00 11.51 ? 55  HIS A C   1 
ATOM   429  O O   . HIS A 1 55  ? -13.978 -8.127  3.777   1.00 10.26 ? 55  HIS A O   1 
ATOM   430  C CB  . HIS A 1 55  ? -16.143 -10.117 3.535   1.00 14.61 ? 55  HIS A CB  1 
ATOM   431  C CG  . HIS A 1 55  ? -17.376 -10.639 2.869   1.00 17.09 ? 55  HIS A CG  1 
ATOM   432  N ND1 . HIS A 1 55  ? -18.481 -11.062 3.576   1.00 17.81 ? 55  HIS A ND1 1 
ATOM   433  C CD2 . HIS A 1 55  ? -17.684 -10.801 1.560   1.00 17.18 ? 55  HIS A CD2 1 
ATOM   434  C CE1 . HIS A 1 55  ? -19.415 -11.460 2.733   1.00 17.44 ? 55  HIS A CE1 1 
ATOM   435  N NE2 . HIS A 1 55  ? -18.957 -11.313 1.503   1.00 17.66 ? 55  HIS A NE2 1 
ATOM   436  N N   . GLN A 1 56  ? -14.863 -7.824  5.822   1.00 9.80  ? 56  GLN A N   1 
ATOM   437  C CA  . GLN A 1 56  ? -13.620 -7.321  6.389   1.00 9.34  ? 56  GLN A CA  1 
ATOM   438  C C   . GLN A 1 56  ? -12.510 -8.369  6.310   1.00 8.58  ? 56  GLN A C   1 
ATOM   439  O O   . GLN A 1 56  ? -11.343 -8.020  6.148   1.00 9.21  ? 56  GLN A O   1 
ATOM   440  C CB  . GLN A 1 56  ? -13.839 -6.885  7.844   1.00 10.04 ? 56  GLN A CB  1 
ATOM   441  C CG  . GLN A 1 56  ? -12.585 -6.394  8.560   1.00 10.39 ? 56  GLN A CG  1 
ATOM   442  C CD  . GLN A 1 56  ? -11.923 -5.206  7.867   1.00 11.83 ? 56  GLN A CD  1 
ATOM   443  O OE1 . GLN A 1 56  ? -10.696 -5.126  7.776   1.00 13.86 ? 56  GLN A OE1 1 
ATOM   444  N NE2 . GLN A 1 56  ? -12.732 -4.278  7.385   1.00 10.22 ? 56  GLN A NE2 1 
ATOM   445  N N   . ILE A 1 57  ? -12.872 -9.648  6.408   1.00 7.60  ? 57  ILE A N   1 
ATOM   446  C CA  . ILE A 1 57  ? -11.882 -10.724 6.351   1.00 8.54  ? 57  ILE A CA  1 
ATOM   447  C C   . ILE A 1 57  ? -11.106 -10.726 5.028   1.00 8.35  ? 57  ILE A C   1 
ATOM   448  O O   . ILE A 1 57  ? -9.957  -11.162 4.974   1.00 9.33  ? 57  ILE A O   1 
ATOM   449  C CB  . ILE A 1 57  ? -12.543 -12.121 6.578   1.00 9.32  ? 57  ILE A CB  1 
ATOM   450  C CG1 . ILE A 1 57  ? -11.464 -13.177 6.816   1.00 10.31 ? 57  ILE A CG1 1 
ATOM   451  C CG2 . ILE A 1 57  ? -13.394 -12.512 5.383   1.00 9.83  ? 57  ILE A CG2 1 
ATOM   452  C CD1 . ILE A 1 57  ? -11.943 -14.358 7.625   1.00 12.05 ? 57  ILE A CD1 1 
ATOM   453  N N   . VAL A 1 58  ? -11.731 -10.238 3.963   1.00 7.83  ? 58  VAL A N   1 
ATOM   454  C CA  . VAL A 1 58  ? -11.068 -10.183 2.667   1.00 8.11  ? 58  VAL A CA  1 
ATOM   455  C C   . VAL A 1 58  ? -9.979  -9.101  2.710   1.00 8.06  ? 58  VAL A C   1 
ATOM   456  O O   . VAL A 1 58  ? -8.850  -9.334  2.282   1.00 7.96  ? 58  VAL A O   1 
ATOM   457  C CB  . VAL A 1 58  ? -12.079 -9.864  1.532   1.00 8.84  ? 58  VAL A CB  1 
ATOM   458  C CG1 . VAL A 1 58  ? -11.341 -9.601  0.216   1.00 9.55  ? 58  VAL A CG1 1 
ATOM   459  C CG2 . VAL A 1 58  ? -13.061 -11.026 1.372   1.00 9.03  ? 58  VAL A CG2 1 
ATOM   460  N N   . ALA A 1 59  ? -10.323 -7.929  3.243   1.00 8.47  ? 59  ALA A N   1 
ATOM   461  C CA  . ALA A 1 59  ? -9.372  -6.823  3.329   1.00 7.78  ? 59  ALA A CA  1 
ATOM   462  C C   . ALA A 1 59  ? -8.184  -7.178  4.213   1.00 8.69  ? 59  ALA A C   1 
ATOM   463  O O   . ALA A 1 59  ? -7.040  -6.877  3.881   1.00 10.04 ? 59  ALA A O   1 
ATOM   464  C CB  . ALA A 1 59  ? -10.060 -5.576  3.863   1.00 9.19  ? 59  ALA A CB  1 
ATOM   465  N N   . ASP A 1 60  ? -8.459  -7.834  5.336   1.00 8.85  ? 60  ASP A N   1 
ATOM   466  C CA  . ASP A 1 60  ? -7.405  -8.214  6.265   1.00 9.51  ? 60  ASP A CA  1 
ATOM   467  C C   . ASP A 1 60  ? -6.492  -9.286  5.706   1.00 10.19 ? 60  ASP A C   1 
ATOM   468  O O   . ASP A 1 60  ? -5.433  -9.546  6.265   1.00 13.20 ? 60  ASP A O   1 
ATOM   469  C CB  . ASP A 1 60  ? -8.003  -8.693  7.588   1.00 10.37 ? 60  ASP A CB  1 
ATOM   470  C CG  . ASP A 1 60  ? -8.477  -7.541  8.455   1.00 12.19 ? 60  ASP A CG  1 
ATOM   471  O OD1 . ASP A 1 60  ? -7.784  -6.503  8.496   1.00 14.27 ? 60  ASP A OD1 1 
ATOM   472  O OD2 . ASP A 1 60  ? -9.542  -7.667  9.092   1.00 13.93 ? 60  ASP A OD2 1 
ATOM   473  N N   . ASN A 1 61  ? -6.900  -9.910  4.606   1.00 8.79  ? 61  ASN A N   1 
ATOM   474  C CA  . ASN A 1 61  ? -6.092  -10.957 3.991   1.00 9.76  ? 61  ASN A CA  1 
ATOM   475  C C   . ASN A 1 61  ? -5.636  -10.585 2.576   1.00 9.67  ? 61  ASN A C   1 
ATOM   476  O O   . ASN A 1 61  ? -5.248  -11.453 1.794   1.00 11.61 ? 61  ASN A O   1 
ATOM   477  C CB  . ASN A 1 61  ? -6.869  -12.282 3.977   1.00 11.21 ? 61  ASN A CB  1 
ATOM   478  C CG  . ASN A 1 61  ? -6.970  -12.913 5.366   1.00 13.39 ? 61  ASN A CG  1 
ATOM   479  O OD1 . ASN A 1 61  ? -7.952  -12.712 6.091   1.00 15.05 ? 61  ASN A OD1 1 
ATOM   480  N ND2 . ASN A 1 61  ? -5.949  -13.670 5.744   1.00 12.24 ? 61  ASN A ND2 1 
ATOM   481  N N   . THR A 1 62  ? -5.681  -9.294  2.257   1.00 7.26  ? 62  THR A N   1 
ATOM   482  C CA  . THR A 1 62  ? -5.244  -8.825  0.948   1.00 7.47  ? 62  THR A CA  1 
ATOM   483  C C   . THR A 1 62  ? -3.862  -8.194  1.099   1.00 7.88  ? 62  THR A C   1 
ATOM   484  O O   . THR A 1 62  ? -3.593  -7.498  2.077   1.00 8.40  ? 62  THR A O   1 
ATOM   485  C CB  . THR A 1 62  ? -6.224  -7.787  0.366   1.00 8.00  ? 62  THR A CB  1 
ATOM   486  O OG1 . THR A 1 62  ? -7.480  -8.422  0.101   1.00 7.76  ? 62  THR A OG1 1 
ATOM   487  C CG2 . THR A 1 62  ? -5.677  -7.197  -0.936  1.00 8.48  ? 62  THR A CG2 1 
ATOM   488  N N   . SER A 1 63  ? -2.983  -8.446  0.135   1.00 7.67  ? 63  SER A N   1 
ATOM   489  C CA  . SER A 1 63  ? -1.632  -7.906  0.198   1.00 7.71  ? 63  SER A CA  1 
ATOM   490  C C   . SER A 1 63  ? -1.094  -7.600  -1.190  1.00 7.91  ? 63  SER A C   1 
ATOM   491  O O   . SER A 1 63  ? -1.694  -7.979  -2.198  1.00 7.80  ? 63  SER A O   1 
ATOM   492  C CB  . SER A 1 63  ? -0.699  -8.892  0.916   1.00 8.08  ? 63  SER A CB  1 
ATOM   493  O OG  . SER A 1 63  ? -0.608  -10.118 0.213   1.00 10.74 ? 63  SER A OG  1 
ATOM   494  N N   . ALA A 1 64  ? 0.039   -6.908  -1.231  1.00 6.99  ? 64  ALA A N   1 
ATOM   495  C CA  . ALA A 1 64  ? 0.671   -6.537  -2.488  1.00 8.00  ? 64  ALA A CA  1 
ATOM   496  C C   . ALA A 1 64  ? 2.144   -6.242  -2.240  1.00 7.82  ? 64  ALA A C   1 
ATOM   497  O O   . ALA A 1 64  ? 2.543   -5.964  -1.109  1.00 7.52  ? 64  ALA A O   1 
ATOM   498  C CB  . ALA A 1 64  ? -0.011  -5.304  -3.075  1.00 7.96  ? 64  ALA A CB  1 
ATOM   499  N N   . TRP A 1 65  ? 2.943   -6.331  -3.298  1.00 8.21  ? 65  TRP A N   1 
ATOM   500  C CA  . TRP A 1 65  ? 4.374   -6.045  -3.228  1.00 9.21  ? 65  TRP A CA  1 
ATOM   501  C C   . TRP A 1 65  ? 4.677   -4.925  -4.204  1.00 9.43  ? 65  TRP A C   1 
ATOM   502  O O   . TRP A 1 65  ? 4.171   -4.915  -5.323  1.00 9.43  ? 65  TRP A O   1 
ATOM   503  C CB  . TRP A 1 65  ? 5.198   -7.267  -3.624  1.00 10.35 ? 65  TRP A CB  1 
ATOM   504  C CG  . TRP A 1 65  ? 5.779   -7.964  -2.478  1.00 13.11 ? 65  TRP A CG  1 
ATOM   505  C CD1 . TRP A 1 65  ? 7.054   -7.849  -2.004  1.00 16.06 ? 65  TRP A CD1 1 
ATOM   506  C CD2 . TRP A 1 65  ? 5.119   -8.903  -1.641  1.00 15.14 ? 65  TRP A CD2 1 
ATOM   507  N NE1 . TRP A 1 65  ? 7.231   -8.666  -0.917  1.00 15.16 ? 65  TRP A NE1 1 
ATOM   508  C CE2 . TRP A 1 65  ? 6.055   -9.326  -0.671  1.00 15.56 ? 65  TRP A CE2 1 
ATOM   509  C CE3 . TRP A 1 65  ? 3.824   -9.433  -1.613  1.00 14.48 ? 65  TRP A CE3 1 
ATOM   510  C CZ2 . TRP A 1 65  ? 5.735   -10.257 0.320   1.00 17.04 ? 65  TRP A CZ2 1 
ATOM   511  C CZ3 . TRP A 1 65  ? 3.503   -10.355 -0.633  1.00 18.12 ? 65  TRP A CZ3 1 
ATOM   512  C CH2 . TRP A 1 65  ? 4.457   -10.760 0.324   1.00 19.30 ? 65  TRP A CH2 1 
ATOM   513  N N   . ILE A 1 66  ? 5.499   -3.980  -3.772  1.00 8.68  ? 66  ILE A N   1 
ATOM   514  C CA  . ILE A 1 66  ? 5.883   -2.860  -4.611  1.00 8.28  ? 66  ILE A CA  1 
ATOM   515  C C   . ILE A 1 66  ? 7.402   -2.748  -4.562  1.00 9.59  ? 66  ILE A C   1 
ATOM   516  O O   . ILE A 1 66  ? 7.997   -2.782  -3.485  1.00 9.42  ? 66  ILE A O   1 
ATOM   517  C CB  . ILE A 1 66  ? 5.246   -1.546  -4.123  0.50 8.03  ? 66  ILE A CB  1 
ATOM   518  C CG1 . ILE A 1 66  ? 3.743   -1.569  -4.412  0.50 7.99  ? 66  ILE A CG1 1 
ATOM   519  C CG2 . ILE A 1 66  ? 5.894   -0.356  -4.821  0.50 7.86  ? 66  ILE A CG2 1 
ATOM   520  C CD1 . ILE A 1 66  ? 2.985   -0.413  -3.809  0.50 8.56  ? 66  ILE A CD1 1 
ATOM   521  N N   . GLU A 1 67  ? 8.019   -2.640  -5.734  1.00 9.73  ? 67  GLU A N   1 
ATOM   522  C CA  . GLU A 1 67  ? 9.468   -2.512  -5.835  1.00 11.16 ? 67  GLU A CA  1 
ATOM   523  C C   . GLU A 1 67  ? 9.857   -1.051  -6.008  1.00 10.26 ? 67  GLU A C   1 
ATOM   524  O O   . GLU A 1 67  ? 9.353   -0.363  -6.897  1.00 9.86  ? 67  GLU A O   1 
ATOM   525  C CB  . GLU A 1 67  ? 9.988   -3.317  -7.023  1.00 14.99 ? 67  GLU A CB  1 
ATOM   526  C CG  . GLU A 1 67  ? 9.700   -4.791  -6.920  1.00 22.55 ? 67  GLU A CG  1 
ATOM   527  C CD  . GLU A 1 67  ? 10.303  -5.565  -8.065  1.00 29.31 ? 67  GLU A CD  1 
ATOM   528  O OE1 . GLU A 1 67  ? 9.920   -5.299  -9.226  1.00 33.51 ? 67  GLU A OE1 1 
ATOM   529  O OE2 . GLU A 1 67  ? 11.161  -6.434  -7.801  1.00 32.82 ? 67  GLU A OE2 1 
ATOM   530  N N   . VAL A 1 68  ? 10.748  -0.586  -5.139  1.00 9.59  ? 68  VAL A N   1 
ATOM   531  C CA  . VAL A 1 68  ? 11.216  0.788   -5.176  1.00 10.12 ? 68  VAL A CA  1 
ATOM   532  C C   . VAL A 1 68  ? 12.732  0.790   -5.163  1.00 10.57 ? 68  VAL A C   1 
ATOM   533  O O   . VAL A 1 68  ? 13.365  -0.197  -4.789  1.00 11.30 ? 68  VAL A O   1 
ATOM   534  C CB  . VAL A 1 68  ? 10.707  1.594   -3.966  1.00 10.32 ? 68  VAL A CB  1 
ATOM   535  C CG1 . VAL A 1 68  ? 9.200   1.754   -4.058  1.00 12.27 ? 68  VAL A CG1 1 
ATOM   536  C CG2 . VAL A 1 68  ? 11.092  0.895   -2.661  1.00 9.33  ? 68  VAL A CG2 1 
ATOM   537  N N   . THR A 1 69  ? 13.319  1.907   -5.565  1.00 10.76 ? 69  THR A N   1 
ATOM   538  C CA  . THR A 1 69  ? 14.765  2.002   -5.608  1.00 11.46 ? 69  THR A CA  1 
ATOM   539  C C   . THR A 1 69  ? 15.409  2.043   -4.227  1.00 12.28 ? 69  THR A C   1 
ATOM   540  O O   . THR A 1 69  ? 16.473  1.458   -4.017  1.00 13.17 ? 69  THR A O   1 
ATOM   541  C CB  . THR A 1 69  ? 15.212  3.252   -6.396  1.00 10.96 ? 69  THR A CB  1 
ATOM   542  O OG1 . THR A 1 69  ? 14.533  4.412   -5.894  1.00 12.01 ? 69  THR A OG1 1 
ATOM   543  C CG2 . THR A 1 69  ? 14.887  3.082   -7.868  1.00 14.13 ? 69  THR A CG2 1 
ATOM   544  N N   . ASP A 1 70  ? 14.754  2.701   -3.278  1.00 11.94 ? 70  ASP A N   1 
ATOM   545  C CA  . ASP A 1 70  ? 15.328  2.843   -1.943  1.00 13.01 ? 70  ASP A CA  1 
ATOM   546  C C   . ASP A 1 70  ? 14.296  2.712   -0.823  1.00 12.10 ? 70  ASP A C   1 
ATOM   547  O O   . ASP A 1 70  ? 13.704  3.703   -0.399  1.00 12.45 ? 70  ASP A O   1 
ATOM   548  C CB  . ASP A 1 70  ? 16.020  4.208   -1.863  1.00 13.45 ? 70  ASP A CB  1 
ATOM   549  C CG  . ASP A 1 70  ? 16.904  4.354   -0.644  1.00 16.40 ? 70  ASP A CG  1 
ATOM   550  O OD1 . ASP A 1 70  ? 16.739  3.580   0.322   1.00 16.05 ? 70  ASP A OD1 1 
ATOM   551  O OD2 . ASP A 1 70  ? 17.769  5.255   -0.659  1.00 17.89 ? 70  ASP A OD2 1 
ATOM   552  N N   . PRO A 1 71  ? 14.078  1.486   -0.318  1.00 11.63 ? 71  PRO A N   1 
ATOM   553  C CA  . PRO A 1 71  ? 13.096  1.289   0.759   1.00 11.26 ? 71  PRO A CA  1 
ATOM   554  C C   . PRO A 1 71  ? 13.320  2.165   1.996   1.00 10.92 ? 71  PRO A C   1 
ATOM   555  O O   . PRO A 1 71  ? 12.365  2.667   2.591   1.00 10.05 ? 71  PRO A O   1 
ATOM   556  C CB  . PRO A 1 71  ? 13.197  -0.206  1.077   1.00 12.34 ? 71  PRO A CB  1 
ATOM   557  C CG  . PRO A 1 71  ? 13.808  -0.818  -0.153  1.00 13.60 ? 71  PRO A CG  1 
ATOM   558  C CD  . PRO A 1 71  ? 14.721  0.225   -0.725  1.00 11.61 ? 71  PRO A CD  1 
ATOM   559  N N   . ASP A 1 72  ? 14.578  2.359   2.378   1.00 10.77 ? 72  ASP A N   1 
ATOM   560  C CA  . ASP A 1 72  ? 14.887  3.175   3.551   1.00 10.53 ? 72  ASP A CA  1 
ATOM   561  C C   . ASP A 1 72  ? 14.451  4.626   3.391   1.00 10.55 ? 72  ASP A C   1 
ATOM   562  O O   . ASP A 1 72  ? 13.877  5.214   4.315   1.00 10.75 ? 72  ASP A O   1 
ATOM   563  C CB  . ASP A 1 72  ? 16.380  3.120   3.852   1.00 10.52 ? 72  ASP A CB  1 
ATOM   564  C CG  . ASP A 1 72  ? 16.781  1.827   4.508   1.00 11.38 ? 72  ASP A CG  1 
ATOM   565  O OD1 . ASP A 1 72  ? 16.606  1.707   5.737   1.00 11.72 ? 72  ASP A OD1 1 
ATOM   566  O OD2 . ASP A 1 72  ? 17.263  0.923   3.788   1.00 14.02 ? 72  ASP A OD2 1 
ATOM   567  N N   . ALA A 1 73  ? 14.724  5.200   2.223   1.00 10.49 ? 73  ALA A N   1 
ATOM   568  C CA  . ALA A 1 73  ? 14.351  6.582   1.952   1.00 10.90 ? 73  ALA A CA  1 
ATOM   569  C C   . ALA A 1 73  ? 12.837  6.743   2.028   1.00 10.77 ? 73  ALA A C   1 
ATOM   570  O O   . ALA A 1 73  ? 12.334  7.728   2.568   1.00 12.87 ? 73  ALA A O   1 
ATOM   571  C CB  . ALA A 1 73  ? 14.853  7.003   0.576   1.00 12.90 ? 73  ALA A CB  1 
ATOM   572  N N   . LEU A 1 74  ? 12.109  5.773   1.486   1.00 10.33 ? 74  LEU A N   1 
ATOM   573  C CA  . LEU A 1 74  ? 10.653  5.833   1.508   1.00 9.92  ? 74  LEU A CA  1 
ATOM   574  C C   . LEU A 1 74  ? 10.153  5.714   2.941   1.00 8.59  ? 74  LEU A C   1 
ATOM   575  O O   . LEU A 1 74  ? 9.247   6.435   3.358   1.00 9.43  ? 74  LEU A O   1 
ATOM   576  C CB  . LEU A 1 74  ? 10.062  4.710   0.655   1.00 9.68  ? 74  LEU A CB  1 
ATOM   577  C CG  . LEU A 1 74  ? 8.552   4.787   0.407   1.00 9.96  ? 74  LEU A CG  1 
ATOM   578  C CD1 . LEU A 1 74  ? 8.186   6.110   -0.266  1.00 10.88 ? 74  LEU A CD1 1 
ATOM   579  C CD2 . LEU A 1 74  ? 8.134   3.621   -0.464  1.00 9.44  ? 74  LEU A CD2 1 
ATOM   580  N N   . HIS A 1 75  ? 10.757  4.796   3.689   1.00 9.09  ? 75  HIS A N   1 
ATOM   581  C CA  . HIS A 1 75  ? 10.400  4.575   5.087   1.00 9.66  ? 75  HIS A CA  1 
ATOM   582  C C   . HIS A 1 75  ? 10.602  5.864   5.877   1.00 10.28 ? 75  HIS A C   1 
ATOM   583  O O   . HIS A 1 75  ? 9.771   6.231   6.704   1.00 11.56 ? 75  HIS A O   1 
ATOM   584  C CB  . HIS A 1 75  ? 11.271  3.458   5.669   1.00 8.95  ? 75  HIS A CB  1 
ATOM   585  C CG  . HIS A 1 75  ? 10.876  3.028   7.049   1.00 9.65  ? 75  HIS A CG  1 
ATOM   586  N ND1 . HIS A 1 75  ? 11.367  3.635   8.186   1.00 10.07 ? 75  HIS A ND1 1 
ATOM   587  C CD2 . HIS A 1 75  ? 10.061  2.034   7.474   1.00 10.31 ? 75  HIS A CD2 1 
ATOM   588  C CE1 . HIS A 1 75  ? 10.870  3.032   9.252   1.00 10.58 ? 75  HIS A CE1 1 
ATOM   589  N NE2 . HIS A 1 75  ? 10.075  2.057   8.848   1.00 10.42 ? 75  HIS A NE2 1 
ATOM   590  N N   . GLU A 1 76  ? 11.708  6.553   5.617   1.00 12.07 ? 76  GLU A N   1 
ATOM   591  C CA  . GLU A 1 76  ? 11.998  7.800   6.312   1.00 13.65 ? 76  GLU A CA  1 
ATOM   592  C C   . GLU A 1 76  ? 10.934  8.854   6.012   1.00 14.71 ? 76  GLU A C   1 
ATOM   593  O O   . GLU A 1 76  ? 10.503  9.579   6.909   1.00 15.83 ? 76  GLU A O   1 
ATOM   594  C CB  . GLU A 1 76  ? 13.380  8.324   5.909   1.00 16.83 ? 76  GLU A CB  1 
ATOM   595  C CG  . GLU A 1 76  ? 14.528  7.504   6.470   1.00 22.75 ? 76  GLU A CG  1 
ATOM   596  C CD  . GLU A 1 76  ? 15.724  7.444   5.531   1.00 27.92 ? 76  GLU A CD  1 
ATOM   597  O OE1 . GLU A 1 76  ? 15.886  8.379   4.712   1.00 31.68 ? 76  GLU A OE1 1 
ATOM   598  O OE2 . GLU A 1 76  ? 16.502  6.465   5.611   1.00 28.07 ? 76  GLU A OE2 1 
ATOM   599  N N   . GLU A 1 77  ? 10.502  8.935   4.755   1.00 14.87 ? 77  GLU A N   1 
ATOM   600  C CA  . GLU A 1 77  ? 9.486   9.911   4.369   1.00 15.54 ? 77  GLU A CA  1 
ATOM   601  C C   . GLU A 1 77  ? 8.173   9.704   5.117   1.00 14.92 ? 77  GLU A C   1 
ATOM   602  O O   . GLU A 1 77  ? 7.487   10.669  5.454   1.00 16.13 ? 77  GLU A O   1 
ATOM   603  C CB  . GLU A 1 77  ? 9.211   9.844   2.864   1.00 17.81 ? 77  GLU A CB  1 
ATOM   604  C CG  . GLU A 1 77  ? 7.947   10.603  2.448   1.00 23.01 ? 77  GLU A CG  1 
ATOM   605  C CD  . GLU A 1 77  ? 7.550   10.371  0.995   1.00 25.84 ? 77  GLU A CD  1 
ATOM   606  O OE1 . GLU A 1 77  ? 8.455   10.120  0.170   1.00 24.90 ? 77  GLU A OE1 1 
ATOM   607  O OE2 . GLU A 1 77  ? 6.332   10.442  0.681   1.00 26.80 ? 77  GLU A OE2 1 
ATOM   608  N N   . TRP A 1 78  ? 7.828   8.448   5.379   1.00 13.77 ? 78  TRP A N   1 
ATOM   609  C CA  . TRP A 1 78  ? 6.578   8.113   6.060   1.00 14.16 ? 78  TRP A CA  1 
ATOM   610  C C   . TRP A 1 78  ? 6.662   7.980   7.578   1.00 15.56 ? 78  TRP A C   1 
ATOM   611  O O   . TRP A 1 78  ? 5.636   7.946   8.256   1.00 14.84 ? 78  TRP A O   1 
ATOM   612  C CB  . TRP A 1 78  ? 6.014   6.814   5.481   1.00 12.34 ? 78  TRP A CB  1 
ATOM   613  C CG  . TRP A 1 78  ? 5.574   6.938   4.056   1.00 13.39 ? 78  TRP A CG  1 
ATOM   614  C CD1 . TRP A 1 78  ? 5.308   8.094   3.379   1.00 12.89 ? 78  TRP A CD1 1 
ATOM   615  C CD2 . TRP A 1 78  ? 5.337   5.868   3.133   1.00 13.29 ? 78  TRP A CD2 1 
ATOM   616  N NE1 . TRP A 1 78  ? 4.919   7.811   2.092   1.00 13.99 ? 78  TRP A NE1 1 
ATOM   617  C CE2 . TRP A 1 78  ? 4.927   6.453   1.913   1.00 13.63 ? 78  TRP A CE2 1 
ATOM   618  C CE3 . TRP A 1 78  ? 5.428   4.470   3.217   1.00 14.26 ? 78  TRP A CE3 1 
ATOM   619  C CZ2 . TRP A 1 78  ? 4.607   5.688   0.782   1.00 13.23 ? 78  TRP A CZ2 1 
ATOM   620  C CZ3 . TRP A 1 78  ? 5.109   3.709   2.092   1.00 14.74 ? 78  TRP A CZ3 1 
ATOM   621  C CH2 . TRP A 1 78  ? 4.703   4.324   0.891   1.00 14.15 ? 78  TRP A CH2 1 
ATOM   622  N N   . ALA A 1 79  ? 7.878   7.908   8.108   1.00 17.11 ? 79  ALA A N   1 
ATOM   623  C CA  . ALA A 1 79  ? 8.076   7.744   9.544   1.00 20.64 ? 79  ALA A CA  1 
ATOM   624  C C   . ALA A 1 79  ? 7.412   8.824   10.389  1.00 23.14 ? 79  ALA A C   1 
ATOM   625  O O   . ALA A 1 79  ? 7.153   8.619   11.574  1.00 24.65 ? 79  ALA A O   1 
ATOM   626  C CB  . ALA A 1 79  ? 9.568   7.684   9.854   1.00 20.85 ? 79  ALA A CB  1 
ATOM   627  N N   . ARG A 1 80  ? 7.127   9.966   9.782   1.00 25.36 ? 80  ARG A N   1 
ATOM   628  C CA  . ARG A 1 80  ? 6.504   11.070  10.503  1.00 29.38 ? 80  ARG A CA  1 
ATOM   629  C C   . ARG A 1 80  ? 4.978   11.071  10.441  1.00 27.95 ? 80  ARG A C   1 
ATOM   630  O O   . ARG A 1 80  ? 4.322   11.726  11.251  1.00 29.11 ? 80  ARG A O   1 
ATOM   631  C CB  . ARG A 1 80  ? 7.030   12.399  9.956   1.00 34.76 ? 80  ARG A CB  1 
ATOM   632  C CG  . ARG A 1 80  ? 7.286   12.385  8.453   1.00 41.57 ? 80  ARG A CG  1 
ATOM   633  C CD  . ARG A 1 80  ? 8.442   13.307  8.072   1.00 47.88 ? 80  ARG A CD  1 
ATOM   634  N NE  . ARG A 1 80  ? 9.740   12.636  8.147   1.00 52.04 ? 80  ARG A NE  1 
ATOM   635  C CZ  . ARG A 1 80  ? 10.623  12.594  7.152   1.00 54.35 ? 80  ARG A CZ  1 
ATOM   636  N NH1 . ARG A 1 80  ? 10.353  13.186  5.992   1.00 55.03 ? 80  ARG A NH1 1 
ATOM   637  N NH2 . ARG A 1 80  ? 11.782  11.966  7.320   1.00 55.63 ? 80  ARG A NH2 1 
ATOM   638  N N   . ALA A 1 81  ? 4.413   10.333  9.493   1.00 25.12 ? 81  ALA A N   1 
ATOM   639  C CA  . ALA A 1 81  ? 2.967   10.299  9.337   1.00 22.67 ? 81  ALA A CA  1 
ATOM   640  C C   . ALA A 1 81  ? 2.310   8.991   9.756   1.00 21.40 ? 81  ALA A C   1 
ATOM   641  O O   . ALA A 1 81  ? 1.116   8.968   10.056  1.00 21.55 ? 81  ALA A O   1 
ATOM   642  C CB  . ALA A 1 81  ? 2.609   10.611  7.888   1.00 23.29 ? 81  ALA A CB  1 
ATOM   643  N N   . VAL A 1 82  ? 3.086   7.911   9.786   1.00 19.44 ? 82  VAL A N   1 
ATOM   644  C CA  . VAL A 1 82  ? 2.553   6.596   10.136  1.00 17.42 ? 82  VAL A CA  1 
ATOM   645  C C   . VAL A 1 82  ? 3.085   6.012   11.438  1.00 16.44 ? 82  VAL A C   1 
ATOM   646  O O   . VAL A 1 82  ? 4.267   6.128   11.747  1.00 16.61 ? 82  VAL A O   1 
ATOM   647  C CB  . VAL A 1 82  ? 2.842   5.572   9.012   1.00 16.66 ? 82  VAL A CB  1 
ATOM   648  C CG1 . VAL A 1 82  ? 2.083   4.290   9.277   1.00 15.84 ? 82  VAL A CG1 1 
ATOM   649  C CG2 . VAL A 1 82  ? 2.462   6.157   7.663   1.00 17.27 ? 82  VAL A CG2 1 
ATOM   650  N N   . SER A 1 83  ? 2.202   5.361   12.186  1.00 15.29 ? 83  SER A N   1 
ATOM   651  C CA  . SER A 1 83  ? 2.571   4.733   13.450  1.00 16.96 ? 83  SER A CA  1 
ATOM   652  C C   . SER A 1 83  ? 3.572   3.594   13.216  1.00 18.04 ? 83  SER A C   1 
ATOM   653  O O   . SER A 1 83  ? 3.451   2.838   12.255  1.00 16.02 ? 83  SER A O   1 
ATOM   654  C CB  . SER A 1 83  ? 1.313   4.189   14.140  1.00 15.52 ? 83  SER A CB  1 
ATOM   655  O OG  . SER A 1 83  ? 1.628   3.536   15.357  1.00 18.37 ? 83  SER A OG  1 
ATOM   656  N N   . THR A 1 84  ? 4.562   3.475   14.096  1.00 20.07 ? 84  THR A N   1 
ATOM   657  C CA  . THR A 1 84  ? 5.561   2.417   13.962  1.00 25.02 ? 84  THR A CA  1 
ATOM   658  C C   . THR A 1 84  ? 5.217   1.252   14.880  1.00 27.49 ? 84  THR A C   1 
ATOM   659  O O   . THR A 1 84  ? 6.038   0.363   15.111  1.00 28.19 ? 84  THR A O   1 
ATOM   660  C CB  . THR A 1 84  ? 6.982   2.917   14.306  1.00 26.27 ? 84  THR A CB  1 
ATOM   661  O OG1 . THR A 1 84  ? 7.024   3.344   15.675  1.00 29.04 ? 84  THR A OG1 1 
ATOM   662  C CG2 . THR A 1 84  ? 7.377   4.070   13.396  1.00 27.24 ? 84  THR A CG2 1 
ATOM   663  N N   . ASP A 1 85  ? 3.995   1.266   15.401  1.00 30.67 ? 85  ASP A N   1 
ATOM   664  C CA  . ASP A 1 85  ? 3.518   0.212   16.288  1.00 34.68 ? 85  ASP A CA  1 
ATOM   665  C C   . ASP A 1 85  ? 2.638   -0.759  15.504  1.00 35.50 ? 85  ASP A C   1 
ATOM   666  O O   . ASP A 1 85  ? 1.409   -0.738  15.618  1.00 35.01 ? 85  ASP A O   1 
ATOM   667  C CB  . ASP A 1 85  ? 2.722   0.824   17.444  1.00 38.21 ? 85  ASP A CB  1 
ATOM   668  C CG  . ASP A 1 85  ? 2.760   -0.032  18.699  1.00 42.33 ? 85  ASP A CG  1 
ATOM   669  O OD1 . ASP A 1 85  ? 3.545   -1.010  18.736  1.00 44.31 ? 85  ASP A OD1 1 
ATOM   670  O OD2 . ASP A 1 85  ? 2.004   0.278   19.645  1.00 44.57 ? 85  ASP A OD2 1 
ATOM   671  N N   . TYR A 1 86  ? 3.277   -1.608  14.706  1.00 36.71 ? 86  TYR A N   1 
ATOM   672  C CA  . TYR A 1 86  ? 2.572   -2.584  13.885  1.00 39.90 ? 86  TYR A CA  1 
ATOM   673  C C   . TYR A 1 86  ? 1.651   -3.497  14.707  1.00 41.21 ? 86  TYR A C   1 
ATOM   674  O O   . TYR A 1 86  ? 0.529   -3.799  14.288  1.00 40.18 ? 86  TYR A O   1 
ATOM   675  C CB  . TYR A 1 86  ? 3.589   -3.421  13.101  1.00 41.07 ? 86  TYR A CB  1 
ATOM   676  C CG  . TYR A 1 86  ? 3.055   -4.015  11.810  1.00 43.14 ? 86  TYR A CG  1 
ATOM   677  C CD1 . TYR A 1 86  ? 2.721   -3.200  10.726  1.00 42.80 ? 86  TYR A CD1 1 
ATOM   678  C CD2 . TYR A 1 86  ? 2.902   -5.398  11.667  1.00 43.54 ? 86  TYR A CD2 1 
ATOM   679  C CE1 . TYR A 1 86  ? 2.246   -3.752  9.531   1.00 44.31 ? 86  TYR A CE1 1 
ATOM   680  C CE2 . TYR A 1 86  ? 2.429   -5.958  10.479  1.00 44.01 ? 86  TYR A CE2 1 
ATOM   681  C CZ  . TYR A 1 86  ? 2.103   -5.134  9.414   1.00 44.94 ? 86  TYR A CZ  1 
ATOM   682  O OH  . TYR A 1 86  ? 1.638   -5.691  8.239   1.00 45.89 ? 86  TYR A OH  1 
ATOM   683  N N   . ALA A 1 87  ? 2.127   -3.931  15.872  1.00 43.29 ? 87  ALA A N   1 
ATOM   684  C CA  . ALA A 1 87  ? 1.343   -4.802  16.748  1.00 45.76 ? 87  ALA A CA  1 
ATOM   685  C C   . ALA A 1 87  ? 0.025   -4.130  17.123  1.00 47.12 ? 87  ALA A C   1 
ATOM   686  O O   . ALA A 1 87  ? -0.968  -4.801  17.414  1.00 47.98 ? 87  ALA A O   1 
ATOM   687  C CB  . ALA A 1 87  ? 2.137   -5.138  18.005  1.00 45.97 ? 87  ALA A CB  1 
ATOM   688  N N   . ASP A 1 88  ? 0.028   -2.800  17.121  1.00 48.00 ? 88  ASP A N   1 
ATOM   689  C CA  . ASP A 1 88  ? -1.169  -2.032  17.438  1.00 48.34 ? 88  ASP A CA  1 
ATOM   690  C C   . ASP A 1 88  ? -2.072  -2.077  16.217  1.00 48.27 ? 88  ASP A C   1 
ATOM   691  O O   . ASP A 1 88  ? -2.041  -1.178  15.373  1.00 47.70 ? 88  ASP A O   1 
ATOM   692  C CB  . ASP A 1 88  ? -0.800  -0.583  17.758  1.00 49.50 ? 88  ASP A CB  1 
ATOM   693  C CG  . ASP A 1 88  ? -1.943  0.179   18.392  1.00 50.70 ? 88  ASP A CG  1 
ATOM   694  O OD1 . ASP A 1 88  ? -3.034  -0.409  18.536  1.00 51.51 ? 88  ASP A OD1 1 
ATOM   695  O OD2 . ASP A 1 88  ? -1.750  1.363   18.744  1.00 51.98 ? 88  ASP A OD2 1 
ATOM   696  N N   . THR A 1 89  ? -2.869  -3.137  16.127  1.00 47.98 ? 89  THR A N   1 
ATOM   697  C CA  . THR A 1 89  ? -3.778  -3.335  15.006  1.00 48.92 ? 89  THR A CA  1 
ATOM   698  C C   . THR A 1 89  ? -4.951  -2.356  15.020  1.00 48.14 ? 89  THR A C   1 
ATOM   699  O O   . THR A 1 89  ? -5.851  -2.428  14.176  1.00 47.91 ? 89  THR A O   1 
ATOM   700  C CB  . THR A 1 89  ? -4.314  -4.788  14.989  1.00 49.92 ? 89  THR A CB  1 
ATOM   701  O OG1 . THR A 1 89  ? -4.535  -5.198  13.633  1.00 52.07 ? 89  THR A OG1 1 
ATOM   702  C CG2 . THR A 1 89  ? -5.618  -4.899  15.781  1.00 50.35 ? 89  THR A CG2 1 
ATOM   703  N N   . SER A 1 90  ? -4.928  -1.438  15.981  1.00 46.80 ? 90  SER A N   1 
ATOM   704  C CA  . SER A 1 90  ? -5.979  -0.435  16.121  1.00 44.91 ? 90  SER A CA  1 
ATOM   705  C C   . SER A 1 90  ? -6.076  0.463   14.889  1.00 42.22 ? 90  SER A C   1 
ATOM   706  O O   . SER A 1 90  ? -7.091  1.137   14.681  1.00 43.13 ? 90  SER A O   1 
ATOM   707  C CB  . SER A 1 90  ? -5.721  0.425   17.358  1.00 46.42 ? 90  SER A CB  1 
ATOM   708  O OG  . SER A 1 90  ? -4.650  1.331   17.132  1.00 48.96 ? 90  SER A OG  1 
ATOM   709  N N   . GLY A 1 91  ? -5.023  0.480   14.077  1.00 37.15 ? 91  GLY A N   1 
ATOM   710  C CA  . GLY A 1 91  ? -5.045  1.309   12.886  1.00 30.93 ? 91  GLY A CA  1 
ATOM   711  C C   . GLY A 1 91  ? -3.869  1.101   11.954  1.00 25.46 ? 91  GLY A C   1 
ATOM   712  O O   . GLY A 1 91  ? -3.153  0.102   12.056  1.00 25.95 ? 91  GLY A O   1 
ATOM   713  N N   . PRO A 1 92  ? -3.646  2.037   11.024  1.00 20.55 ? 92  PRO A N   1 
ATOM   714  C CA  . PRO A 1 92  ? -2.522  1.885   10.098  1.00 17.98 ? 92  PRO A CA  1 
ATOM   715  C C   . PRO A 1 92  ? -1.200  1.905   10.857  1.00 16.32 ? 92  PRO A C   1 
ATOM   716  O O   . PRO A 1 92  ? -1.054  2.604   11.860  1.00 16.17 ? 92  PRO A O   1 
ATOM   717  C CB  . PRO A 1 92  ? -2.663  3.076   9.154   1.00 18.20 ? 92  PRO A CB  1 
ATOM   718  C CG  . PRO A 1 92  ? -3.474  4.074   9.919   1.00 18.73 ? 92  PRO A CG  1 
ATOM   719  C CD  . PRO A 1 92  ? -4.398  3.281   10.786  1.00 18.70 ? 92  PRO A CD  1 
ATOM   720  N N   . ALA A 1 93  ? -0.243  1.128   10.378  1.00 12.85 ? 93  ALA A N   1 
ATOM   721  C CA  . ALA A 1 93  ? 1.053   1.064   11.018  1.00 12.29 ? 93  ALA A CA  1 
ATOM   722  C C   . ALA A 1 93  ? 2.074   0.640   9.981   1.00 11.93 ? 93  ALA A C   1 
ATOM   723  O O   . ALA A 1 93  ? 1.718   0.151   8.908   1.00 12.16 ? 93  ALA A O   1 
ATOM   724  C CB  . ALA A 1 93  ? 1.019   0.083   12.170  1.00 12.71 ? 93  ALA A CB  1 
ATOM   725  N N   . MET A 1 94  ? 3.343   0.826   10.314  1.00 11.28 ? 94  MET A N   1 
ATOM   726  C CA  . MET A 1 94  ? 4.443   0.506   9.422   1.00 11.93 ? 94  MET A CA  1 
ATOM   727  C C   . MET A 1 94  ? 5.487   -0.277  10.206  1.00 11.55 ? 94  MET A C   1 
ATOM   728  O O   . MET A 1 94  ? 5.701   -0.021  11.391  1.00 11.95 ? 94  MET A O   1 
ATOM   729  C CB  . MET A 1 94  ? 5.024   1.823   8.903   1.00 15.52 ? 94  MET A CB  1 
ATOM   730  C CG  . MET A 1 94  ? 6.220   1.721   8.006   1.00 20.01 ? 94  MET A CG  1 
ATOM   731  S SD  . MET A 1 94  ? 6.598   3.367   7.345   1.00 22.36 ? 94  MET A SD  1 
ATOM   732  C CE  . MET A 1 94  ? 7.067   4.249   8.817   1.00 20.73 ? 94  MET A CE  1 
ATOM   733  N N   . THR A 1 95  ? 6.128   -1.237  9.549   1.00 10.32 ? 95  THR A N   1 
ATOM   734  C CA  . THR A 1 95  ? 7.151   -2.055  10.194  1.00 10.99 ? 95  THR A CA  1 
ATOM   735  C C   . THR A 1 95  ? 8.523   -1.430  10.004  1.00 10.63 ? 95  THR A C   1 
ATOM   736  O O   . THR A 1 95  ? 8.690   -0.496  9.221   1.00 10.75 ? 95  THR A O   1 
ATOM   737  C CB  . THR A 1 95  ? 7.243   -3.467  9.568   1.00 10.22 ? 95  THR A CB  1 
ATOM   738  O OG1 . THR A 1 95  ? 7.882   -3.371  8.289   1.00 9.94  ? 95  THR A OG1 1 
ATOM   739  C CG2 . THR A 1 95  ? 5.870   -4.081  9.401   1.00 11.48 ? 95  THR A CG2 1 
ATOM   740  N N   . PRO A 1 96  ? 9.522   -1.911  10.757  1.00 10.95 ? 96  PRO A N   1 
ATOM   741  C CA  . PRO A 1 96  ? 10.856  -1.344  10.572  1.00 11.13 ? 96  PRO A CA  1 
ATOM   742  C C   . PRO A 1 96  ? 11.386  -1.877  9.236   1.00 11.05 ? 96  PRO A C   1 
ATOM   743  O O   . PRO A 1 96  ? 10.822  -2.815  8.661   1.00 11.12 ? 96  PRO A O   1 
ATOM   744  C CB  . PRO A 1 96  ? 11.667  -1.911  11.748  1.00 11.29 ? 96  PRO A CB  1 
ATOM   745  C CG  . PRO A 1 96  ? 10.672  -2.548  12.669  1.00 11.40 ? 96  PRO A CG  1 
ATOM   746  C CD  . PRO A 1 96  ? 9.489   -2.918  11.831  1.00 11.41 ? 96  PRO A CD  1 
ATOM   747  N N   . VAL A 1 97  ? 12.451  -1.276  8.732   1.00 11.39 ? 97  VAL A N   1 
ATOM   748  C CA  . VAL A 1 97  ? 13.052  -1.765  7.505   1.00 11.88 ? 97  VAL A CA  1 
ATOM   749  C C   . VAL A 1 97  ? 13.901  -2.958  7.945   1.00 13.40 ? 97  VAL A C   1 
ATOM   750  O O   . VAL A 1 97  ? 14.630  -2.883  8.942   1.00 13.79 ? 97  VAL A O   1 
ATOM   751  C CB  . VAL A 1 97  ? 13.964  -0.697  6.851   1.00 11.46 ? 97  VAL A CB  1 
ATOM   752  C CG1 . VAL A 1 97  ? 14.687  -1.288  5.643   1.00 13.27 ? 97  VAL A CG1 1 
ATOM   753  C CG2 . VAL A 1 97  ? 13.133  0.508   6.432   1.00 11.56 ? 97  VAL A CG2 1 
ATOM   754  N N   . GLY A 1 98  ? 13.800  -4.058  7.214   1.00 12.92 ? 98  GLY A N   1 
ATOM   755  C CA  . GLY A 1 98  ? 14.575  -5.233  7.560   1.00 16.20 ? 98  GLY A CA  1 
ATOM   756  C C   . GLY A 1 98  ? 15.334  -5.779  6.369   1.00 17.93 ? 98  GLY A C   1 
ATOM   757  O O   . GLY A 1 98  ? 15.025  -5.463  5.223   1.00 18.45 ? 98  GLY A O   1 
ATOM   758  N N   . GLU A 1 99  ? 16.337  -6.601  6.642   1.00 21.70 ? 99  GLU A N   1 
ATOM   759  C CA  . GLU A 1 99  ? 17.139  -7.197  5.590   1.00 25.54 ? 99  GLU A CA  1 
ATOM   760  C C   . GLU A 1 99  ? 16.618  -8.589  5.292   1.00 26.23 ? 99  GLU A C   1 
ATOM   761  O O   . GLU A 1 99  ? 16.273  -9.344  6.196   1.00 27.70 ? 99  GLU A O   1 
ATOM   762  C CB  . GLU A 1 99  ? 18.604  -7.291  6.020   1.00 29.50 ? 99  GLU A CB  1 
ATOM   763  C CG  . GLU A 1 99  ? 19.302  -5.949  6.165   1.00 35.74 ? 99  GLU A CG  1 
ATOM   764  C CD  . GLU A 1 99  ? 20.188  -5.621  4.977   1.00 38.63 ? 99  GLU A CD  1 
ATOM   765  O OE1 . GLU A 1 99  ? 20.102  -6.331  3.949   1.00 40.61 ? 99  GLU A OE1 1 
ATOM   766  O OE2 . GLU A 1 99  ? 20.971  -4.650  5.075   1.00 41.13 ? 99  GLU A OE2 1 
ATOM   767  N N   . SER A 1 100 ? 16.549  -8.920  4.014   1.00 26.86 ? 100 SER A N   1 
ATOM   768  C CA  . SER A 1 100 ? 16.099  -10.238 3.610   1.00 29.43 ? 100 SER A CA  1 
ATOM   769  C C   . SER A 1 100 ? 17.093  -10.707 2.561   1.00 30.72 ? 100 SER A C   1 
ATOM   770  O O   . SER A 1 100 ? 17.928  -9.925  2.100   1.00 30.70 ? 100 SER A O   1 
ATOM   771  C CB  . SER A 1 100 ? 14.684  -10.164 3.028   1.00 28.66 ? 100 SER A CB  1 
ATOM   772  O OG  . SER A 1 100 ? 14.703  -9.728  1.683   1.00 29.36 ? 100 SER A OG  1 
ATOM   773  N N   . PRO A 1 101 ? 17.050  -11.996 2.193   1.00 32.39 ? 101 PRO A N   1 
ATOM   774  C CA  . PRO A 1 101 ? 18.011  -12.435 1.175   1.00 32.37 ? 101 PRO A CA  1 
ATOM   775  C C   . PRO A 1 101 ? 17.811  -11.652 -0.127  1.00 31.82 ? 101 PRO A C   1 
ATOM   776  O O   . PRO A 1 101 ? 18.739  -11.505 -0.925  1.00 31.44 ? 101 PRO A O   1 
ATOM   777  C CB  . PRO A 1 101 ? 17.721  -13.931 1.012   1.00 33.63 ? 101 PRO A CB  1 
ATOM   778  C CG  . PRO A 1 101 ? 16.345  -14.136 1.590   1.00 34.52 ? 101 PRO A CG  1 
ATOM   779  C CD  . PRO A 1 101 ? 16.185  -13.094 2.662   1.00 33.98 ? 101 PRO A CD  1 
ATOM   780  N N   . ALA A 1 102 ? 16.598  -11.136 -0.318  1.00 30.66 ? 102 ALA A N   1 
ATOM   781  C CA  . ALA A 1 102 ? 16.257  -10.372 -1.515  1.00 30.27 ? 102 ALA A CA  1 
ATOM   782  C C   . ALA A 1 102 ? 16.430  -8.859  -1.345  1.00 29.87 ? 102 ALA A C   1 
ATOM   783  O O   . ALA A 1 102 ? 15.998  -8.082  -2.201  1.00 31.79 ? 102 ALA A O   1 
ATOM   784  C CB  . ALA A 1 102 ? 14.827  -10.682 -1.937  1.00 30.56 ? 102 ALA A CB  1 
ATOM   785  N N   . GLY A 1 103 ? 17.053  -8.442  -0.246  1.00 26.87 ? 103 GLY A N   1 
ATOM   786  C CA  . GLY A 1 103 ? 17.265  -7.024  -0.021  1.00 23.35 ? 103 GLY A CA  1 
ATOM   787  C C   . GLY A 1 103 ? 16.466  -6.449  1.130   1.00 19.94 ? 103 GLY A C   1 
ATOM   788  O O   . GLY A 1 103 ? 15.749  -7.166  1.827   1.00 19.69 ? 103 GLY A O   1 
ATOM   789  N N   . ARG A 1 104 ? 16.586  -5.141  1.323   1.00 16.44 ? 104 ARG A N   1 
ATOM   790  C CA  . ARG A 1 104 ? 15.882  -4.474  2.402   1.00 14.54 ? 104 ARG A CA  1 
ATOM   791  C C   . ARG A 1 104 ? 14.417  -4.246  2.061   1.00 12.83 ? 104 ARG A C   1 
ATOM   792  O O   . ARG A 1 104 ? 14.064  -4.009  0.905   1.00 12.36 ? 104 ARG A O   1 
ATOM   793  C CB  . ARG A 1 104 ? 16.596  -3.161  2.747   1.00 15.05 ? 104 ARG A CB  1 
ATOM   794  C CG  . ARG A 1 104 ? 17.836  -3.414  3.606   1.00 17.32 ? 104 ARG A CG  1 
ATOM   795  C CD  . ARG A 1 104 ? 18.670  -2.175  3.851   1.00 20.07 ? 104 ARG A CD  1 
ATOM   796  N NE  . ARG A 1 104 ? 18.133  -1.339  4.923   1.00 19.99 ? 104 ARG A NE  1 
ATOM   797  C CZ  . ARG A 1 104 ? 18.205  -1.613  6.225   1.00 19.55 ? 104 ARG A CZ  1 
ATOM   798  N NH1 . ARG A 1 104 ? 18.796  -2.719  6.661   1.00 19.26 ? 104 ARG A NH1 1 
ATOM   799  N NH2 . ARG A 1 104 ? 17.688  -0.760  7.099   1.00 19.11 ? 104 ARG A NH2 1 
ATOM   800  N N   . GLU A 1 105 ? 13.567  -4.297  3.076   0.52 11.83 ? 105 GLU A N   1 
ATOM   801  C CA  . GLU A 1 105 ? 12.146  -4.093  2.862   0.52 12.02 ? 105 GLU A CA  1 
ATOM   802  C C   . GLU A 1 105 ? 11.411  -3.765  4.152   0.52 11.17 ? 105 GLU A C   1 
ATOM   803  O O   . GLU A 1 105 ? 11.954  -3.893  5.248   0.52 11.02 ? 105 GLU A O   1 
ATOM   804  C CB  . GLU A 1 105 ? 11.530  -5.343  2.231   0.52 14.41 ? 105 GLU A CB  1 
ATOM   805  C CG  . GLU A 1 105 ? 11.765  -6.615  3.027   0.52 17.02 ? 105 GLU A CG  1 
ATOM   806  C CD  . GLU A 1 105 ? 10.721  -7.680  2.749   0.52 20.34 ? 105 GLU A CD  1 
ATOM   807  O OE1 . GLU A 1 105 ? 9.784   -7.408  1.968   0.52 23.03 ? 105 GLU A OE1 1 
ATOM   808  O OE2 . GLU A 1 105 ? 10.834  -8.788  3.312   0.52 22.19 ? 105 GLU A OE2 1 
ATOM   809  N N   . PHE A 1 106 ? 10.168  -3.331  4.002   1.00 9.77  ? 106 PHE A N   1 
ATOM   810  C CA  . PHE A 1 106 ? 9.324   -3.004  5.132   1.00 9.28  ? 106 PHE A CA  1 
ATOM   811  C C   . PHE A 1 106 ? 7.897   -3.131  4.622   1.00 9.01  ? 106 PHE A C   1 
ATOM   812  O O   . PHE A 1 106 ? 7.671   -3.266  3.415   1.00 9.43  ? 106 PHE A O   1 
ATOM   813  C CB  . PHE A 1 106 ? 9.611   -1.596  5.665   1.00 8.25  ? 106 PHE A CB  1 
ATOM   814  C CG  . PHE A 1 106 ? 9.129   -0.489  4.777   1.00 9.00  ? 106 PHE A CG  1 
ATOM   815  C CD1 . PHE A 1 106 ? 9.942   0.007   3.759   1.00 8.85  ? 106 PHE A CD1 1 
ATOM   816  C CD2 . PHE A 1 106 ? 7.889   0.111   5.000   1.00 9.85  ? 106 PHE A CD2 1 
ATOM   817  C CE1 . PHE A 1 106 ? 9.530   1.093   2.975   1.00 9.83  ? 106 PHE A CE1 1 
ATOM   818  C CE2 . PHE A 1 106 ? 7.467   1.197   4.224   1.00 10.92 ? 106 PHE A CE2 1 
ATOM   819  C CZ  . PHE A 1 106 ? 8.292   1.689   3.208   1.00 10.81 ? 106 PHE A CZ  1 
ATOM   820  N N   . ALA A 1 107 ? 6.937   -3.114  5.534   1.00 8.01  ? 107 ALA A N   1 
ATOM   821  C CA  . ALA A 1 107 ? 5.547   -3.239  5.144   1.00 7.98  ? 107 ALA A CA  1 
ATOM   822  C C   . ALA A 1 107 ? 4.685   -2.183  5.808   1.00 9.10  ? 107 ALA A C   1 
ATOM   823  O O   . ALA A 1 107 ? 5.030   -1.644  6.859   1.00 8.84  ? 107 ALA A O   1 
ATOM   824  C CB  . ALA A 1 107 ? 5.031   -4.626  5.503   1.00 8.77  ? 107 ALA A CB  1 
ATOM   825  N N   . VAL A 1 108 ? 3.562   -1.886  5.172   1.00 8.81  ? 108 VAL A N   1 
ATOM   826  C CA  . VAL A 1 108 ? 2.620   -0.920  5.697   1.00 9.34  ? 108 VAL A CA  1 
ATOM   827  C C   . VAL A 1 108 ? 1.257   -1.594  5.728   1.00 9.58  ? 108 VAL A C   1 
ATOM   828  O O   . VAL A 1 108 ? 0.894   -2.301  4.788   1.00 10.34 ? 108 VAL A O   1 
ATOM   829  C CB  . VAL A 1 108 ? 2.509   0.330   4.790   1.00 10.83 ? 108 VAL A CB  1 
ATOM   830  C CG1 . VAL A 1 108 ? 1.422   1.269   5.315   1.00 13.20 ? 108 VAL A CG1 1 
ATOM   831  C CG2 . VAL A 1 108 ? 3.845   1.046   4.720   1.00 12.94 ? 108 VAL A CG2 1 
ATOM   832  N N   . ARG A 1 109 ? 0.522   -1.412  6.818   1.00 8.71  ? 109 ARG A N   1 
ATOM   833  C CA  . ARG A 1 109 ? -0.833  -1.948  6.909   1.00 8.61  ? 109 ARG A CA  1 
ATOM   834  C C   . ARG A 1 109 ? -1.705  -0.699  6.831   1.00 8.70  ? 109 ARG A C   1 
ATOM   835  O O   . ARG A 1 109 ? -1.583  0.191   7.672   1.00 9.18  ? 109 ARG A O   1 
ATOM   836  C CB  . ARG A 1 109 ? -1.064  -2.672  8.238   1.00 8.91  ? 109 ARG A CB  1 
ATOM   837  C CG  . ARG A 1 109 ? -2.484  -3.233  8.389   1.00 11.39 ? 109 ARG A CG  1 
ATOM   838  C CD  . ARG A 1 109 ? -2.692  -3.883  9.749   1.00 15.13 ? 109 ARG A CD  1 
ATOM   839  N NE  . ARG A 1 109 ? -2.630  -2.898  10.827  1.00 19.08 ? 109 ARG A NE  1 
ATOM   840  C CZ  . ARG A 1 109 ? -1.842  -2.998  11.893  1.00 20.00 ? 109 ARG A CZ  1 
ATOM   841  N NH1 . ARG A 1 109 ? -1.043  -4.046  12.035  1.00 21.24 ? 109 ARG A NH1 1 
ATOM   842  N NH2 . ARG A 1 109 ? -1.846  -2.043  12.814  1.00 22.50 ? 109 ARG A NH2 1 
ATOM   843  N N   . ASP A 1 110 ? -2.555  -0.601  5.812   1.00 8.09  ? 110 ASP A N   1 
ATOM   844  C CA  . ASP A 1 110 ? -3.397  0.581   5.691   1.00 8.99  ? 110 ASP A CA  1 
ATOM   845  C C   . ASP A 1 110 ? -4.637  0.494   6.580   1.00 8.97  ? 110 ASP A C   1 
ATOM   846  O O   . ASP A 1 110 ? -4.877  -0.531  7.214   1.00 9.47  ? 110 ASP A O   1 
ATOM   847  C CB  . ASP A 1 110 ? -3.741  0.870   4.213   1.00 9.29  ? 110 ASP A CB  1 
ATOM   848  C CG  . ASP A 1 110 ? -4.641  -0.174  3.570   1.00 8.79  ? 110 ASP A CG  1 
ATOM   849  O OD1 . ASP A 1 110 ? -5.337  -0.936  4.275   1.00 8.22  ? 110 ASP A OD1 1 
ATOM   850  O OD2 . ASP A 1 110 ? -4.650  -0.208  2.319   1.00 8.57  ? 110 ASP A OD2 1 
ATOM   851  N N   . PRO A 1 111 ? -5.423  1.579   6.669   1.00 10.45 ? 111 PRO A N   1 
ATOM   852  C CA  . PRO A 1 111 ? -6.622  1.559   7.517   1.00 10.70 ? 111 PRO A CA  1 
ATOM   853  C C   . PRO A 1 111 ? -7.623  0.444   7.231   1.00 10.50 ? 111 PRO A C   1 
ATOM   854  O O   . PRO A 1 111 ? -8.339  0.003   8.129   1.00 11.79 ? 111 PRO A O   1 
ATOM   855  C CB  . PRO A 1 111 ? -7.239  2.944   7.308   1.00 12.02 ? 111 PRO A CB  1 
ATOM   856  C CG  . PRO A 1 111 ? -6.126  3.793   6.777   1.00 12.40 ? 111 PRO A CG  1 
ATOM   857  C CD  . PRO A 1 111 ? -5.249  2.879   5.992   1.00 10.14 ? 111 PRO A CD  1 
ATOM   858  N N   . ALA A 1 112 ? -7.673  -0.009  5.983   1.00 9.88  ? 112 ALA A N   1 
ATOM   859  C CA  . ALA A 1 112 ? -8.609  -1.057  5.591   1.00 9.07  ? 112 ALA A CA  1 
ATOM   860  C C   . ALA A 1 112 ? -8.138  -2.454  5.970   1.00 8.91  ? 112 ALA A C   1 
ATOM   861  O O   . ALA A 1 112 ? -8.937  -3.393  5.997   1.00 9.69  ? 112 ALA A O   1 
ATOM   862  C CB  . ALA A 1 112 ? -8.864  -0.988  4.094   1.00 9.38  ? 112 ALA A CB  1 
ATOM   863  N N   . GLY A 1 113 ? -6.843  -2.592  6.245   1.00 7.99  ? 113 GLY A N   1 
ATOM   864  C CA  . GLY A 1 113 ? -6.303  -3.885  6.626   1.00 7.87  ? 113 GLY A CA  1 
ATOM   865  C C   . GLY A 1 113 ? -5.345  -4.519  5.627   1.00 7.49  ? 113 GLY A C   1 
ATOM   866  O O   . GLY A 1 113 ? -4.723  -5.540  5.926   1.00 8.72  ? 113 GLY A O   1 
ATOM   867  N N   . ASN A 1 114 ? -5.226  -3.938  4.438   1.00 7.10  ? 114 ASN A N   1 
ATOM   868  C CA  . ASN A 1 114 ? -4.320  -4.488  3.430   1.00 7.53  ? 114 ASN A CA  1 
ATOM   869  C C   . ASN A 1 114 ? -2.870  -4.374  3.903   1.00 7.45  ? 114 ASN A C   1 
ATOM   870  O O   . ASN A 1 114 ? -2.501  -3.421  4.590   1.00 8.59  ? 114 ASN A O   1 
ATOM   871  C CB  . ASN A 1 114 ? -4.442  -3.728  2.107   1.00 7.03  ? 114 ASN A CB  1 
ATOM   872  C CG  . ASN A 1 114 ? -5.858  -3.683  1.581   1.00 7.76  ? 114 ASN A CG  1 
ATOM   873  O OD1 . ASN A 1 114 ? -6.629  -2.764  1.894   1.00 9.83  ? 114 ASN A OD1 1 
ATOM   874  N ND2 . ASN A 1 114 ? -6.208  -4.661  0.770   1.00 4.84  ? 114 ASN A ND2 1 
ATOM   875  N N   . CYS A 1 115 ? -2.047  -5.343  3.526   1.00 6.53  ? 115 CYS A N   1 
ATOM   876  C CA  . CYS A 1 115 ? -0.636  -5.311  3.882   1.00 8.03  ? 115 CYS A CA  1 
ATOM   877  C C   . CYS A 1 115 ? 0.178   -5.133  2.598   1.00 7.94  ? 115 CYS A C   1 
ATOM   878  O O   . CYS A 1 115 ? 0.165   -5.999  1.726   1.00 8.51  ? 115 CYS A O   1 
ATOM   879  C CB  . CYS A 1 115 ? -0.233  -6.609  4.587   1.00 8.74  ? 115 CYS A CB  1 
ATOM   880  S SG  . CYS A 1 115 ? 1.489   -6.615  5.163   1.00 15.45 ? 115 CYS A SG  1 
ATOM   881  N N   . VAL A 1 116 ? 0.871   -4.007  2.469   1.00 7.17  ? 116 VAL A N   1 
ATOM   882  C CA  . VAL A 1 116 ? 1.665   -3.759  1.274   1.00 7.57  ? 116 VAL A CA  1 
ATOM   883  C C   . VAL A 1 116 ? 3.138   -3.717  1.617   1.00 7.31  ? 116 VAL A C   1 
ATOM   884  O O   . VAL A 1 116 ? 3.558   -2.976  2.505   1.00 9.06  ? 116 VAL A O   1 
ATOM   885  C CB  . VAL A 1 116 ? 1.261   -2.439  0.589   1.00 8.31  ? 116 VAL A CB  1 
ATOM   886  C CG1 . VAL A 1 116 ? 2.061   -2.251  -0.701  1.00 8.87  ? 116 VAL A CG1 1 
ATOM   887  C CG2 . VAL A 1 116 ? -0.235  -2.455  0.293   1.00 9.16  ? 116 VAL A CG2 1 
ATOM   888  N N   . HIS A 1 117 ? 3.912   -4.533  0.911   1.00 6.93  ? 117 HIS A N   1 
ATOM   889  C CA  . HIS A 1 117 ? 5.349   -4.627  1.123   1.00 7.95  ? 117 HIS A CA  1 
ATOM   890  C C   . HIS A 1 117 ? 6.114   -3.796  0.113   1.00 9.94  ? 117 HIS A C   1 
ATOM   891  O O   . HIS A 1 117 ? 5.755   -3.744  -1.068  1.00 10.14 ? 117 HIS A O   1 
ATOM   892  C CB  . HIS A 1 117 ? 5.810   -6.077  1.004   1.00 9.14  ? 117 HIS A CB  1 
ATOM   893  C CG  . HIS A 1 117 ? 5.064   -7.022  1.889   1.00 11.46 ? 117 HIS A CG  1 
ATOM   894  N ND1 . HIS A 1 117 ? 5.610   -7.548  3.040   1.00 12.85 ? 117 HIS A ND1 1 
ATOM   895  C CD2 . HIS A 1 117 ? 3.811   -7.527  1.799   1.00 11.76 ? 117 HIS A CD2 1 
ATOM   896  C CE1 . HIS A 1 117 ? 4.725   -8.338  3.621   1.00 12.81 ? 117 HIS A CE1 1 
ATOM   897  N NE2 . HIS A 1 117 ? 3.626   -8.342  2.888   1.00 13.68 ? 117 HIS A NE2 1 
ATOM   898  N N   . PHE A 1 118 ? 7.173   -3.150  0.593   1.00 8.84  ? 118 PHE A N   1 
ATOM   899  C CA  . PHE A 1 118 ? 8.030   -2.327  -0.251  1.00 10.01 ? 118 PHE A CA  1 
ATOM   900  C C   . PHE A 1 118 ? 9.421   -2.938  -0.193  1.00 11.15 ? 118 PHE A C   1 
ATOM   901  O O   . PHE A 1 118 ? 10.036  -3.019  0.869   1.00 11.04 ? 118 PHE A O   1 
ATOM   902  C CB  . PHE A 1 118 ? 8.036   -0.880  0.246   1.00 9.67  ? 118 PHE A CB  1 
ATOM   903  C CG  . PHE A 1 118 ? 6.699   -0.210  0.136   1.00 9.11  ? 118 PHE A CG  1 
ATOM   904  C CD1 . PHE A 1 118 ? 5.744   -0.367  1.139   1.00 10.72 ? 118 PHE A CD1 1 
ATOM   905  C CD2 . PHE A 1 118 ? 6.370   0.531   -0.993  1.00 10.94 ? 118 PHE A CD2 1 
ATOM   906  C CE1 . PHE A 1 118 ? 4.477   0.200   1.016   1.00 11.13 ? 118 PHE A CE1 1 
ATOM   907  C CE2 . PHE A 1 118 ? 5.105   1.105   -1.127  1.00 11.29 ? 118 PHE A CE2 1 
ATOM   908  C CZ  . PHE A 1 118 ? 4.157   0.935   -0.118  1.00 11.87 ? 118 PHE A CZ  1 
ATOM   909  N N   . THR A 1 119 ? 9.902   -3.386  -1.344  1.00 10.93 ? 119 THR A N   1 
ATOM   910  C CA  . THR A 1 119 ? 11.203  -4.028  -1.433  1.00 13.35 ? 119 THR A CA  1 
ATOM   911  C C   . THR A 1 119 ? 12.131  -3.329  -2.426  1.00 14.95 ? 119 THR A C   1 
ATOM   912  O O   . THR A 1 119 ? 11.678  -2.653  -3.352  1.00 13.21 ? 119 THR A O   1 
ATOM   913  C CB  . THR A 1 119 ? 11.040  -5.489  -1.873  0.75 14.84 ? 119 THR A CB  1 
ATOM   914  O OG1 . THR A 1 119 ? 10.436  -5.526  -3.173  0.75 16.16 ? 119 THR A OG1 1 
ATOM   915  C CG2 . THR A 1 119 ? 10.152  -6.239  -0.896  0.75 14.69 ? 119 THR A CG2 1 
ATOM   916  N N   . ALA A 1 120 ? 13.435  -3.500  -2.226  1.00 16.44 ? 120 ALA A N   1 
ATOM   917  C CA  . ALA A 1 120 ? 14.428  -2.898  -3.104  1.00 19.66 ? 120 ALA A CA  1 
ATOM   918  C C   . ALA A 1 120 ? 14.346  -3.567  -4.472  1.00 23.39 ? 120 ALA A C   1 
ATOM   919  O O   . ALA A 1 120 ? 14.315  -4.798  -4.570  1.00 24.12 ? 120 ALA A O   1 
ATOM   920  C CB  . ALA A 1 120 ? 15.816  -3.071  -2.515  1.00 17.66 ? 120 ALA A CB  1 
ATOM   921  N N   . GLY A 1 121 ? 14.306  -2.757  -5.525  1.00 27.15 ? 121 GLY A N   1 
ATOM   922  C CA  . GLY A 1 121 ? 14.209  -3.307  -6.864  1.00 33.95 ? 121 GLY A CA  1 
ATOM   923  C C   . GLY A 1 121 ? 15.159  -2.698  -7.874  1.00 38.86 ? 121 GLY A C   1 
ATOM   924  O O   . GLY A 1 121 ? 15.795  -1.669  -7.617  1.00 38.32 ? 121 GLY A O   1 
ATOM   925  N N   . GLU A 1 122 ? 15.244  -3.344  -9.035  1.00 43.15 ? 122 GLU A N   1 
ATOM   926  C CA  . GLU A 1 122 ? 16.110  -2.903  -10.126 1.00 47.31 ? 122 GLU A CA  1 
ATOM   927  C C   . GLU A 1 122 ? 15.299  -2.742  -11.414 1.00 47.60 ? 122 GLU A C   1 
ATOM   928  O O   . GLU A 1 122 ? 15.766  -2.019  -12.322 1.00 46.88 ? 122 GLU A O   1 
ATOM   929  C CB  . GLU A 1 122 ? 17.229  -3.926  -10.356 1.00 50.81 ? 122 GLU A CB  1 
ATOM   930  C CG  . GLU A 1 122 ? 18.556  -3.566  -9.710  1.00 56.74 ? 122 GLU A CG  1 
ATOM   931  C CD  . GLU A 1 122 ? 19.371  -4.792  -9.331  1.00 60.37 ? 122 GLU A CD  1 
ATOM   932  O OE1 . GLU A 1 122 ? 19.305  -5.806  -10.065 1.00 62.26 ? 122 GLU A OE1 1 
ATOM   933  O OE2 . GLU A 1 122 ? 20.076  -4.743  -8.298  1.00 62.48 ? 122 GLU A OE2 1 
ATOM   934  O OXT . GLU A 1 122 ? 14.209  -3.350  -11.496 1.00 48.63 ? 122 GLU A OXT 1 
HETATM 935  O O   . HOH B 2 .   ? -11.696 -2.758  5.391   1.00 11.07 ? 201 HOH A O   1 
HETATM 936  O O   . HOH B 2 .   ? -4.153  -10.477 -1.967  1.00 11.10 ? 202 HOH A O   1 
HETATM 937  O O   . HOH B 2 .   ? -2.809  -11.830 0.154   1.00 11.88 ? 203 HOH A O   1 
HETATM 938  O O   . HOH B 2 .   ? -13.446 8.426   -11.975 1.00 12.30 ? 204 HOH A O   1 
HETATM 939  O O   . HOH B 2 .   ? -12.279 -0.047  5.503   1.00 12.48 ? 205 HOH A O   1 
HETATM 940  O O   . HOH B 2 .   ? -12.040 10.102  -13.556 1.00 13.00 ? 206 HOH A O   1 
HETATM 941  O O   . HOH B 2 .   ? 1.367   -0.704  -11.724 1.00 13.17 ? 207 HOH A O   1 
HETATM 942  O O   . HOH B 2 .   ? -16.686 2.100   0.134   1.00 13.87 ? 208 HOH A O   1 
HETATM 943  O O   . HOH B 2 .   ? -7.131  -10.085 -2.107  0.5  15.59 ? 209 HOH A O   1 
HETATM 944  O O   . HOH B 2 .   ? -10.801 2.120   4.937   1.00 15.90 ? 210 HOH A O   1 
HETATM 945  O O   . HOH B 2 .   ? 8.801   5.879   -10.486 1.00 16.08 ? 211 HOH A O   1 
HETATM 946  O O   . HOH B 2 .   ? 10.399  4.289   -12.273 1.00 16.25 ? 212 HOH A O   1 
HETATM 947  O O   . HOH B 2 .   ? -15.041 3.928   -10.439 1.00 16.26 ? 213 HOH A O   1 
HETATM 948  O O   . HOH B 2 .   ? 13.086  4.228   -12.586 1.00 16.94 ? 214 HOH A O   1 
HETATM 949  O O   . HOH B 2 .   ? -18.602 -2.115  2.078   1.00 19.02 ? 215 HOH A O   1 
HETATM 950  O O   . HOH B 2 .   ? 17.426  0.942   1.069   1.00 20.11 ? 216 HOH A O   1 
HETATM 951  O O   . HOH B 2 .   ? -14.171 5.557   -12.590 1.00 21.27 ? 217 HOH A O   1 
HETATM 952  O O   . HOH B 2 .   ? -4.862  3.478   -10.424 1.00 21.29 ? 218 HOH A O   1 
HETATM 953  O O   . HOH B 2 .   ? -10.819 3.293   7.494   1.00 23.67 ? 219 HOH A O   1 
HETATM 954  O O   . HOH B 2 .   ? 1.595   -9.998  3.495   1.00 23.73 ? 220 HOH A O   1 
HETATM 955  O O   . HOH B 2 .   ? 18.379  -0.910  -0.515  1.00 24.90 ? 221 HOH A O   1 
HETATM 956  O O   . HOH B 2 .   ? -0.578  5.549   11.840  1.00 25.08 ? 222 HOH A O   1 
HETATM 957  O O   . HOH B 2 .   ? 1.828   5.597   -13.246 1.00 26.32 ? 223 HOH A O   1 
HETATM 958  O O   . HOH B 2 .   ? 18.503  -3.628  -0.400  1.00 26.50 ? 224 HOH A O   1 
HETATM 959  O O   . HOH B 2 .   ? -5.725  -1.588  9.983   1.00 26.85 ? 225 HOH A O   1 
HETATM 960  O O   . HOH B 2 .   ? 4.022   -3.397  -12.474 0.5  27.13 ? 226 HOH A O   1 
HETATM 961  O O   . HOH B 2 .   ? 3.898   10.410  -8.771  1.00 27.17 ? 227 HOH A O   1 
HETATM 962  O O   . HOH B 2 .   ? -5.674  -15.720 4.123   1.00 28.02 ? 228 HOH A O   1 
HETATM 963  O O   . HOH B 2 .   ? -18.475 -7.929  -1.131  1.00 28.07 ? 229 HOH A O   1 
HETATM 964  O O   . HOH B 2 .   ? 13.584  10.418  2.514   1.00 28.21 ? 230 HOH A O   1 
HETATM 965  O O   . HOH B 2 .   ? -4.847  -6.704  8.725   1.00 28.57 ? 231 HOH A O   1 
HETATM 966  O O   . HOH B 2 .   ? -11.329 9.910   -0.627  1.00 30.08 ? 232 HOH A O   1 
HETATM 967  O O   . HOH B 2 .   ? 9.159   8.666   -10.942 1.00 30.15 ? 233 HOH A O   1 
HETATM 968  O O   . HOH B 2 .   ? -3.311  -8.254  4.885   1.00 30.32 ? 234 HOH A O   1 
HETATM 969  O O   . HOH B 2 .   ? 15.996  0.926   -13.211 1.00 31.01 ? 235 HOH A O   1 
HETATM 970  O O   . HOH B 2 .   ? 5.732   7.876   -14.553 1.00 32.14 ? 236 HOH A O   1 
HETATM 971  O O   . HOH B 2 .   ? -4.794  13.446  -5.788  1.00 32.39 ? 237 HOH A O   1 
HETATM 972  O O   . HOH B 2 .   ? 13.462  8.184   9.873   1.00 32.74 ? 238 HOH A O   1 
HETATM 973  O O   . HOH B 2 .   ? 4.938   5.902   16.102  1.00 32.82 ? 239 HOH A O   1 
HETATM 974  O O   . HOH B 2 .   ? -8.200  1.274   10.913  1.00 33.17 ? 240 HOH A O   1 
HETATM 975  O O   . HOH B 2 .   ? 11.860  -8.559  -28.278 1.00 33.61 ? 241 HOH A O   1 
HETATM 976  O O   . HOH B 2 .   ? -19.811 -4.166  5.426   1.00 33.73 ? 242 HOH A O   1 
HETATM 977  O O   . HOH B 2 .   ? -1.297  7.415   9.849   1.00 34.12 ? 243 HOH A O   1 
HETATM 978  O O   . HOH B 2 .   ? 17.578  -1.862  -14.442 1.00 35.06 ? 244 HOH A O   1 
HETATM 979  O O   . HOH B 2 .   ? 0.162   -15.022 -27.710 1.00 35.08 ? 245 HOH A O   1 
HETATM 980  O O   . HOH B 2 .   ? -13.158 7.260   -3.979  1.00 35.17 ? 246 HOH A O   1 
HETATM 981  O O   . HOH B 2 .   ? -16.380 -3.098  -6.193  1.00 35.29 ? 247 HOH A O   1 
HETATM 982  O O   . HOH B 2 .   ? -13.017 9.146   -2.341  1.00 36.75 ? 248 HOH A O   1 
HETATM 983  O O   . HOH B 2 .   ? 4.442   4.430   -16.376 1.00 36.82 ? 249 HOH A O   1 
HETATM 984  O O   . HOH B 2 .   ? 2.297   -7.305  -29.043 1.00 36.91 ? 250 HOH A O   1 
HETATM 985  O O   . HOH B 2 .   ? -5.326  10.647  5.694   1.00 37.80 ? 251 HOH A O   1 
HETATM 986  O O   . HOH B 2 .   ? -14.798 -2.941  9.129   1.00 37.91 ? 252 HOH A O   1 
HETATM 987  O O   . HOH B 2 .   ? 7.291   -3.165  -17.727 1.00 38.38 ? 253 HOH A O   1 
HETATM 988  O O   . HOH B 2 .   ? 3.277   -13.674 -26.999 1.00 38.78 ? 254 HOH A O   1 
HETATM 989  O O   . HOH B 2 .   ? -8.442  8.190   6.090   1.00 39.15 ? 255 HOH A O   1 
HETATM 990  O O   . HOH B 2 .   ? 16.989  7.581   -2.449  1.00 39.47 ? 256 HOH A O   1 
HETATM 991  O O   . HOH B 2 .   ? -14.086 -6.717  -4.256  1.00 39.52 ? 257 HOH A O   1 
HETATM 992  O O   . HOH B 2 .   ? -16.824 6.691   3.250   1.00 40.15 ? 258 HOH A O   1 
HETATM 993  O O   . HOH B 2 .   ? 8.160   -6.312  6.853   1.00 40.25 ? 259 HOH A O   1 
HETATM 994  O O   . HOH B 2 .   ? 21.597  -4.814  8.813   1.00 40.41 ? 260 HOH A O   1 
HETATM 995  O O   . HOH B 2 .   ? 17.293  -6.288  10.020  1.00 40.53 ? 261 HOH A O   1 
HETATM 996  O O   . HOH B 2 .   ? -18.488 3.640   2.207   1.00 40.55 ? 262 HOH A O   1 
HETATM 997  O O   . HOH B 2 .   ? -13.485 0.463   7.744   1.00 40.84 ? 263 HOH A O   1 
HETATM 998  O O   . HOH B 2 .   ? 6.526   1.398   -16.507 1.00 40.99 ? 264 HOH A O   1 
HETATM 999  O O   . HOH B 2 .   ? -8.201  -3.412  9.948   1.00 41.47 ? 265 HOH A O   1 
HETATM 1000 O O   . HOH B 2 .   ? 17.557  -13.466 -3.762  1.00 41.91 ? 266 HOH A O   1 
HETATM 1001 O O   . HOH B 2 .   ? 3.128   0.064   -17.048 1.00 42.33 ? 267 HOH A O   1 
HETATM 1002 O O   . HOH B 2 .   ? 15.775  3.185   -11.763 1.00 42.64 ? 268 HOH A O   1 
HETATM 1003 O O   . HOH B 2 .   ? -17.625 9.647   2.397   1.00 42.85 ? 269 HOH A O   1 
HETATM 1004 O O   . HOH B 2 .   ? 4.307   -0.861  -13.408 1.00 43.16 ? 270 HOH A O   1 
HETATM 1005 O O   . HOH B 2 .   ? -14.278 4.740   -17.450 1.00 43.53 ? 271 HOH A O   1 
HETATM 1006 O O   . HOH B 2 .   ? 10.637  -5.752  8.330   1.00 45.04 ? 272 HOH A O   1 
HETATM 1007 O O   . HOH B 2 .   ? 0.443   -13.733 -29.890 1.00 45.16 ? 273 HOH A O   1 
HETATM 1008 O O   . HOH B 2 .   ? -13.034 -5.310  -8.495  1.00 45.52 ? 274 HOH A O   1 
HETATM 1009 O O   . HOH B 2 .   ? -1.302  1.330   14.756  1.00 45.57 ? 275 HOH A O   1 
HETATM 1010 O O   . HOH B 2 .   ? -2.695  14.958  -4.866  1.00 45.59 ? 276 HOH A O   1 
HETATM 1011 O O   . HOH B 2 .   ? -13.530 3.032   -13.977 1.00 46.29 ? 277 HOH A O   1 
HETATM 1012 O O   . HOH B 2 .   ? 19.168  -4.687  -3.055  1.00 47.17 ? 278 HOH A O   1 
HETATM 1013 O O   . HOH B 2 .   ? 20.524  -5.333  1.293   1.00 47.27 ? 279 HOH A O   1 
HETATM 1014 O O   . HOH B 2 .   ? -2.584  -7.272  7.348   1.00 47.90 ? 280 HOH A O   1 
HETATM 1015 O O   . HOH B 2 .   ? -9.649  5.707   8.256   1.00 47.96 ? 281 HOH A O   1 
HETATM 1016 O O   . HOH B 2 .   ? -6.811  -0.421  -15.228 1.00 48.20 ? 282 HOH A O   1 
HETATM 1017 O O   . HOH B 2 .   ? 4.791   -7.614  7.751   1.00 49.10 ? 283 HOH A O   1 
HETATM 1018 O O   . HOH B 2 .   ? 0.888   0.536   -14.131 1.00 50.08 ? 284 HOH A O   1 
HETATM 1019 O O   . HOH B 2 .   ? 4.823   4.692   19.526  1.00 50.85 ? 285 HOH A O   1 
HETATM 1020 O O   . HOH B 2 .   ? 19.052  -11.720 5.409   1.00 51.73 ? 286 HOH A O   1 
HETATM 1021 O O   . HOH B 2 .   ? 19.325  -6.227  12.697  1.00 52.41 ? 287 HOH A O   1 
HETATM 1022 O O   . HOH B 2 .   ? 4.375   12.057  -3.080  1.00 54.50 ? 288 HOH A O   1 
HETATM 1023 O O   . HOH B 2 .   ? 8.096   -4.354  -31.400 1.00 54.83 ? 289 HOH A O   1 
HETATM 1024 O O   . HOH B 2 .   ? -14.453 3.481   8.160   1.00 57.65 ? 290 HOH A O   1 
HETATM 1025 O O   . HOH B 2 .   ? -4.348  -8.127  -6.200  1.00 27.18 ? 291 HOH A O   1 
# 
